data_2EFX
#
_entry.id   2EFX
#
_cell.length_a   76.711
_cell.length_b   123.396
_cell.length_c   115.477
_cell.angle_alpha   90.00
_cell.angle_beta   104.36
_cell.angle_gamma   90.00
#
_symmetry.space_group_name_H-M   'P 1 21 1'
#
loop_
_entity.id
_entity.type
_entity.pdbx_description
1 polymer 'D-amino acid amidase'
2 non-polymer 'BARIUM ION'
3 non-polymer 'PHENYLALANINE AMIDE'
4 water water
#
_entity_poly.entity_id   1
_entity_poly.type   'polypeptide(L)'
_entity_poly.pdbx_seq_one_letter_code
;MSDLNNAIQGILDDHVARGVVGVSLALCLPGEETSLYQSGYADKFNKMPMTGDHLFRIASCTKSFIATGLHLLVQDGTVD
LDEPITRWFPDLPKAAQMPVRILLNHRSGLPDFETSMPMISDKSWTAQEIVDFSFRHGVQKEPWHGMEYSNTGYVLAGMI
IAHETGKPYSDHLRSRIFAPLGMKDTWVGTHETFPIEREARGYMHAAADDENPQWDVSGAGDPVDGVWDSTEWFPLSGAN
AAGDMVSTPRDIVKFLNALFDGRILDQKRLWEMKDNIKPAFFPGSNTVANGHGLLLMRYGSSELKGHLGQIPGHTSIMGR
DEETGAALMLIQNSGAGDFESFYLKGVNEPVDRVLEAIKNSRS
;
_entity_poly.pdbx_strand_id   A,B,C,D,E,F
#
loop_
_chem_comp.id
_chem_comp.type
_chem_comp.name
_chem_comp.formula
BA non-polymer 'BARIUM ION' 'Ba 2'
#
# COMPACT_ATOMS: atom_id res chain seq x y z
N SER A 2 -14.07 -27.11 16.42
CA SER A 2 -12.63 -27.17 16.05
C SER A 2 -12.03 -25.75 15.97
N ASP A 3 -10.71 -25.66 15.86
CA ASP A 3 -10.08 -24.37 15.57
C ASP A 3 -10.45 -23.91 14.16
N LEU A 4 -10.74 -24.85 13.28
CA LEU A 4 -11.19 -24.53 11.93
C LEU A 4 -12.51 -23.75 11.93
N ASN A 5 -13.50 -24.26 12.67
CA ASN A 5 -14.77 -23.54 12.87
C ASN A 5 -14.56 -22.09 13.28
N ASN A 6 -13.71 -21.92 14.29
CA ASN A 6 -13.39 -20.64 14.88
C ASN A 6 -12.68 -19.69 13.91
N ALA A 7 -11.72 -20.23 13.15
CA ALA A 7 -11.05 -19.44 12.11
C ALA A 7 -12.02 -18.96 11.01
N ILE A 8 -12.91 -19.86 10.56
CA ILE A 8 -13.88 -19.58 9.50
C ILE A 8 -14.91 -18.51 9.95
N GLN A 9 -15.44 -18.67 11.16
CA GLN A 9 -16.37 -17.69 11.72
C GLN A 9 -15.70 -16.34 11.84
N GLY A 10 -14.45 -16.34 12.31
CA GLY A 10 -13.61 -15.13 12.33
C GLY A 10 -13.44 -14.49 10.96
N ILE A 11 -13.24 -15.31 9.94
CA ILE A 11 -13.16 -14.79 8.57
C ILE A 11 -14.48 -14.09 8.17
N LEU A 12 -15.61 -14.72 8.44
CA LEU A 12 -16.89 -14.15 8.07
C LEU A 12 -17.21 -12.90 8.89
N ASP A 13 -16.80 -12.93 10.16
CA ASP A 13 -16.90 -11.80 11.08
C ASP A 13 -16.10 -10.59 10.62
N ASP A 14 -14.87 -10.83 10.19
CA ASP A 14 -14.01 -9.76 9.68
C ASP A 14 -14.62 -9.17 8.43
N HIS A 15 -15.14 -10.03 7.55
CA HIS A 15 -15.70 -9.56 6.27
C HIS A 15 -16.88 -8.61 6.47
N VAL A 16 -17.81 -8.93 7.38
CA VAL A 16 -18.95 -7.99 7.62
C VAL A 16 -18.50 -6.69 8.32
N ALA A 17 -17.55 -6.80 9.25
CA ALA A 17 -16.89 -5.66 9.86
C ALA A 17 -16.28 -4.70 8.84
N ARG A 18 -15.95 -5.20 7.65
CA ARG A 18 -15.46 -4.33 6.55
C ARG A 18 -16.57 -3.47 5.99
N GLY A 19 -17.81 -3.87 6.24
CA GLY A 19 -18.96 -3.13 5.73
C GLY A 19 -19.92 -3.96 4.92
N VAL A 20 -19.66 -5.26 4.81
CA VAL A 20 -20.61 -6.22 4.21
C VAL A 20 -21.77 -6.48 5.16
N VAL A 21 -23.00 -6.36 4.66
CA VAL A 21 -24.21 -6.46 5.48
C VAL A 21 -24.39 -7.83 6.12
N GLY A 22 -24.31 -8.88 5.32
CA GLY A 22 -24.38 -10.25 5.83
C GLY A 22 -23.71 -11.21 4.88
N VAL A 23 -23.41 -12.41 5.38
CA VAL A 23 -22.77 -13.46 4.57
C VAL A 23 -23.23 -14.85 5.03
N SER A 24 -23.52 -15.73 4.08
CA SER A 24 -23.94 -17.10 4.38
C SER A 24 -23.03 -18.06 3.62
N LEU A 25 -22.45 -19.00 4.39
CA LEU A 25 -21.52 -19.99 3.86
C LEU A 25 -21.98 -21.42 4.15
N ALA A 26 -21.81 -22.27 3.15
CA ALA A 26 -21.89 -23.70 3.36
C ALA A 26 -20.59 -24.29 2.83
N LEU A 27 -19.97 -25.16 3.62
CA LEU A 27 -18.70 -25.77 3.28
C LEU A 27 -18.72 -27.25 3.69
N CYS A 28 -18.46 -28.11 2.71
CA CYS A 28 -18.34 -29.54 2.97
C CYS A 28 -16.91 -29.99 2.72
N LEU A 29 -16.38 -30.77 3.65
CA LEU A 29 -15.01 -31.25 3.56
C LEU A 29 -15.08 -32.75 3.43
N PRO A 30 -14.05 -33.38 2.82
CA PRO A 30 -14.07 -34.83 2.63
C PRO A 30 -14.24 -35.59 3.96
N GLY A 31 -15.14 -36.56 3.95
CA GLY A 31 -15.42 -37.40 5.12
C GLY A 31 -16.26 -36.73 6.17
N GLU A 32 -16.76 -35.53 5.87
CA GLU A 32 -17.53 -34.74 6.81
C GLU A 32 -18.89 -34.32 6.24
N GLU A 33 -19.81 -33.93 7.13
CA GLU A 33 -21.09 -33.29 6.76
C GLU A 33 -20.85 -31.86 6.37
N THR A 34 -21.80 -31.27 5.63
CA THR A 34 -21.78 -29.85 5.27
C THR A 34 -21.89 -28.99 6.53
N SER A 35 -20.93 -28.10 6.74
CA SER A 35 -21.00 -27.13 7.83
C SER A 35 -21.52 -25.79 7.34
N LEU A 36 -22.44 -25.19 8.10
CA LEU A 36 -22.99 -23.87 7.75
C LEU A 36 -22.51 -22.81 8.72
N TYR A 37 -22.18 -21.63 8.19
CA TYR A 37 -21.76 -20.50 8.99
C TYR A 37 -22.45 -19.25 8.45
N GLN A 38 -22.81 -18.33 9.34
CA GLN A 38 -23.32 -17.00 8.93
C GLN A 38 -22.73 -15.89 9.80
N SER A 39 -22.81 -14.66 9.29
CA SER A 39 -22.46 -13.47 10.07
C SER A 39 -23.25 -12.31 9.52
N GLY A 40 -23.49 -11.31 10.37
CA GLY A 40 -24.21 -10.12 9.95
C GLY A 40 -25.70 -10.37 9.76
N TYR A 41 -26.31 -9.63 8.86
CA TYR A 41 -27.76 -9.56 8.79
C TYR A 41 -28.37 -9.99 7.46
N ALA A 42 -29.50 -10.68 7.55
CA ALA A 42 -30.35 -10.94 6.41
C ALA A 42 -31.07 -9.64 6.01
N ASP A 43 -31.61 -8.94 7.02
CA ASP A 43 -32.31 -7.68 6.83
C ASP A 43 -31.61 -6.62 7.68
N LYS A 44 -31.08 -5.59 7.01
CA LYS A 44 -30.29 -4.54 7.64
C LYS A 44 -31.14 -3.65 8.58
N PHE A 45 -32.34 -3.32 8.14
CA PHE A 45 -33.18 -2.39 8.88
C PHE A 45 -33.92 -3.03 10.04
N ASN A 46 -34.33 -4.29 9.86
CA ASN A 46 -35.00 -5.04 10.92
C ASN A 46 -34.02 -5.70 11.88
N LYS A 47 -32.73 -5.53 11.59
CA LYS A 47 -31.63 -6.23 12.29
C LYS A 47 -31.88 -7.74 12.48
N MET A 48 -32.43 -8.38 11.46
CA MET A 48 -32.59 -9.84 11.46
C MET A 48 -31.29 -10.58 11.14
N PRO A 49 -30.86 -11.49 12.03
CA PRO A 49 -29.62 -12.25 11.83
C PRO A 49 -29.69 -13.20 10.61
N MET A 50 -28.59 -13.27 9.86
CA MET A 50 -28.49 -14.19 8.73
C MET A 50 -28.48 -15.59 9.29
N THR A 51 -29.32 -16.45 8.73
CA THR A 51 -29.30 -17.89 9.00
C THR A 51 -28.97 -18.70 7.74
N GLY A 52 -28.73 -20.01 7.94
CA GLY A 52 -28.46 -20.96 6.87
C GLY A 52 -29.69 -21.26 6.04
N ASP A 53 -30.82 -20.69 6.44
CA ASP A 53 -32.08 -20.92 5.75
C ASP A 53 -32.52 -19.75 4.87
N HIS A 54 -31.89 -18.59 5.04
CA HIS A 54 -32.15 -17.47 4.12
C HIS A 54 -31.80 -17.87 2.67
N LEU A 55 -32.67 -17.43 1.77
CA LEU A 55 -32.57 -17.73 0.35
C LEU A 55 -31.88 -16.55 -0.31
N PHE A 56 -31.13 -16.83 -1.38
CA PHE A 56 -30.46 -15.81 -2.17
C PHE A 56 -30.69 -16.05 -3.66
N ARG A 57 -30.63 -14.98 -4.44
CA ARG A 57 -30.58 -15.06 -5.90
C ARG A 57 -29.13 -15.41 -6.28
N ILE A 58 -28.92 -16.59 -6.88
CA ILE A 58 -27.55 -17.10 -7.11
C ILE A 58 -26.91 -16.53 -8.40
N ALA A 59 -27.69 -15.75 -9.14
CA ALA A 59 -27.21 -15.08 -10.35
C ALA A 59 -26.63 -16.10 -11.37
N SER A 60 -25.39 -15.90 -11.83
CA SER A 60 -24.77 -16.76 -12.85
C SER A 60 -24.45 -18.19 -12.39
N CYS A 61 -24.47 -18.45 -11.09
CA CYS A 61 -24.34 -19.83 -10.62
C CYS A 61 -25.41 -20.73 -11.26
N THR A 62 -26.55 -20.14 -11.61
CA THR A 62 -27.60 -20.76 -12.45
C THR A 62 -27.06 -21.48 -13.69
N LYS A 63 -26.06 -20.88 -14.33
CA LYS A 63 -25.48 -21.41 -15.57
C LYS A 63 -24.94 -22.82 -15.40
N SER A 64 -24.38 -23.12 -14.23
CA SER A 64 -23.85 -24.45 -13.94
C SER A 64 -24.97 -25.48 -13.97
N PHE A 65 -26.17 -25.08 -13.53
CA PHE A 65 -27.35 -25.93 -13.54
C PHE A 65 -27.96 -26.10 -14.94
N ILE A 66 -27.92 -25.03 -15.74
CA ILE A 66 -28.37 -25.06 -17.14
C ILE A 66 -27.43 -25.92 -17.99
N ALA A 67 -26.13 -25.74 -17.84
CA ALA A 67 -25.12 -26.64 -18.43
C ALA A 67 -25.37 -28.12 -18.07
N THR A 68 -25.49 -28.39 -16.76
CA THR A 68 -25.84 -29.73 -16.29
C THR A 68 -27.08 -30.25 -17.00
N GLY A 69 -28.15 -29.47 -16.99
CA GLY A 69 -29.38 -29.84 -17.67
C GLY A 69 -29.17 -30.22 -19.12
N LEU A 70 -28.36 -29.43 -19.82
CA LEU A 70 -28.05 -29.65 -21.23
C LEU A 70 -27.27 -30.94 -21.43
N HIS A 71 -26.18 -31.11 -20.68
CA HIS A 71 -25.34 -32.31 -20.71
C HIS A 71 -26.10 -33.60 -20.38
N LEU A 72 -27.11 -33.48 -19.51
CA LEU A 72 -28.08 -34.56 -19.25
C LEU A 72 -28.86 -35.00 -20.49
N LEU A 73 -29.31 -34.03 -21.30
CA LEU A 73 -29.92 -34.28 -22.60
C LEU A 73 -28.94 -34.83 -23.65
N VAL A 74 -27.64 -34.60 -23.45
CA VAL A 74 -26.62 -35.24 -24.27
C VAL A 74 -26.66 -36.75 -23.95
N GLN A 75 -26.58 -37.08 -22.68
CA GLN A 75 -26.72 -38.45 -22.18
C GLN A 75 -27.99 -39.13 -22.66
N ASP A 76 -29.11 -38.41 -22.65
CA ASP A 76 -30.35 -38.97 -23.19
C ASP A 76 -30.29 -39.28 -24.70
N GLY A 77 -29.20 -38.86 -25.35
CA GLY A 77 -28.97 -39.16 -26.77
C GLY A 77 -29.69 -38.24 -27.74
N THR A 78 -30.35 -37.23 -27.21
CA THR A 78 -31.11 -36.34 -28.09
C THR A 78 -30.34 -35.08 -28.58
N VAL A 79 -29.20 -34.79 -27.94
CA VAL A 79 -28.39 -33.60 -28.23
C VAL A 79 -26.92 -33.99 -28.39
N ASP A 80 -26.27 -33.37 -29.37
CA ASP A 80 -24.85 -33.57 -29.64
C ASP A 80 -24.13 -32.25 -29.32
N LEU A 81 -23.09 -32.30 -28.49
CA LEU A 81 -22.34 -31.10 -28.14
C LEU A 81 -21.68 -30.41 -29.36
N ASP A 82 -21.56 -31.14 -30.48
CA ASP A 82 -20.87 -30.66 -31.68
C ASP A 82 -21.75 -30.33 -32.88
N GLU A 83 -23.05 -30.52 -32.72
CA GLU A 83 -23.99 -30.27 -33.80
C GLU A 83 -24.37 -28.79 -33.80
N PRO A 84 -24.70 -28.24 -34.99
CA PRO A 84 -25.10 -26.83 -35.13
C PRO A 84 -26.46 -26.49 -34.52
N ILE A 85 -26.57 -25.29 -33.97
CA ILE A 85 -27.79 -24.84 -33.30
C ILE A 85 -28.85 -24.31 -34.26
N THR A 86 -28.51 -24.24 -35.55
CA THR A 86 -29.49 -23.97 -36.62
C THR A 86 -30.71 -24.91 -36.52
N ARG A 87 -30.47 -26.12 -36.04
CA ARG A 87 -31.53 -27.08 -35.71
C ARG A 87 -32.67 -26.43 -34.91
N TRP A 88 -32.32 -25.64 -33.88
CA TRP A 88 -33.31 -24.95 -33.03
C TRP A 88 -33.50 -23.47 -33.36
N PHE A 89 -32.46 -22.84 -33.90
CA PHE A 89 -32.47 -21.39 -34.18
C PHE A 89 -32.00 -21.12 -35.63
N PRO A 90 -32.87 -21.42 -36.63
CA PRO A 90 -32.44 -21.40 -38.03
C PRO A 90 -32.10 -20.01 -38.54
N ASP A 91 -32.84 -19.00 -38.09
CA ASP A 91 -32.65 -17.62 -38.54
C ASP A 91 -31.75 -16.78 -37.63
N LEU A 92 -31.05 -17.43 -36.72
CA LEU A 92 -30.13 -16.73 -35.82
C LEU A 92 -28.80 -16.45 -36.53
N PRO A 93 -28.40 -15.16 -36.62
CA PRO A 93 -27.18 -14.86 -37.37
C PRO A 93 -25.99 -15.68 -36.88
N LYS A 94 -25.28 -16.28 -37.85
CA LYS A 94 -24.10 -17.13 -37.65
C LYS A 94 -24.35 -18.48 -36.96
N ALA A 95 -25.61 -18.86 -36.81
CA ALA A 95 -25.93 -20.10 -36.08
C ALA A 95 -25.25 -21.37 -36.65
N ALA A 96 -25.02 -21.42 -37.96
CA ALA A 96 -24.36 -22.58 -38.58
C ALA A 96 -22.89 -22.77 -38.16
N GLN A 97 -22.29 -21.70 -37.65
CA GLN A 97 -20.94 -21.74 -37.14
C GLN A 97 -20.92 -22.02 -35.62
N MET A 98 -22.10 -22.25 -35.06
CA MET A 98 -22.25 -22.40 -33.62
C MET A 98 -22.65 -23.81 -33.19
N PRO A 99 -21.65 -24.64 -32.82
CA PRO A 99 -22.05 -25.92 -32.23
C PRO A 99 -22.64 -25.71 -30.83
N VAL A 100 -23.56 -26.60 -30.43
CA VAL A 100 -24.16 -26.59 -29.09
C VAL A 100 -23.17 -26.18 -27.98
N ARG A 101 -21.98 -26.78 -27.97
CA ARG A 101 -20.99 -26.44 -26.95
C ARG A 101 -20.63 -24.96 -26.87
N ILE A 102 -20.64 -24.20 -27.97
CA ILE A 102 -20.20 -22.77 -27.85
C ILE A 102 -21.14 -21.94 -27.01
N LEU A 103 -22.36 -22.44 -26.83
CA LEU A 103 -23.36 -21.77 -26.00
C LEU A 103 -22.97 -21.78 -24.53
N LEU A 104 -22.16 -22.77 -24.13
CA LEU A 104 -21.79 -23.00 -22.72
C LEU A 104 -20.41 -22.50 -22.34
N ASN A 105 -19.57 -22.27 -23.36
CA ASN A 105 -18.14 -22.04 -23.15
C ASN A 105 -17.65 -20.60 -23.32
N HIS A 106 -18.56 -19.65 -23.52
CA HIS A 106 -18.27 -18.20 -23.59
C HIS A 106 -17.38 -17.78 -24.78
N ARG A 107 -17.48 -18.54 -25.87
CA ARG A 107 -16.70 -18.26 -27.06
C ARG A 107 -17.55 -18.15 -28.33
N SER A 108 -18.85 -17.93 -28.16
CA SER A 108 -19.80 -17.88 -29.27
C SER A 108 -19.79 -16.58 -30.06
N GLY A 109 -19.34 -15.50 -29.42
CA GLY A 109 -19.35 -14.19 -30.03
C GLY A 109 -20.74 -13.58 -30.02
N LEU A 110 -21.68 -14.22 -29.33
CA LEU A 110 -23.08 -13.75 -29.30
C LEU A 110 -23.20 -12.36 -28.70
N PRO A 111 -24.13 -11.52 -29.21
CA PRO A 111 -24.36 -10.20 -28.62
C PRO A 111 -25.03 -10.34 -27.26
N ASP A 112 -24.59 -9.56 -26.27
CA ASP A 112 -25.14 -9.71 -24.92
C ASP A 112 -26.20 -8.66 -24.59
N PHE A 113 -27.00 -8.93 -23.56
CA PHE A 113 -28.14 -8.10 -23.20
C PHE A 113 -28.04 -7.45 -21.84
N GLU A 114 -27.12 -7.94 -21.00
CA GLU A 114 -27.17 -7.59 -19.57
C GLU A 114 -26.93 -6.11 -19.31
N THR A 115 -25.97 -5.55 -20.01
CA THR A 115 -25.58 -4.18 -19.79
C THR A 115 -26.58 -3.12 -20.35
N SER A 116 -27.54 -3.59 -21.15
CA SER A 116 -28.57 -2.76 -21.75
C SER A 116 -29.90 -2.91 -21.05
N MET A 117 -30.10 -4.06 -20.40
CA MET A 117 -31.34 -4.38 -19.73
C MET A 117 -31.53 -3.52 -18.47
N PRO A 118 -32.68 -2.84 -18.36
CA PRO A 118 -32.98 -2.08 -17.15
C PRO A 118 -33.06 -3.02 -15.95
N MET A 119 -32.28 -2.74 -14.90
CA MET A 119 -32.29 -3.57 -13.70
C MET A 119 -33.47 -3.26 -12.79
N ILE A 120 -34.04 -2.06 -12.92
CA ILE A 120 -35.26 -1.70 -12.17
C ILE A 120 -36.47 -1.67 -13.09
N SER A 121 -37.39 -2.60 -12.84
CA SER A 121 -38.43 -2.94 -13.81
C SER A 121 -39.42 -3.93 -13.20
N ASP A 122 -40.58 -4.07 -13.82
CA ASP A 122 -41.52 -5.14 -13.51
C ASP A 122 -41.89 -5.91 -14.76
N LYS A 123 -41.09 -5.75 -15.80
CA LYS A 123 -41.34 -6.43 -17.06
C LYS A 123 -41.08 -7.93 -16.95
N SER A 124 -42.10 -8.72 -17.32
CA SER A 124 -41.99 -10.16 -17.47
C SER A 124 -41.40 -10.47 -18.84
N TRP A 125 -40.18 -11.00 -18.85
CA TRP A 125 -39.48 -11.30 -20.10
C TRP A 125 -39.75 -12.71 -20.59
N THR A 126 -39.66 -12.83 -21.90
CA THR A 126 -39.69 -14.10 -22.62
C THR A 126 -38.24 -14.41 -23.02
N ALA A 127 -37.90 -15.70 -23.16
CA ALA A 127 -36.57 -16.07 -23.64
C ALA A 127 -36.27 -15.47 -25.03
N GLN A 128 -37.29 -15.43 -25.88
CA GLN A 128 -37.15 -14.91 -27.25
C GLN A 128 -36.98 -13.40 -27.29
N GLU A 129 -37.73 -12.72 -26.43
CA GLU A 129 -37.61 -11.28 -26.19
C GLU A 129 -36.18 -10.88 -25.82
N ILE A 130 -35.56 -11.72 -25.00
CA ILE A 130 -34.21 -11.46 -24.49
C ILE A 130 -33.20 -11.65 -25.60
N VAL A 131 -33.40 -12.72 -26.39
CA VAL A 131 -32.59 -12.99 -27.57
C VAL A 131 -32.72 -11.83 -28.56
N ASP A 132 -33.95 -11.44 -28.91
CA ASP A 132 -34.17 -10.31 -29.83
C ASP A 132 -33.56 -9.01 -29.28
N PHE A 133 -33.78 -8.75 -28.00
CA PHE A 133 -33.19 -7.60 -27.31
C PHE A 133 -31.66 -7.60 -27.39
N SER A 134 -31.04 -8.78 -27.34
CA SER A 134 -29.58 -8.89 -27.38
C SER A 134 -29.04 -8.49 -28.73
N PHE A 135 -29.72 -8.95 -29.78
CA PHE A 135 -29.31 -8.67 -31.15
C PHE A 135 -29.58 -7.23 -31.52
N ARG A 136 -30.60 -6.66 -30.88
CA ARG A 136 -30.91 -5.23 -31.00
C ARG A 136 -29.81 -4.37 -30.39
N HIS A 137 -29.39 -4.69 -29.17
CA HIS A 137 -28.52 -3.77 -28.42
C HIS A 137 -27.04 -4.14 -28.26
N GLY A 138 -26.71 -5.42 -28.46
CA GLY A 138 -25.34 -5.89 -28.25
C GLY A 138 -24.52 -5.91 -29.52
N VAL A 139 -23.25 -6.26 -29.38
CA VAL A 139 -22.34 -6.40 -30.52
C VAL A 139 -22.04 -7.88 -30.72
N GLN A 140 -22.31 -8.38 -31.92
CA GLN A 140 -21.92 -9.75 -32.24
C GLN A 140 -20.52 -9.83 -32.84
N LYS A 141 -19.72 -10.76 -32.31
CA LYS A 141 -18.40 -11.11 -32.83
C LYS A 141 -18.47 -12.46 -33.54
N GLU A 142 -17.37 -12.90 -34.15
CA GLU A 142 -17.36 -14.20 -34.82
C GLU A 142 -17.30 -15.33 -33.80
N PRO A 143 -18.06 -16.42 -34.04
CA PRO A 143 -17.89 -17.59 -33.17
C PRO A 143 -16.42 -17.96 -33.03
N TRP A 144 -16.01 -18.29 -31.80
CA TRP A 144 -14.64 -18.72 -31.54
C TRP A 144 -13.61 -17.59 -31.64
N HIS A 145 -14.07 -16.33 -31.70
CA HIS A 145 -13.19 -15.14 -31.67
C HIS A 145 -12.20 -15.13 -30.50
N GLY A 146 -12.61 -15.71 -29.38
CA GLY A 146 -11.88 -15.60 -28.12
C GLY A 146 -12.91 -15.78 -27.03
N MET A 147 -12.53 -15.61 -25.77
CA MET A 147 -13.54 -15.76 -24.75
C MET A 147 -14.08 -14.39 -24.40
N GLU A 148 -15.40 -14.26 -24.50
CA GLU A 148 -16.08 -13.13 -23.91
C GLU A 148 -17.34 -13.63 -23.24
N TYR A 149 -17.40 -13.46 -21.92
CA TYR A 149 -18.55 -13.94 -21.12
C TYR A 149 -19.88 -13.66 -21.80
N SER A 150 -20.68 -14.72 -22.00
CA SER A 150 -21.96 -14.61 -22.71
C SER A 150 -23.17 -15.13 -21.93
N ASN A 151 -24.09 -14.23 -21.58
CA ASN A 151 -25.36 -14.62 -20.97
C ASN A 151 -26.35 -15.16 -21.97
N THR A 152 -26.31 -14.57 -23.18
CA THR A 152 -27.15 -15.01 -24.33
C THR A 152 -26.98 -16.50 -24.68
N GLY A 153 -25.74 -17.00 -24.68
CA GLY A 153 -25.50 -18.42 -24.91
C GLY A 153 -26.29 -19.32 -23.97
N TYR A 154 -26.35 -18.94 -22.69
CA TYR A 154 -27.15 -19.67 -21.71
C TYR A 154 -28.66 -19.53 -21.89
N VAL A 155 -29.14 -18.36 -22.33
CA VAL A 155 -30.57 -18.22 -22.65
C VAL A 155 -30.98 -19.16 -23.79
N LEU A 156 -30.17 -19.20 -24.84
CA LEU A 156 -30.35 -20.14 -25.95
C LEU A 156 -30.21 -21.59 -25.51
N ALA A 157 -29.23 -21.89 -24.66
CA ALA A 157 -29.18 -23.23 -24.00
C ALA A 157 -30.49 -23.61 -23.32
N GLY A 158 -31.08 -22.66 -22.60
CA GLY A 158 -32.36 -22.88 -21.93
C GLY A 158 -33.48 -23.18 -22.90
N MET A 159 -33.43 -22.54 -24.06
CA MET A 159 -34.42 -22.75 -25.12
C MET A 159 -34.31 -24.11 -25.77
N ILE A 160 -33.08 -24.61 -25.85
CA ILE A 160 -32.84 -25.98 -26.29
C ILE A 160 -33.45 -26.96 -25.30
N ILE A 161 -33.15 -26.78 -24.01
CA ILE A 161 -33.70 -27.65 -22.98
C ILE A 161 -35.21 -27.77 -23.13
N ALA A 162 -35.87 -26.62 -23.27
CA ALA A 162 -37.30 -26.53 -23.42
C ALA A 162 -37.86 -27.17 -24.71
N HIS A 163 -37.14 -27.08 -25.82
N HIS A 163 -37.13 -27.03 -25.81
CA HIS A 163 -37.58 -27.74 -27.05
CA HIS A 163 -37.45 -27.69 -27.10
C HIS A 163 -37.37 -29.26 -26.99
C HIS A 163 -37.35 -29.21 -26.99
N GLU A 164 -36.24 -29.68 -26.41
CA GLU A 164 -35.93 -31.09 -26.34
C GLU A 164 -36.79 -31.86 -25.34
N THR A 165 -37.29 -31.18 -24.31
CA THR A 165 -38.12 -31.82 -23.29
C THR A 165 -39.60 -31.49 -23.46
N GLY A 166 -39.89 -30.44 -24.22
CA GLY A 166 -41.26 -29.99 -24.46
C GLY A 166 -41.91 -29.24 -23.29
N LYS A 167 -41.12 -28.89 -22.28
CA LYS A 167 -41.63 -28.14 -21.12
C LYS A 167 -40.65 -27.00 -20.76
N PRO A 168 -41.07 -26.01 -19.94
CA PRO A 168 -40.07 -25.06 -19.39
C PRO A 168 -38.83 -25.76 -18.83
N TYR A 169 -37.66 -25.12 -18.93
CA TYR A 169 -36.41 -25.74 -18.46
C TYR A 169 -36.40 -25.97 -16.94
N SER A 170 -37.19 -25.20 -16.20
CA SER A 170 -37.35 -25.44 -14.75
C SER A 170 -37.82 -26.88 -14.42
N ASP A 171 -38.74 -27.41 -15.22
CA ASP A 171 -39.24 -28.79 -15.08
C ASP A 171 -38.10 -29.84 -15.14
N HIS A 172 -37.22 -29.68 -16.13
CA HIS A 172 -36.05 -30.55 -16.36
C HIS A 172 -35.02 -30.52 -15.21
N LEU A 173 -34.70 -29.30 -14.77
CA LEU A 173 -33.79 -29.07 -13.65
C LEU A 173 -34.37 -29.58 -12.35
N ARG A 174 -35.68 -29.44 -12.16
CA ARG A 174 -36.34 -29.93 -10.95
C ARG A 174 -36.40 -31.46 -10.88
N SER A 175 -36.90 -32.08 -11.96
CA SER A 175 -37.03 -33.55 -11.98
C SER A 175 -35.69 -34.30 -12.02
N ARG A 176 -34.72 -33.75 -12.76
CA ARG A 176 -33.42 -34.43 -12.93
C ARG A 176 -32.34 -33.97 -11.97
N ILE A 177 -32.52 -32.82 -11.32
CA ILE A 177 -31.51 -32.33 -10.36
C ILE A 177 -32.05 -32.06 -8.93
N PHE A 178 -32.99 -31.13 -8.78
CA PHE A 178 -33.45 -30.72 -7.43
C PHE A 178 -34.09 -31.88 -6.64
N ALA A 179 -35.12 -32.50 -7.25
CA ALA A 179 -35.83 -33.63 -6.63
C ALA A 179 -34.91 -34.78 -6.14
N PRO A 180 -34.11 -35.40 -7.05
CA PRO A 180 -33.20 -36.50 -6.72
C PRO A 180 -32.18 -36.20 -5.64
N LEU A 181 -31.84 -34.93 -5.46
CA LEU A 181 -30.82 -34.55 -4.50
C LEU A 181 -31.41 -33.95 -3.23
N GLY A 182 -32.73 -33.86 -3.19
CA GLY A 182 -33.47 -33.27 -2.06
C GLY A 182 -33.18 -31.80 -1.82
N MET A 183 -32.99 -31.05 -2.91
CA MET A 183 -32.86 -29.60 -2.84
C MET A 183 -34.25 -29.01 -2.73
N LYS A 184 -34.72 -28.86 -1.50
CA LYS A 184 -36.07 -28.39 -1.22
C LYS A 184 -36.21 -26.85 -1.15
N ASP A 185 -35.08 -26.15 -1.09
CA ASP A 185 -35.04 -24.68 -0.94
C ASP A 185 -34.48 -23.98 -2.17
N THR A 186 -34.74 -24.55 -3.34
CA THR A 186 -34.15 -24.11 -4.59
C THR A 186 -35.28 -23.93 -5.60
N TRP A 187 -35.30 -22.78 -6.27
CA TRP A 187 -36.33 -22.46 -7.29
C TRP A 187 -35.70 -21.83 -8.53
N VAL A 188 -36.40 -21.98 -9.66
CA VAL A 188 -36.00 -21.39 -10.93
C VAL A 188 -36.93 -20.22 -11.17
N GLY A 189 -36.38 -19.01 -11.06
CA GLY A 189 -37.15 -17.76 -11.02
C GLY A 189 -38.04 -17.38 -12.19
N THR A 190 -37.69 -17.81 -13.40
CA THR A 190 -38.52 -17.45 -14.56
C THR A 190 -39.85 -18.23 -14.59
N HIS A 191 -39.84 -19.44 -14.06
CA HIS A 191 -40.95 -20.35 -14.27
C HIS A 191 -41.59 -20.82 -12.97
N GLU A 192 -40.99 -20.47 -11.83
CA GLU A 192 -41.52 -20.89 -10.53
C GLU A 192 -41.65 -19.73 -9.56
N THR A 193 -42.70 -19.76 -8.75
CA THR A 193 -42.87 -18.81 -7.66
C THR A 193 -42.12 -19.35 -6.44
N PHE A 194 -41.23 -18.51 -5.91
CA PHE A 194 -40.51 -18.82 -4.70
C PHE A 194 -41.05 -17.90 -3.58
N PRO A 195 -40.84 -18.29 -2.31
CA PRO A 195 -41.38 -17.48 -1.21
C PRO A 195 -40.46 -16.30 -0.80
N ILE A 196 -40.81 -15.08 -1.23
CA ILE A 196 -39.96 -13.89 -1.01
C ILE A 196 -39.66 -13.65 0.44
N GLU A 197 -40.60 -13.99 1.31
CA GLU A 197 -40.45 -13.76 2.74
C GLU A 197 -39.22 -14.48 3.32
N ARG A 198 -38.79 -15.55 2.66
CA ARG A 198 -37.62 -16.29 3.11
C ARG A 198 -36.30 -15.76 2.53
N GLU A 199 -36.36 -14.85 1.55
CA GLU A 199 -35.15 -14.32 0.91
C GLU A 199 -34.44 -13.27 1.75
N ALA A 200 -33.13 -13.47 1.95
CA ALA A 200 -32.28 -12.43 2.47
C ALA A 200 -32.41 -11.20 1.58
N ARG A 201 -32.47 -10.04 2.21
CA ARG A 201 -32.52 -8.78 1.47
C ARG A 201 -31.15 -8.53 0.82
N GLY A 202 -31.16 -7.93 -0.36
CA GLY A 202 -29.95 -7.63 -1.08
C GLY A 202 -29.73 -6.13 -1.07
N TYR A 203 -28.47 -5.75 -0.89
CA TYR A 203 -28.07 -4.35 -0.73
C TYR A 203 -27.02 -3.86 -1.72
N MET A 204 -27.41 -2.91 -2.57
CA MET A 204 -26.47 -2.13 -3.38
C MET A 204 -25.89 -0.98 -2.53
N HIS A 205 -24.58 -0.87 -2.47
CA HIS A 205 -23.96 0.14 -1.62
C HIS A 205 -23.63 1.39 -2.43
N ALA A 206 -23.91 2.54 -1.83
CA ALA A 206 -23.53 3.81 -2.40
C ALA A 206 -22.05 4.02 -2.11
N ALA A 207 -21.20 3.27 -2.83
CA ALA A 207 -19.78 3.18 -2.49
C ALA A 207 -18.94 4.07 -3.40
N ALA A 208 -17.80 4.53 -2.90
CA ALA A 208 -16.89 5.41 -3.68
C ALA A 208 -16.28 4.71 -4.90
N ASP A 209 -16.00 3.42 -4.79
CA ASP A 209 -15.34 2.66 -5.88
C ASP A 209 -16.34 2.08 -6.90
N ASP A 210 -17.60 2.46 -6.75
CA ASP A 210 -18.63 2.13 -7.71
C ASP A 210 -18.62 3.18 -8.82
N GLU A 211 -17.50 3.22 -9.54
CA GLU A 211 -17.23 4.23 -10.55
C GLU A 211 -17.85 3.90 -11.91
N ASN A 212 -17.65 2.67 -12.38
CA ASN A 212 -18.14 2.23 -13.68
C ASN A 212 -19.19 1.13 -13.55
N PRO A 213 -20.46 1.49 -13.25
CA PRO A 213 -21.51 0.52 -12.99
C PRO A 213 -21.75 -0.38 -14.19
N GLN A 214 -21.94 -1.67 -13.96
CA GLN A 214 -22.17 -2.61 -15.06
C GLN A 214 -23.63 -2.66 -15.50
N TRP A 215 -24.53 -2.11 -14.67
CA TRP A 215 -25.97 -2.16 -14.89
C TRP A 215 -26.62 -0.77 -15.06
N ASP A 216 -27.71 -0.76 -15.82
CA ASP A 216 -28.65 0.35 -15.83
C ASP A 216 -29.51 0.28 -14.55
N VAL A 217 -29.13 1.08 -13.55
CA VAL A 217 -29.78 1.06 -12.23
C VAL A 217 -30.54 2.37 -11.96
N SER A 218 -30.93 3.05 -13.03
CA SER A 218 -31.74 4.25 -12.91
C SER A 218 -33.16 3.89 -12.46
N GLY A 219 -33.80 4.82 -11.77
CA GLY A 219 -35.08 4.57 -11.13
C GLY A 219 -34.90 4.03 -9.73
N ALA A 220 -33.70 4.21 -9.18
CA ALA A 220 -33.34 3.66 -7.86
C ALA A 220 -33.92 4.45 -6.71
N GLY A 221 -34.02 5.77 -6.91
CA GLY A 221 -34.37 6.69 -5.84
C GLY A 221 -33.14 6.94 -4.98
N ASP A 222 -33.37 7.29 -3.72
CA ASP A 222 -32.28 7.68 -2.84
C ASP A 222 -31.87 6.53 -1.96
N PRO A 223 -30.58 6.50 -1.56
CA PRO A 223 -30.09 5.52 -0.60
C PRO A 223 -30.50 5.86 0.85
N VAL A 224 -30.89 4.83 1.59
CA VAL A 224 -31.12 4.97 3.03
C VAL A 224 -29.98 4.27 3.73
N ASP A 225 -29.36 4.99 4.67
CA ASP A 225 -28.23 4.48 5.45
C ASP A 225 -27.12 3.89 4.55
N GLY A 226 -26.88 4.58 3.44
CA GLY A 226 -25.79 4.24 2.53
C GLY A 226 -26.06 3.10 1.57
N VAL A 227 -27.30 2.59 1.56
CA VAL A 227 -27.67 1.47 0.67
C VAL A 227 -29.07 1.58 0.04
N TRP A 228 -29.28 0.86 -1.05
CA TRP A 228 -30.61 0.60 -1.57
C TRP A 228 -30.95 -0.86 -1.30
N ASP A 229 -32.21 -1.13 -0.96
CA ASP A 229 -32.71 -2.48 -0.93
C ASP A 229 -33.08 -2.88 -2.37
N SER A 230 -32.20 -3.68 -2.98
CA SER A 230 -32.32 -4.06 -4.38
C SER A 230 -32.96 -5.43 -4.63
N THR A 231 -33.39 -6.10 -3.55
CA THR A 231 -33.93 -7.45 -3.61
C THR A 231 -34.91 -7.62 -4.77
N GLU A 232 -35.83 -6.66 -4.89
CA GLU A 232 -36.90 -6.77 -5.87
C GLU A 232 -36.82 -5.75 -7.00
N TRP A 233 -35.64 -5.16 -7.22
CA TRP A 233 -35.40 -4.31 -8.40
C TRP A 233 -35.71 -5.08 -9.70
N PHE A 234 -35.05 -6.20 -9.87
CA PHE A 234 -34.98 -6.91 -11.14
C PHE A 234 -35.83 -8.18 -11.12
N PRO A 235 -36.78 -8.32 -12.07
CA PRO A 235 -37.48 -9.61 -12.17
C PRO A 235 -36.58 -10.68 -12.76
N LEU A 236 -36.58 -11.85 -12.14
CA LEU A 236 -35.64 -12.93 -12.51
C LEU A 236 -35.84 -13.46 -13.94
N SER A 237 -37.05 -13.31 -14.48
CA SER A 237 -37.31 -13.66 -15.89
C SER A 237 -36.35 -12.89 -16.83
N GLY A 238 -35.86 -11.74 -16.35
CA GLY A 238 -34.94 -10.91 -17.11
C GLY A 238 -33.57 -11.57 -17.28
N ALA A 239 -33.16 -12.34 -16.28
CA ALA A 239 -31.93 -13.15 -16.38
C ALA A 239 -32.20 -14.49 -17.07
N ASN A 240 -33.38 -15.06 -16.83
CA ASN A 240 -33.80 -16.32 -17.47
C ASN A 240 -32.72 -17.39 -17.22
N ALA A 241 -32.39 -18.21 -18.22
CA ALA A 241 -31.47 -19.33 -17.99
C ALA A 241 -30.03 -18.87 -17.70
N ALA A 242 -29.78 -17.56 -17.78
CA ALA A 242 -28.46 -16.98 -17.46
C ALA A 242 -28.24 -16.62 -15.97
N GLY A 243 -29.32 -16.50 -15.19
CA GLY A 243 -29.20 -16.17 -13.77
C GLY A 243 -30.43 -16.05 -12.90
N ASP A 244 -31.43 -16.92 -13.09
CA ASP A 244 -32.76 -16.75 -12.44
C ASP A 244 -32.99 -17.59 -11.18
N MET A 245 -32.05 -18.43 -10.81
CA MET A 245 -32.25 -19.31 -9.68
C MET A 245 -32.19 -18.67 -8.28
N VAL A 246 -32.94 -19.25 -7.35
CA VAL A 246 -32.95 -18.87 -5.94
C VAL A 246 -32.62 -20.13 -5.12
N SER A 247 -31.76 -19.99 -4.10
CA SER A 247 -31.32 -21.16 -3.36
C SER A 247 -30.64 -20.80 -2.02
N THR A 248 -30.13 -21.83 -1.36
CA THR A 248 -29.36 -21.63 -0.14
C THR A 248 -27.95 -22.15 -0.36
N PRO A 249 -26.97 -21.61 0.37
CA PRO A 249 -25.65 -22.23 0.32
C PRO A 249 -25.69 -23.74 0.60
N ARG A 250 -26.55 -24.16 1.54
CA ARG A 250 -26.73 -25.60 1.84
C ARG A 250 -27.12 -26.46 0.62
N ASP A 251 -28.19 -26.06 -0.08
CA ASP A 251 -28.65 -26.74 -1.30
C ASP A 251 -27.63 -26.73 -2.43
N ILE A 252 -26.90 -25.63 -2.58
CA ILE A 252 -25.85 -25.51 -3.60
C ILE A 252 -24.71 -26.50 -3.39
N VAL A 253 -24.24 -26.62 -2.15
CA VAL A 253 -23.28 -27.65 -1.77
C VAL A 253 -23.84 -29.04 -2.06
N LYS A 254 -25.14 -29.24 -1.85
CA LYS A 254 -25.74 -30.54 -2.17
C LYS A 254 -25.46 -30.87 -3.65
N PHE A 255 -25.87 -29.95 -4.53
CA PHE A 255 -25.59 -30.04 -5.97
C PHE A 255 -24.11 -30.31 -6.26
N LEU A 256 -23.23 -29.48 -5.70
CA LEU A 256 -21.80 -29.58 -5.94
C LEU A 256 -21.19 -30.93 -5.54
N ASN A 257 -21.55 -31.44 -4.37
CA ASN A 257 -21.05 -32.78 -3.94
C ASN A 257 -21.46 -33.85 -4.91
N ALA A 258 -22.75 -33.88 -5.26
CA ALA A 258 -23.29 -34.87 -6.18
C ALA A 258 -22.66 -34.81 -7.59
N LEU A 259 -22.40 -33.60 -8.09
CA LEU A 259 -21.79 -33.38 -9.41
C LEU A 259 -20.39 -33.96 -9.51
N PHE A 260 -19.50 -33.52 -8.61
CA PHE A 260 -18.12 -33.98 -8.55
C PHE A 260 -17.95 -35.44 -8.07
N ASP A 261 -18.97 -35.95 -7.36
N ASP A 261 -18.97 -35.96 -7.37
CA ASP A 261 -19.03 -37.37 -6.99
CA ASP A 261 -19.03 -37.39 -6.98
C ASP A 261 -19.43 -38.27 -8.16
C ASP A 261 -19.83 -38.21 -8.02
N GLY A 262 -19.96 -37.66 -9.23
CA GLY A 262 -20.44 -38.42 -10.40
C GLY A 262 -21.84 -38.98 -10.27
N ARG A 263 -22.67 -38.36 -9.43
CA ARG A 263 -24.01 -38.85 -9.21
C ARG A 263 -25.06 -38.11 -10.05
N ILE A 264 -24.62 -37.19 -10.91
CA ILE A 264 -25.56 -36.53 -11.83
C ILE A 264 -25.23 -36.81 -13.29
N LEU A 265 -23.98 -36.52 -13.65
CA LEU A 265 -23.47 -36.66 -15.00
C LEU A 265 -22.52 -37.83 -15.05
N ASP A 266 -22.51 -38.56 -16.18
CA ASP A 266 -21.51 -39.60 -16.45
C ASP A 266 -20.11 -38.99 -16.60
N GLN A 267 -19.08 -39.83 -16.76
CA GLN A 267 -17.70 -39.38 -16.72
C GLN A 267 -17.35 -38.39 -17.81
N LYS A 268 -17.99 -38.56 -18.98
CA LYS A 268 -17.63 -37.81 -20.19
C LYS A 268 -18.26 -36.42 -20.18
N ARG A 269 -19.55 -36.36 -19.86
CA ARG A 269 -20.26 -35.09 -19.67
C ARG A 269 -19.70 -34.23 -18.52
N LEU A 270 -19.20 -34.88 -17.47
CA LEU A 270 -18.58 -34.18 -16.35
C LEU A 270 -17.23 -33.66 -16.74
N TRP A 271 -16.46 -34.49 -17.45
CA TRP A 271 -15.17 -34.06 -17.97
C TRP A 271 -15.32 -32.83 -18.88
N GLU A 272 -16.33 -32.85 -19.74
CA GLU A 272 -16.68 -31.74 -20.63
C GLU A 272 -16.96 -30.48 -19.85
N MET A 273 -17.76 -30.64 -18.81
CA MET A 273 -18.15 -29.54 -17.95
C MET A 273 -16.93 -28.94 -17.25
N LYS A 274 -16.01 -29.77 -16.77
CA LYS A 274 -14.98 -29.32 -15.83
C LYS A 274 -13.54 -29.41 -16.32
N ASP A 275 -13.28 -30.26 -17.31
CA ASP A 275 -11.89 -30.50 -17.70
C ASP A 275 -11.56 -30.09 -19.13
N ASN A 276 -12.59 -30.01 -19.96
CA ASN A 276 -12.44 -29.60 -21.36
C ASN A 276 -12.45 -28.06 -21.45
N ILE A 277 -11.34 -27.47 -21.03
CA ILE A 277 -11.27 -26.06 -20.69
C ILE A 277 -10.39 -25.24 -21.65
N LYS A 278 -10.64 -23.93 -21.62
CA LYS A 278 -9.82 -22.93 -22.29
C LYS A 278 -9.74 -21.69 -21.37
N PRO A 279 -8.79 -20.79 -21.62
CA PRO A 279 -8.68 -19.58 -20.77
C PRO A 279 -9.98 -18.76 -20.72
N ALA A 280 -10.22 -18.09 -19.58
CA ALA A 280 -11.43 -17.30 -19.35
C ALA A 280 -11.14 -16.13 -18.45
N PHE A 281 -11.83 -15.04 -18.74
CA PHE A 281 -11.78 -13.79 -17.98
C PHE A 281 -13.16 -13.41 -17.52
N PHE A 282 -13.25 -12.99 -16.26
CA PHE A 282 -14.44 -12.24 -15.75
C PHE A 282 -13.94 -11.06 -14.91
N PRO A 283 -14.36 -9.82 -15.26
CA PRO A 283 -13.75 -8.63 -14.62
C PRO A 283 -13.97 -8.58 -13.12
N GLY A 284 -12.89 -8.31 -12.38
CA GLY A 284 -12.93 -8.24 -10.92
C GLY A 284 -12.63 -9.55 -10.21
N SER A 285 -12.81 -10.66 -10.94
CA SER A 285 -12.87 -12.00 -10.37
C SER A 285 -11.52 -12.73 -10.33
N ASN A 286 -11.54 -13.97 -9.84
CA ASN A 286 -10.36 -14.84 -9.83
C ASN A 286 -10.37 -15.88 -10.96
N THR A 287 -11.34 -15.75 -11.90
CA THR A 287 -11.49 -16.64 -13.05
C THR A 287 -10.25 -16.67 -13.97
N VAL A 288 -9.78 -17.87 -14.30
CA VAL A 288 -8.65 -18.02 -15.22
C VAL A 288 -9.03 -18.90 -16.44
N ALA A 289 -10.05 -19.74 -16.29
CA ALA A 289 -10.44 -20.68 -17.33
C ALA A 289 -11.89 -21.02 -17.18
N ASN A 290 -12.50 -21.60 -18.20
CA ASN A 290 -13.81 -22.22 -18.04
C ASN A 290 -13.93 -23.49 -18.88
N GLY A 291 -14.86 -24.36 -18.48
CA GLY A 291 -15.21 -25.55 -19.26
C GLY A 291 -16.51 -25.31 -19.97
N HIS A 292 -17.48 -26.23 -19.80
CA HIS A 292 -18.80 -26.09 -20.40
C HIS A 292 -19.85 -26.09 -19.30
N GLY A 293 -19.93 -24.98 -18.56
CA GLY A 293 -20.79 -24.85 -17.39
C GLY A 293 -20.10 -24.54 -16.07
N LEU A 294 -18.77 -24.56 -16.06
CA LEU A 294 -18.02 -24.31 -14.85
C LEU A 294 -16.86 -23.34 -15.07
N LEU A 295 -16.71 -22.36 -14.18
CA LEU A 295 -15.53 -21.48 -14.21
C LEU A 295 -14.38 -22.03 -13.39
N LEU A 296 -13.16 -21.77 -13.81
CA LEU A 296 -12.01 -22.10 -12.98
C LEU A 296 -11.48 -20.81 -12.34
N MET A 297 -11.55 -20.75 -11.01
CA MET A 297 -11.22 -19.52 -10.26
C MET A 297 -10.07 -19.83 -9.34
N ARG A 298 -9.01 -19.03 -9.43
CA ARG A 298 -7.78 -19.27 -8.68
C ARG A 298 -7.66 -18.45 -7.39
N TYR A 299 -7.34 -19.14 -6.30
CA TYR A 299 -7.18 -18.51 -5.00
C TYR A 299 -5.82 -18.85 -4.41
N GLY A 300 -4.80 -18.17 -4.90
CA GLY A 300 -3.42 -18.56 -4.61
C GLY A 300 -3.22 -20.00 -5.02
N SER A 301 -2.96 -20.85 -4.04
CA SER A 301 -2.54 -22.22 -4.29
C SER A 301 -3.69 -23.21 -4.29
N SER A 302 -4.92 -22.69 -4.29
CA SER A 302 -6.12 -23.50 -4.38
C SER A 302 -6.93 -22.96 -5.55
N GLU A 303 -7.73 -23.80 -6.18
CA GLU A 303 -8.61 -23.35 -7.23
C GLU A 303 -9.96 -23.95 -7.00
N LEU A 304 -10.99 -23.18 -7.32
CA LEU A 304 -12.33 -23.70 -7.33
C LEU A 304 -12.84 -23.91 -8.73
N LYS A 305 -13.54 -25.02 -8.95
CA LYS A 305 -14.33 -25.17 -10.16
C LYS A 305 -15.76 -24.97 -9.75
N GLY A 306 -16.38 -23.97 -10.32
CA GLY A 306 -17.74 -23.65 -10.01
C GLY A 306 -18.20 -22.44 -10.79
N HIS A 307 -18.63 -21.41 -10.07
CA HIS A 307 -19.13 -20.19 -10.69
C HIS A 307 -19.14 -19.00 -9.73
N LEU A 308 -19.19 -17.81 -10.31
CA LEU A 308 -19.47 -16.59 -9.55
C LEU A 308 -20.87 -16.12 -9.93
N GLY A 309 -21.48 -15.31 -9.08
CA GLY A 309 -22.77 -14.72 -9.42
C GLY A 309 -22.91 -13.30 -8.92
N GLN A 310 -23.37 -12.42 -9.81
CA GLN A 310 -23.60 -11.02 -9.48
C GLN A 310 -24.97 -10.62 -10.00
N ILE A 311 -25.85 -10.34 -9.06
CA ILE A 311 -27.20 -9.84 -9.33
C ILE A 311 -27.47 -8.87 -8.18
N PRO A 312 -28.02 -7.67 -8.49
CA PRO A 312 -28.00 -6.51 -7.57
C PRO A 312 -28.28 -6.83 -6.10
N GLY A 313 -27.25 -6.69 -5.27
CA GLY A 313 -27.39 -6.92 -3.84
C GLY A 313 -26.99 -8.32 -3.35
N HIS A 314 -26.98 -9.32 -4.23
CA HIS A 314 -26.53 -10.68 -3.86
C HIS A 314 -25.27 -11.08 -4.65
N THR A 315 -24.18 -11.41 -3.95
CA THR A 315 -22.89 -11.71 -4.60
C THR A 315 -22.38 -13.06 -4.11
N SER A 316 -22.21 -13.97 -5.07
CA SER A 316 -21.94 -15.36 -4.75
C SER A 316 -20.72 -15.99 -5.44
N ILE A 317 -20.14 -16.95 -4.74
CA ILE A 317 -19.03 -17.75 -5.23
C ILE A 317 -19.35 -19.15 -4.78
N MET A 318 -19.48 -20.06 -5.75
CA MET A 318 -19.51 -21.48 -5.46
C MET A 318 -18.40 -22.21 -6.19
N GLY A 319 -17.98 -23.33 -5.63
CA GLY A 319 -17.11 -24.25 -6.34
C GLY A 319 -16.64 -25.45 -5.54
N ARG A 320 -15.89 -26.29 -6.23
CA ARG A 320 -15.24 -27.44 -5.63
C ARG A 320 -13.74 -27.35 -5.85
N ASP A 321 -12.99 -27.50 -4.77
CA ASP A 321 -11.54 -27.61 -4.81
C ASP A 321 -11.23 -29.08 -5.06
N GLU A 322 -10.67 -29.40 -6.23
CA GLU A 322 -10.47 -30.79 -6.66
C GLU A 322 -9.32 -31.47 -5.94
N GLU A 323 -8.37 -30.65 -5.48
CA GLU A 323 -7.23 -31.16 -4.75
C GLU A 323 -7.59 -31.57 -3.32
N THR A 324 -8.32 -30.70 -2.61
CA THR A 324 -8.74 -31.00 -1.24
C THR A 324 -10.09 -31.71 -1.09
N GLY A 325 -10.93 -31.68 -2.12
CA GLY A 325 -12.25 -32.32 -2.07
C GLY A 325 -13.34 -31.44 -1.48
N ALA A 326 -12.97 -30.24 -1.04
CA ALA A 326 -13.90 -29.32 -0.39
C ALA A 326 -14.89 -28.67 -1.36
N ALA A 327 -16.16 -28.60 -0.96
CA ALA A 327 -17.19 -27.89 -1.74
C ALA A 327 -17.75 -26.75 -0.91
N LEU A 328 -17.92 -25.59 -1.54
CA LEU A 328 -18.35 -24.36 -0.85
C LEU A 328 -19.30 -23.49 -1.68
N MET A 329 -20.13 -22.75 -0.96
CA MET A 329 -20.97 -21.70 -1.54
C MET A 329 -21.03 -20.60 -0.52
N LEU A 330 -20.49 -19.44 -0.90
CA LEU A 330 -20.57 -18.25 -0.09
C LEU A 330 -21.34 -17.16 -0.83
N ILE A 331 -22.37 -16.62 -0.17
CA ILE A 331 -23.18 -15.58 -0.70
C ILE A 331 -23.24 -14.44 0.32
N GLN A 332 -22.86 -13.24 -0.10
CA GLN A 332 -23.12 -12.05 0.70
C GLN A 332 -24.31 -11.26 0.13
N ASN A 333 -25.00 -10.53 0.98
CA ASN A 333 -26.09 -9.69 0.53
C ASN A 333 -25.74 -8.20 0.40
N SER A 334 -24.47 -7.94 0.15
CA SER A 334 -23.93 -6.65 -0.28
C SER A 334 -23.42 -6.74 -1.73
N GLY A 335 -23.68 -5.71 -2.53
CA GLY A 335 -23.06 -5.57 -3.84
C GLY A 335 -22.95 -4.12 -4.30
N ALA A 336 -22.48 -3.93 -5.52
CA ALA A 336 -22.43 -2.60 -6.15
C ALA A 336 -22.54 -2.85 -7.65
N GLY A 337 -22.41 -1.82 -8.46
CA GLY A 337 -22.45 -1.98 -9.92
C GLY A 337 -21.09 -2.29 -10.53
N ASP A 338 -20.05 -1.65 -10.03
CA ASP A 338 -18.73 -1.73 -10.67
C ASP A 338 -18.07 -3.09 -10.37
N PHE A 339 -17.55 -3.74 -11.42
CA PHE A 339 -16.85 -5.03 -11.29
C PHE A 339 -15.72 -4.96 -10.26
N GLU A 340 -14.99 -3.85 -10.27
CA GLU A 340 -13.83 -3.67 -9.39
C GLU A 340 -14.16 -3.08 -8.01
N SER A 341 -15.44 -2.90 -7.71
CA SER A 341 -15.87 -2.45 -6.37
C SER A 341 -15.58 -3.51 -5.30
N PHE A 342 -15.24 -3.07 -4.10
CA PHE A 342 -15.03 -3.99 -3.00
C PHE A 342 -16.28 -4.86 -2.76
N TYR A 343 -17.45 -4.25 -2.93
CA TYR A 343 -18.74 -4.92 -2.68
C TYR A 343 -19.05 -6.02 -3.71
N LEU A 344 -18.32 -6.02 -4.82
CA LEU A 344 -18.44 -7.08 -5.80
C LEU A 344 -17.22 -8.00 -5.73
N LYS A 345 -16.08 -7.47 -6.12
CA LYS A 345 -14.84 -8.22 -6.21
C LYS A 345 -14.33 -8.74 -4.87
N GLY A 346 -14.66 -8.05 -3.78
CA GLY A 346 -14.18 -8.39 -2.44
C GLY A 346 -14.80 -9.64 -1.83
N VAL A 347 -15.88 -10.16 -2.43
CA VAL A 347 -16.46 -11.46 -2.03
C VAL A 347 -15.42 -12.58 -2.15
N ASN A 348 -14.40 -12.33 -2.96
CA ASN A 348 -13.32 -13.29 -3.16
C ASN A 348 -12.34 -13.38 -2.00
N GLU A 349 -12.23 -12.30 -1.21
CA GLU A 349 -11.32 -12.26 -0.06
C GLU A 349 -11.64 -13.30 1.02
N PRO A 350 -12.89 -13.29 1.56
CA PRO A 350 -13.19 -14.32 2.53
C PRO A 350 -13.07 -15.74 1.96
N VAL A 351 -13.47 -15.92 0.70
CA VAL A 351 -13.30 -17.20 0.02
C VAL A 351 -11.84 -17.68 0.04
N ASP A 352 -10.93 -16.79 -0.33
CA ASP A 352 -9.51 -17.06 -0.32
C ASP A 352 -9.03 -17.45 1.09
N ARG A 353 -9.50 -16.70 2.10
CA ARG A 353 -9.11 -16.93 3.49
C ARG A 353 -9.57 -18.29 4.01
N VAL A 354 -10.77 -18.69 3.61
CA VAL A 354 -11.32 -19.99 3.95
C VAL A 354 -10.51 -21.15 3.37
N LEU A 355 -10.17 -21.06 2.08
CA LEU A 355 -9.38 -22.10 1.43
C LEU A 355 -7.98 -22.22 2.07
N GLU A 356 -7.38 -21.09 2.45
CA GLU A 356 -6.11 -21.17 3.17
C GLU A 356 -6.23 -21.69 4.62
N ALA A 357 -7.39 -21.52 5.26
CA ALA A 357 -7.60 -22.05 6.63
C ALA A 357 -7.80 -23.55 6.59
N ILE A 358 -8.56 -24.00 5.60
CA ILE A 358 -8.72 -25.42 5.29
C ILE A 358 -7.35 -26.05 5.07
N LYS A 359 -6.54 -25.42 4.22
CA LYS A 359 -5.19 -25.89 3.94
C LYS A 359 -4.34 -26.03 5.21
N ASN A 360 -4.30 -24.98 6.03
CA ASN A 360 -3.61 -25.00 7.33
C ASN A 360 -3.99 -26.18 8.21
N SER A 361 -5.30 -26.41 8.39
CA SER A 361 -5.78 -27.51 9.22
C SER A 361 -5.47 -28.91 8.63
N ARG A 362 -4.91 -28.93 7.42
CA ARG A 362 -4.58 -30.18 6.72
C ARG A 362 -3.06 -30.39 6.57
N SER A 363 -2.27 -29.42 7.01
CA SER A 363 -0.83 -29.44 6.83
C SER A 363 -0.13 -30.05 8.05
N SER B 2 15.33 -16.35 8.29
CA SER B 2 16.38 -16.66 9.31
C SER B 2 16.90 -18.08 9.12
N ASP B 3 15.98 -19.03 9.18
CA ASP B 3 16.28 -20.43 8.91
C ASP B 3 16.26 -20.66 7.39
N LEU B 4 15.28 -20.05 6.73
CA LEU B 4 15.18 -20.06 5.28
C LEU B 4 16.35 -19.28 4.66
N ASN B 5 16.70 -18.18 5.31
CA ASN B 5 17.76 -17.30 4.85
C ASN B 5 19.10 -17.99 4.73
N ASN B 6 19.31 -18.97 5.59
CA ASN B 6 20.50 -19.78 5.58
C ASN B 6 20.42 -20.92 4.54
N ALA B 7 19.23 -21.48 4.38
CA ALA B 7 19.00 -22.48 3.33
C ALA B 7 19.20 -21.86 1.96
N ILE B 8 18.69 -20.65 1.78
CA ILE B 8 18.86 -19.87 0.53
C ILE B 8 20.32 -19.54 0.20
N GLN B 9 21.03 -18.91 1.14
CA GLN B 9 22.45 -18.62 0.97
C GLN B 9 23.26 -19.85 0.53
N GLY B 10 23.08 -20.99 1.19
CA GLY B 10 23.80 -22.22 0.85
C GLY B 10 23.46 -22.67 -0.56
N ILE B 11 22.20 -22.47 -0.96
CA ILE B 11 21.75 -22.81 -2.33
C ILE B 11 22.54 -22.03 -3.38
N LEU B 12 22.72 -20.72 -3.17
CA LEU B 12 23.54 -19.91 -4.10
C LEU B 12 25.03 -20.26 -4.07
N ASP B 13 25.56 -20.44 -2.85
CA ASP B 13 26.91 -20.93 -2.64
C ASP B 13 27.15 -22.28 -3.31
N ASP B 14 26.22 -23.21 -3.12
CA ASP B 14 26.31 -24.54 -3.74
C ASP B 14 26.35 -24.43 -5.23
N HIS B 15 25.58 -23.47 -5.76
CA HIS B 15 25.56 -23.20 -7.20
C HIS B 15 26.89 -22.60 -7.70
N VAL B 16 27.41 -21.60 -6.98
CA VAL B 16 28.71 -20.99 -7.27
C VAL B 16 29.86 -22.03 -7.24
N ALA B 17 29.82 -22.92 -6.25
CA ALA B 17 30.82 -24.00 -6.11
C ALA B 17 30.81 -24.97 -7.30
N ARG B 18 29.66 -25.07 -7.99
CA ARG B 18 29.55 -25.87 -9.22
C ARG B 18 30.21 -25.22 -10.45
N GLY B 19 30.69 -23.98 -10.31
CA GLY B 19 31.45 -23.34 -11.39
C GLY B 19 30.95 -21.97 -11.82
N VAL B 20 29.75 -21.62 -11.38
CA VAL B 20 29.12 -20.33 -11.70
C VAL B 20 29.86 -19.21 -10.99
N VAL B 21 30.23 -18.14 -11.71
CA VAL B 21 31.05 -17.05 -11.12
C VAL B 21 30.40 -16.30 -9.94
N GLY B 22 29.16 -15.86 -10.13
CA GLY B 22 28.41 -15.16 -9.11
C GLY B 22 26.93 -15.23 -9.42
N VAL B 23 26.13 -14.93 -8.41
CA VAL B 23 24.67 -14.97 -8.49
C VAL B 23 24.13 -13.82 -7.65
N SER B 24 23.11 -13.13 -8.16
CA SER B 24 22.39 -12.11 -7.41
C SER B 24 20.89 -12.42 -7.40
N LEU B 25 20.29 -12.44 -6.21
CA LEU B 25 18.88 -12.77 -6.04
C LEU B 25 18.12 -11.71 -5.23
N ALA B 26 16.94 -11.36 -5.74
CA ALA B 26 15.96 -10.62 -4.99
C ALA B 26 14.78 -11.54 -4.88
N LEU B 27 14.23 -11.63 -3.68
CA LEU B 27 13.08 -12.46 -3.38
C LEU B 27 12.12 -11.72 -2.43
N CYS B 28 10.87 -11.61 -2.83
CA CYS B 28 9.86 -11.03 -1.94
C CYS B 28 8.75 -12.03 -1.70
N LEU B 29 8.62 -12.46 -0.44
CA LEU B 29 7.50 -13.28 -0.01
C LEU B 29 6.23 -12.42 0.21
N PRO B 30 5.04 -13.00 -0.01
CA PRO B 30 3.78 -12.24 0.06
C PRO B 30 3.62 -11.55 1.41
N GLY B 31 3.15 -10.30 1.36
CA GLY B 31 3.14 -9.43 2.52
C GLY B 31 4.49 -9.39 3.18
N GLU B 32 5.47 -8.78 2.50
CA GLU B 32 6.85 -8.63 3.02
C GLU B 32 7.74 -7.73 2.16
N GLU B 33 8.89 -7.39 2.74
CA GLU B 33 9.93 -6.63 2.06
C GLU B 33 10.93 -7.55 1.37
N THR B 34 11.29 -7.18 0.15
CA THR B 34 12.29 -7.89 -0.65
C THR B 34 13.54 -8.27 0.14
N SER B 35 13.93 -9.54 0.03
CA SER B 35 15.17 -10.07 0.61
C SER B 35 16.25 -10.30 -0.47
N LEU B 36 17.45 -9.79 -0.21
CA LEU B 36 18.54 -9.86 -1.20
C LEU B 36 19.62 -10.84 -0.78
N TYR B 37 20.05 -11.69 -1.72
CA TYR B 37 21.16 -12.62 -1.51
C TYR B 37 22.11 -12.60 -2.71
N GLN B 38 23.41 -12.64 -2.44
CA GLN B 38 24.44 -12.81 -3.48
C GLN B 38 25.46 -13.80 -3.00
N SER B 39 26.04 -14.53 -3.95
CA SER B 39 27.20 -15.36 -3.73
C SER B 39 28.18 -15.07 -4.85
N GLY B 40 29.47 -15.27 -4.58
CA GLY B 40 30.53 -15.12 -5.58
C GLY B 40 30.90 -13.69 -5.96
N TYR B 41 31.29 -13.54 -7.22
CA TYR B 41 31.99 -12.37 -7.75
C TYR B 41 31.30 -11.67 -8.93
N ALA B 42 31.22 -10.35 -8.87
CA ALA B 42 30.83 -9.55 -10.03
C ALA B 42 32.00 -9.51 -11.03
N ASP B 43 33.21 -9.65 -10.53
CA ASP B 43 34.40 -9.57 -11.35
C ASP B 43 35.39 -10.63 -10.86
N LYS B 44 35.46 -11.70 -11.65
CA LYS B 44 36.31 -12.86 -11.38
C LYS B 44 37.81 -12.52 -11.26
N PHE B 45 38.29 -11.59 -12.08
CA PHE B 45 39.72 -11.33 -12.12
C PHE B 45 40.20 -10.21 -11.19
N ASN B 46 39.33 -9.22 -10.95
CA ASN B 46 39.60 -8.17 -9.98
C ASN B 46 39.08 -8.53 -8.58
N LYS B 47 38.44 -9.69 -8.50
CA LYS B 47 38.00 -10.30 -7.24
C LYS B 47 37.06 -9.37 -6.51
N MET B 48 36.22 -8.70 -7.28
CA MET B 48 35.18 -7.86 -6.74
C MET B 48 33.96 -8.73 -6.43
N PRO B 49 33.53 -8.74 -5.15
CA PRO B 49 32.40 -9.58 -4.75
C PRO B 49 31.10 -9.07 -5.34
N MET B 50 30.19 -9.99 -5.62
CA MET B 50 28.86 -9.64 -6.11
C MET B 50 28.02 -9.07 -4.96
N THR B 51 27.41 -7.91 -5.21
CA THR B 51 26.53 -7.24 -4.26
C THR B 51 25.13 -7.04 -4.86
N GLY B 52 24.18 -6.62 -4.01
CA GLY B 52 22.79 -6.36 -4.42
C GLY B 52 22.61 -5.18 -5.35
N ASP B 53 23.72 -4.46 -5.55
CA ASP B 53 23.72 -3.25 -6.34
C ASP B 53 24.32 -3.41 -7.75
N HIS B 54 24.97 -4.53 -8.04
CA HIS B 54 25.46 -4.82 -9.41
C HIS B 54 24.35 -4.91 -10.46
N LEU B 55 24.59 -4.24 -11.57
CA LEU B 55 23.68 -4.24 -12.73
C LEU B 55 23.91 -5.45 -13.60
N PHE B 56 22.83 -5.93 -14.24
CA PHE B 56 22.90 -7.00 -15.22
C PHE B 56 22.10 -6.66 -16.47
N ARG B 57 22.53 -7.22 -17.60
CA ARG B 57 21.69 -7.25 -18.80
C ARG B 57 20.66 -8.34 -18.61
N ILE B 58 19.38 -7.95 -18.60
CA ILE B 58 18.30 -8.92 -18.30
C ILE B 58 17.76 -9.64 -19.54
N ALA B 59 18.27 -9.27 -20.70
CA ALA B 59 18.01 -9.95 -21.96
C ALA B 59 16.49 -10.01 -22.22
N SER B 60 15.95 -11.17 -22.58
CA SER B 60 14.51 -11.28 -22.89
C SER B 60 13.50 -10.98 -21.77
N CYS B 61 13.97 -10.80 -20.53
CA CYS B 61 13.07 -10.29 -19.48
C CYS B 61 12.55 -8.89 -19.89
N THR B 62 13.31 -8.21 -20.77
CA THR B 62 12.93 -6.95 -21.42
C THR B 62 11.56 -7.07 -22.04
N LYS B 63 11.27 -8.25 -22.60
CA LYS B 63 9.99 -8.53 -23.28
C LYS B 63 8.75 -8.36 -22.40
N SER B 64 8.85 -8.72 -21.12
CA SER B 64 7.74 -8.44 -20.18
C SER B 64 7.44 -6.95 -20.09
N PHE B 65 8.50 -6.13 -20.06
CA PHE B 65 8.37 -4.67 -19.99
C PHE B 65 7.79 -4.08 -21.26
N ILE B 66 8.27 -4.52 -22.42
CA ILE B 66 7.76 -4.07 -23.71
C ILE B 66 6.28 -4.49 -23.86
N ALA B 67 5.94 -5.71 -23.43
CA ALA B 67 4.54 -6.18 -23.45
C ALA B 67 3.64 -5.32 -22.53
N THR B 68 4.17 -5.01 -21.35
CA THR B 68 3.50 -4.10 -20.41
C THR B 68 3.28 -2.75 -21.07
N GLY B 69 4.33 -2.24 -21.72
CA GLY B 69 4.26 -1.00 -22.47
C GLY B 69 3.13 -1.02 -23.49
N LEU B 70 3.01 -2.10 -24.25
CA LEU B 70 2.02 -2.17 -25.33
C LEU B 70 0.60 -2.28 -24.79
N HIS B 71 0.45 -3.07 -23.73
CA HIS B 71 -0.83 -3.22 -23.02
C HIS B 71 -1.34 -1.93 -22.40
N LEU B 72 -0.40 -1.05 -22.04
CA LEU B 72 -0.76 0.27 -21.52
C LEU B 72 -1.44 1.09 -22.60
N LEU B 73 -0.92 1.01 -23.83
CA LEU B 73 -1.56 1.65 -24.98
C LEU B 73 -2.89 1.00 -25.32
N VAL B 74 -2.99 -0.31 -25.10
CA VAL B 74 -4.27 -1.02 -25.25
C VAL B 74 -5.33 -0.53 -24.25
N GLN B 75 -4.99 -0.46 -22.97
CA GLN B 75 -5.95 0.07 -21.98
C GLN B 75 -6.18 1.58 -22.13
N ASP B 76 -5.21 2.30 -22.68
CA ASP B 76 -5.39 3.67 -23.15
C ASP B 76 -6.49 3.78 -24.21
N GLY B 77 -6.73 2.70 -24.96
CA GLY B 77 -7.69 2.71 -26.09
C GLY B 77 -7.05 3.07 -27.43
N THR B 78 -5.71 3.12 -27.47
CA THR B 78 -4.96 3.54 -28.65
C THR B 78 -4.67 2.37 -29.58
N VAL B 79 -4.50 1.19 -28.98
CA VAL B 79 -4.17 -0.02 -29.69
C VAL B 79 -5.18 -1.11 -29.33
N ASP B 80 -5.57 -1.91 -30.32
CA ASP B 80 -6.45 -3.06 -30.07
C ASP B 80 -5.63 -4.34 -30.26
N LEU B 81 -5.70 -5.27 -29.31
CA LEU B 81 -4.88 -6.49 -29.44
C LEU B 81 -5.26 -7.35 -30.63
N ASP B 82 -6.44 -7.09 -31.20
CA ASP B 82 -6.90 -7.89 -32.31
C ASP B 82 -6.91 -7.17 -33.64
N GLU B 83 -6.49 -5.91 -33.66
CA GLU B 83 -6.37 -5.18 -34.95
C GLU B 83 -5.13 -5.64 -35.72
N PRO B 84 -5.21 -5.69 -37.08
CA PRO B 84 -4.03 -6.08 -37.88
C PRO B 84 -2.90 -5.05 -37.81
N ILE B 85 -1.66 -5.53 -37.82
CA ILE B 85 -0.49 -4.65 -37.66
C ILE B 85 -0.15 -3.86 -38.94
N THR B 86 -0.88 -4.12 -40.03
CA THR B 86 -0.77 -3.32 -41.26
C THR B 86 -0.88 -1.82 -40.99
N ARG B 87 -1.59 -1.46 -39.92
CA ARG B 87 -1.72 -0.07 -39.50
C ARG B 87 -0.36 0.61 -39.38
N TRP B 88 0.65 -0.15 -38.97
CA TRP B 88 1.99 0.37 -38.69
C TRP B 88 3.02 -0.13 -39.68
N PHE B 89 2.80 -1.34 -40.19
CA PHE B 89 3.75 -2.05 -41.03
C PHE B 89 3.04 -2.55 -42.30
N PRO B 90 2.60 -1.62 -43.17
CA PRO B 90 1.69 -1.98 -44.28
C PRO B 90 2.35 -2.88 -45.32
N ASP B 91 3.68 -2.85 -45.37
CA ASP B 91 4.46 -3.56 -46.39
C ASP B 91 5.07 -4.85 -45.90
N LEU B 92 5.00 -5.08 -44.59
CA LEU B 92 5.54 -6.30 -44.01
C LEU B 92 4.77 -7.52 -44.52
N PRO B 93 5.49 -8.52 -45.07
CA PRO B 93 4.80 -9.70 -45.55
C PRO B 93 3.94 -10.38 -44.51
N LYS B 94 2.72 -10.74 -44.93
CA LYS B 94 1.68 -11.39 -44.12
C LYS B 94 1.10 -10.53 -42.98
N ALA B 95 1.45 -9.25 -42.93
CA ALA B 95 0.98 -8.36 -41.84
C ALA B 95 -0.55 -8.30 -41.72
N ALA B 96 -1.26 -8.47 -42.83
CA ALA B 96 -2.73 -8.52 -42.78
C ALA B 96 -3.23 -9.68 -41.93
N GLN B 97 -2.47 -10.76 -41.86
CA GLN B 97 -2.87 -11.94 -41.10
C GLN B 97 -2.33 -11.89 -39.68
N MET B 98 -1.78 -10.74 -39.27
CA MET B 98 -1.14 -10.64 -37.97
C MET B 98 -1.82 -9.62 -37.07
N PRO B 99 -2.64 -10.10 -36.12
CA PRO B 99 -3.20 -9.20 -35.10
C PRO B 99 -2.07 -8.71 -34.17
N VAL B 100 -2.27 -7.58 -33.51
CA VAL B 100 -1.25 -7.03 -32.59
C VAL B 100 -0.81 -8.07 -31.54
N ARG B 101 -1.76 -8.81 -30.97
CA ARG B 101 -1.45 -9.85 -29.97
C ARG B 101 -0.40 -10.86 -30.45
N ILE B 102 -0.35 -11.11 -31.75
CA ILE B 102 0.55 -12.12 -32.32
C ILE B 102 2.04 -11.68 -32.23
N LEU B 103 2.29 -10.39 -32.03
CA LEU B 103 3.66 -9.87 -31.81
C LEU B 103 4.26 -10.31 -30.48
N LEU B 104 3.37 -10.65 -29.54
CA LEU B 104 3.74 -10.86 -28.15
C LEU B 104 3.70 -12.32 -27.73
N ASN B 105 3.10 -13.16 -28.57
CA ASN B 105 2.73 -14.52 -28.15
C ASN B 105 3.52 -15.68 -28.82
N HIS B 106 4.53 -15.33 -29.61
CA HIS B 106 5.49 -16.30 -30.17
C HIS B 106 4.85 -17.25 -31.17
N ARG B 107 3.82 -16.74 -31.85
CA ARG B 107 3.02 -17.52 -32.79
C ARG B 107 2.85 -16.81 -34.15
N SER B 108 3.63 -15.75 -34.36
CA SER B 108 3.55 -14.92 -35.58
C SER B 108 4.19 -15.60 -36.77
N GLY B 109 5.11 -16.52 -36.52
CA GLY B 109 5.89 -17.09 -37.61
C GLY B 109 6.85 -16.11 -38.24
N LEU B 110 7.04 -14.96 -37.60
CA LEU B 110 7.99 -13.97 -38.07
C LEU B 110 9.39 -14.57 -38.14
N PRO B 111 10.18 -14.19 -39.16
CA PRO B 111 11.58 -14.56 -39.30
C PRO B 111 12.45 -13.95 -38.18
N ASP B 112 13.29 -14.74 -37.54
CA ASP B 112 14.10 -14.20 -36.48
C ASP B 112 15.52 -13.79 -36.86
N PHE B 113 16.07 -12.84 -36.12
CA PHE B 113 17.42 -12.33 -36.33
C PHE B 113 18.51 -12.94 -35.42
N GLU B 114 18.13 -13.55 -34.31
CA GLU B 114 19.09 -13.81 -33.23
C GLU B 114 20.20 -14.77 -33.61
N THR B 115 19.84 -15.81 -34.36
CA THR B 115 20.81 -16.83 -34.76
C THR B 115 21.92 -16.34 -35.73
N SER B 116 21.66 -15.29 -36.51
CA SER B 116 22.64 -14.78 -37.49
C SER B 116 23.32 -13.50 -37.05
N MET B 117 22.71 -12.83 -36.06
CA MET B 117 23.16 -11.56 -35.48
C MET B 117 24.58 -11.72 -34.91
N PRO B 118 25.55 -10.90 -35.38
CA PRO B 118 26.89 -11.05 -34.79
C PRO B 118 26.88 -10.65 -33.31
N MET B 119 27.31 -11.57 -32.46
CA MET B 119 27.28 -11.38 -31.02
C MET B 119 28.48 -10.58 -30.55
N ILE B 120 29.55 -10.57 -31.35
CA ILE B 120 30.70 -9.72 -31.07
C ILE B 120 30.76 -8.60 -32.12
N SER B 121 30.37 -7.40 -31.70
CA SER B 121 30.13 -6.29 -32.65
C SER B 121 30.24 -4.93 -31.97
N ASP B 122 30.69 -3.92 -32.70
CA ASP B 122 30.61 -2.54 -32.23
C ASP B 122 29.52 -1.77 -32.97
N LYS B 123 28.74 -2.46 -33.80
CA LYS B 123 27.63 -1.84 -34.53
C LYS B 123 26.50 -1.31 -33.66
N SER B 124 26.11 -0.08 -33.96
CA SER B 124 24.91 0.50 -33.39
C SER B 124 23.72 0.18 -34.34
N TRP B 125 22.70 -0.49 -33.82
CA TRP B 125 21.56 -0.90 -34.65
C TRP B 125 20.32 -0.02 -34.48
N THR B 126 19.58 0.11 -35.57
CA THR B 126 18.29 0.74 -35.60
C THR B 126 17.25 -0.40 -35.60
N ALA B 127 16.05 -0.14 -35.08
CA ALA B 127 14.96 -1.12 -35.06
C ALA B 127 14.62 -1.59 -36.48
N GLN B 128 14.62 -0.65 -37.42
CA GLN B 128 14.29 -0.96 -38.81
C GLN B 128 15.35 -1.86 -39.43
N GLU B 129 16.61 -1.55 -39.11
CA GLU B 129 17.77 -2.38 -39.50
C GLU B 129 17.63 -3.82 -39.01
N ILE B 130 17.13 -3.98 -37.78
CA ILE B 130 16.91 -5.29 -37.18
C ILE B 130 15.78 -6.05 -37.86
N VAL B 131 14.67 -5.36 -38.15
CA VAL B 131 13.59 -5.94 -38.95
C VAL B 131 14.07 -6.41 -40.34
N ASP B 132 14.75 -5.53 -41.07
CA ASP B 132 15.33 -5.89 -42.38
C ASP B 132 16.30 -7.07 -42.27
N PHE B 133 17.15 -7.06 -41.23
CA PHE B 133 18.09 -8.16 -40.93
C PHE B 133 17.35 -9.46 -40.73
N SER B 134 16.24 -9.43 -39.98
CA SER B 134 15.42 -10.64 -39.75
C SER B 134 14.86 -11.24 -41.04
N PHE B 135 14.50 -10.36 -41.97
CA PHE B 135 13.93 -10.83 -43.23
C PHE B 135 15.01 -11.26 -44.22
N ARG B 136 16.16 -10.62 -44.12
CA ARG B 136 17.33 -11.01 -44.86
C ARG B 136 17.80 -12.43 -44.48
N HIS B 137 17.85 -12.73 -43.18
CA HIS B 137 18.56 -13.92 -42.71
C HIS B 137 17.69 -15.03 -42.15
N GLY B 138 16.53 -14.68 -41.60
CA GLY B 138 15.67 -15.67 -40.96
C GLY B 138 14.58 -16.17 -41.86
N VAL B 139 13.79 -17.10 -41.35
CA VAL B 139 12.74 -17.75 -42.15
C VAL B 139 11.32 -17.46 -41.63
N GLN B 140 10.47 -16.95 -42.51
CA GLN B 140 9.04 -16.69 -42.21
C GLN B 140 8.09 -17.89 -42.37
N LYS B 141 7.28 -18.13 -41.35
CA LYS B 141 6.26 -19.16 -41.42
C LYS B 141 4.90 -18.49 -41.42
N GLU B 142 3.84 -19.30 -41.47
CA GLU B 142 2.49 -18.76 -41.50
C GLU B 142 2.11 -18.28 -40.11
N PRO B 143 1.41 -17.13 -40.03
CA PRO B 143 0.85 -16.79 -38.74
C PRO B 143 0.02 -17.95 -38.13
N TRP B 144 0.23 -18.15 -36.83
CA TRP B 144 -0.49 -19.15 -36.05
C TRP B 144 -0.07 -20.58 -36.32
N HIS B 145 1.11 -20.78 -36.94
CA HIS B 145 1.60 -22.10 -37.33
C HIS B 145 1.81 -22.98 -36.09
N GLY B 146 2.21 -22.33 -35.01
CA GLY B 146 2.47 -22.99 -33.75
C GLY B 146 3.38 -22.06 -32.99
N MET B 147 3.86 -22.50 -31.84
CA MET B 147 4.72 -21.64 -31.08
C MET B 147 6.17 -21.78 -31.56
N GLU B 148 6.79 -20.64 -31.88
CA GLU B 148 8.23 -20.53 -32.06
C GLU B 148 8.74 -19.18 -31.56
N TYR B 149 9.66 -19.21 -30.60
CA TYR B 149 10.18 -17.99 -29.96
C TYR B 149 10.58 -16.86 -30.94
N SER B 150 9.92 -15.72 -30.82
CA SER B 150 10.10 -14.64 -31.77
C SER B 150 10.61 -13.37 -31.08
N ASN B 151 11.88 -13.05 -31.32
CA ASN B 151 12.44 -11.75 -30.96
C ASN B 151 11.91 -10.61 -31.81
N THR B 152 11.78 -10.87 -33.11
CA THR B 152 11.28 -9.86 -34.05
C THR B 152 9.91 -9.29 -33.66
N GLY B 153 8.98 -10.15 -33.24
CA GLY B 153 7.66 -9.71 -32.77
C GLY B 153 7.78 -8.57 -31.77
N TYR B 154 8.74 -8.71 -30.85
CA TYR B 154 8.99 -7.69 -29.83
C TYR B 154 9.63 -6.44 -30.33
N VAL B 155 10.40 -6.53 -31.40
CA VAL B 155 10.98 -5.34 -31.99
C VAL B 155 9.88 -4.47 -32.63
N LEU B 156 8.98 -5.13 -33.37
CA LEU B 156 7.82 -4.45 -33.98
C LEU B 156 6.90 -3.84 -32.91
N ALA B 157 6.69 -4.57 -31.80
CA ALA B 157 5.98 -4.03 -30.62
C ALA B 157 6.61 -2.71 -30.10
N GLY B 158 7.93 -2.69 -29.97
CA GLY B 158 8.64 -1.45 -29.64
C GLY B 158 8.41 -0.36 -30.67
N MET B 159 8.28 -0.74 -31.95
CA MET B 159 8.07 0.24 -33.02
C MET B 159 6.67 0.85 -32.98
N ILE B 160 5.67 0.03 -32.66
CA ILE B 160 4.31 0.52 -32.37
C ILE B 160 4.36 1.54 -31.22
N ILE B 161 5.07 1.21 -30.15
CA ILE B 161 5.18 2.09 -28.97
C ILE B 161 5.80 3.42 -29.36
N ALA B 162 6.90 3.37 -30.10
CA ALA B 162 7.57 4.60 -30.57
C ALA B 162 6.66 5.44 -31.48
N HIS B 163 5.93 4.80 -32.37
CA HIS B 163 5.05 5.55 -33.27
C HIS B 163 3.89 6.19 -32.49
N GLU B 164 3.23 5.43 -31.62
CA GLU B 164 2.08 5.99 -30.88
C GLU B 164 2.45 7.09 -29.89
N THR B 165 3.64 6.98 -29.30
CA THR B 165 4.08 7.93 -28.29
C THR B 165 4.86 9.09 -28.90
N GLY B 166 5.43 8.89 -30.09
CA GLY B 166 6.27 9.90 -30.73
C GLY B 166 7.65 10.09 -30.09
N LYS B 167 8.05 9.14 -29.25
CA LYS B 167 9.33 9.15 -28.54
C LYS B 167 9.91 7.73 -28.58
N PRO B 168 11.23 7.56 -28.36
CA PRO B 168 11.76 6.19 -28.18
C PRO B 168 11.02 5.41 -27.10
N TYR B 169 10.83 4.10 -27.29
CA TYR B 169 10.04 3.30 -26.34
C TYR B 169 10.60 3.32 -24.90
N SER B 170 11.86 3.69 -24.74
CA SER B 170 12.46 3.89 -23.42
C SER B 170 11.71 4.95 -22.59
N ASP B 171 11.33 6.07 -23.21
CA ASP B 171 10.50 7.08 -22.53
C ASP B 171 9.19 6.51 -21.96
N HIS B 172 8.52 5.70 -22.76
CA HIS B 172 7.26 5.10 -22.38
C HIS B 172 7.44 4.11 -21.20
N LEU B 173 8.54 3.36 -21.25
CA LEU B 173 8.86 2.42 -20.18
C LEU B 173 9.35 3.14 -18.92
N ARG B 174 10.15 4.18 -19.09
CA ARG B 174 10.63 4.97 -17.96
C ARG B 174 9.50 5.75 -17.25
N SER B 175 8.69 6.47 -18.02
CA SER B 175 7.68 7.34 -17.43
C SER B 175 6.52 6.56 -16.80
N ARG B 176 6.12 5.44 -17.40
CA ARG B 176 4.92 4.70 -16.95
C ARG B 176 5.22 3.42 -16.17
N ILE B 177 6.48 2.99 -16.19
CA ILE B 177 6.91 1.88 -15.32
C ILE B 177 8.00 2.26 -14.31
N PHE B 178 9.22 2.56 -14.77
CA PHE B 178 10.37 2.70 -13.86
C PHE B 178 10.19 3.79 -12.81
N ALA B 179 9.80 4.99 -13.29
CA ALA B 179 9.72 6.19 -12.46
C ALA B 179 8.66 6.08 -11.35
N PRO B 180 7.40 5.73 -11.69
CA PRO B 180 6.44 5.52 -10.58
C PRO B 180 6.82 4.46 -9.55
N LEU B 181 7.55 3.41 -9.97
CA LEU B 181 7.86 2.33 -9.05
C LEU B 181 9.14 2.57 -8.31
N GLY B 182 9.78 3.70 -8.62
CA GLY B 182 11.08 4.03 -8.01
C GLY B 182 12.15 3.01 -8.36
N MET B 183 12.10 2.53 -9.59
CA MET B 183 13.19 1.70 -10.14
C MET B 183 14.31 2.62 -10.64
N LYS B 184 15.28 2.86 -9.76
CA LYS B 184 16.36 3.81 -10.04
C LYS B 184 17.60 3.19 -10.64
N ASP B 185 17.67 1.85 -10.65
CA ASP B 185 18.82 1.16 -11.21
C ASP B 185 18.48 0.36 -12.49
N THR B 186 17.59 0.94 -13.29
CA THR B 186 17.07 0.28 -14.48
C THR B 186 17.15 1.17 -15.71
N TRP B 187 17.64 0.59 -16.80
CA TRP B 187 17.87 1.34 -18.01
C TRP B 187 17.49 0.53 -19.26
N VAL B 188 17.12 1.28 -20.31
CA VAL B 188 16.80 0.69 -21.62
C VAL B 188 18.00 0.89 -22.58
N GLY B 189 18.74 -0.19 -22.84
CA GLY B 189 20.05 -0.13 -23.50
C GLY B 189 20.19 0.48 -24.89
N THR B 190 19.15 0.40 -25.70
CA THR B 190 19.18 0.99 -27.03
C THR B 190 19.19 2.53 -26.98
N HIS B 191 18.48 3.10 -26.02
CA HIS B 191 18.11 4.51 -26.05
C HIS B 191 18.67 5.29 -24.85
N GLU B 192 19.33 4.59 -23.93
CA GLU B 192 19.81 5.23 -22.71
C GLU B 192 21.20 4.73 -22.38
N THR B 193 22.03 5.62 -21.83
CA THR B 193 23.34 5.23 -21.31
C THR B 193 23.18 4.79 -19.86
N PHE B 194 23.69 3.60 -19.56
CA PHE B 194 23.77 3.08 -18.20
C PHE B 194 25.23 3.11 -17.68
N PRO B 195 25.42 3.27 -16.36
CA PRO B 195 26.79 3.35 -15.86
C PRO B 195 27.48 1.99 -15.88
N ILE B 196 28.31 1.77 -16.91
CA ILE B 196 28.94 0.46 -17.14
C ILE B 196 29.79 -0.05 -15.96
N GLU B 197 30.36 0.88 -15.20
CA GLU B 197 31.17 0.52 -14.04
C GLU B 197 30.37 -0.17 -12.91
N ARG B 198 29.06 0.00 -12.88
CA ARG B 198 28.21 -0.69 -11.90
C ARG B 198 27.74 -2.07 -12.36
N GLU B 199 28.00 -2.42 -13.61
CA GLU B 199 27.54 -3.70 -14.13
C GLU B 199 28.46 -4.84 -13.69
N ALA B 200 27.87 -5.92 -13.17
CA ALA B 200 28.55 -7.20 -13.03
C ALA B 200 29.11 -7.61 -14.38
N ARG B 201 30.38 -8.02 -14.42
CA ARG B 201 30.97 -8.57 -15.65
C ARG B 201 30.24 -9.84 -15.97
N GLY B 202 30.17 -10.19 -17.24
CA GLY B 202 29.54 -11.42 -17.66
C GLY B 202 30.59 -12.36 -18.21
N TYR B 203 30.44 -13.64 -17.91
CA TYR B 203 31.41 -14.63 -18.34
C TYR B 203 30.80 -15.73 -19.17
N MET B 204 31.37 -15.95 -20.36
CA MET B 204 31.09 -17.14 -21.16
C MET B 204 32.08 -18.25 -20.80
N HIS B 205 31.58 -19.46 -20.58
CA HIS B 205 32.43 -20.55 -20.11
C HIS B 205 32.89 -21.47 -21.23
N ALA B 206 34.21 -21.55 -21.40
CA ALA B 206 34.85 -22.37 -22.43
C ALA B 206 34.20 -23.74 -22.56
N ALA B 207 33.93 -24.09 -23.82
CA ALA B 207 33.19 -25.31 -24.21
C ALA B 207 33.58 -26.60 -23.49
N ALA B 208 32.62 -27.18 -22.77
CA ALA B 208 32.66 -28.60 -22.38
C ALA B 208 31.34 -29.27 -22.83
N ASP B 209 30.26 -28.96 -22.12
CA ASP B 209 28.90 -29.35 -22.54
C ASP B 209 28.29 -28.25 -23.44
N ASP B 210 29.14 -27.28 -23.79
CA ASP B 210 28.80 -26.23 -24.74
C ASP B 210 28.96 -26.82 -26.13
N GLU B 211 28.05 -27.73 -26.48
CA GLU B 211 28.20 -28.59 -27.64
C GLU B 211 27.92 -27.84 -28.94
N ASN B 212 26.69 -27.34 -29.10
CA ASN B 212 26.36 -26.47 -30.22
C ASN B 212 25.80 -25.11 -29.80
N PRO B 213 26.58 -24.04 -29.99
CA PRO B 213 26.23 -22.67 -29.65
C PRO B 213 25.00 -22.19 -30.36
N GLN B 214 24.22 -21.34 -29.69
CA GLN B 214 23.10 -20.65 -30.31
C GLN B 214 23.56 -19.38 -31.02
N TRP B 215 24.76 -18.91 -30.68
CA TRP B 215 25.27 -17.61 -31.13
C TRP B 215 26.54 -17.71 -31.99
N ASP B 216 26.79 -16.64 -32.75
CA ASP B 216 28.06 -16.41 -33.47
C ASP B 216 29.19 -15.92 -32.53
N VAL B 217 29.91 -16.85 -31.90
CA VAL B 217 30.94 -16.53 -30.88
C VAL B 217 32.33 -16.20 -31.42
N SER B 218 32.47 -16.14 -32.73
CA SER B 218 33.78 -16.01 -33.35
C SER B 218 34.41 -14.61 -33.16
N GLY B 219 35.71 -14.61 -32.84
CA GLY B 219 36.45 -13.39 -32.60
C GLY B 219 36.54 -13.10 -31.12
N ALA B 220 36.28 -14.14 -30.32
CA ALA B 220 36.35 -14.06 -28.85
C ALA B 220 37.77 -13.97 -28.30
N GLY B 221 38.74 -14.49 -29.06
CA GLY B 221 40.11 -14.66 -28.57
C GLY B 221 40.23 -15.95 -27.78
N ASP B 222 41.21 -16.02 -26.88
CA ASP B 222 41.31 -17.17 -25.96
C ASP B 222 40.87 -16.77 -24.55
N PRO B 223 40.43 -17.74 -23.74
CA PRO B 223 40.41 -17.59 -22.28
C PRO B 223 41.82 -18.00 -21.82
N VAL B 224 42.29 -17.78 -20.59
CA VAL B 224 41.71 -17.13 -19.39
C VAL B 224 40.69 -17.85 -18.47
N ASP B 225 41.00 -19.12 -18.24
CA ASP B 225 40.64 -19.83 -17.03
C ASP B 225 39.20 -20.27 -16.73
N GLY B 226 38.52 -21.03 -17.59
CA GLY B 226 38.57 -20.94 -19.03
C GLY B 226 37.25 -20.22 -19.23
N VAL B 227 37.32 -18.90 -19.25
CA VAL B 227 36.19 -18.02 -19.50
C VAL B 227 36.62 -16.85 -20.38
N TRP B 228 35.63 -16.28 -21.06
CA TRP B 228 35.77 -14.99 -21.68
C TRP B 228 34.93 -14.01 -20.90
N ASP B 229 35.45 -12.80 -20.70
CA ASP B 229 34.63 -11.70 -20.26
C ASP B 229 33.80 -11.23 -21.48
N SER B 230 32.51 -11.53 -21.46
CA SER B 230 31.63 -11.20 -22.60
C SER B 230 30.76 -9.95 -22.40
N THR B 231 30.94 -9.26 -21.27
CA THR B 231 30.11 -8.13 -20.83
C THR B 231 29.77 -7.13 -21.95
N GLU B 232 30.79 -6.79 -22.73
CA GLU B 232 30.65 -5.81 -23.79
C GLU B 232 30.92 -6.39 -25.19
N TRP B 233 30.73 -7.71 -25.36
CA TRP B 233 30.76 -8.32 -26.67
C TRP B 233 29.65 -7.71 -27.55
N PHE B 234 28.42 -7.73 -27.05
CA PHE B 234 27.24 -7.47 -27.87
C PHE B 234 26.66 -6.10 -27.52
N PRO B 235 26.49 -5.24 -28.53
CA PRO B 235 25.79 -3.96 -28.32
C PRO B 235 24.30 -4.19 -28.07
N LEU B 236 23.78 -3.54 -27.05
CA LEU B 236 22.40 -3.74 -26.58
C LEU B 236 21.32 -3.35 -27.61
N SER B 237 21.64 -2.35 -28.43
CA SER B 237 20.83 -1.98 -29.58
C SER B 237 20.64 -3.14 -30.57
N GLY B 238 21.59 -4.08 -30.57
CA GLY B 238 21.44 -5.28 -31.39
C GLY B 238 20.30 -6.17 -30.94
N ALA B 239 19.91 -6.05 -29.67
CA ALA B 239 18.73 -6.75 -29.15
C ALA B 239 17.46 -5.89 -29.24
N ASN B 240 17.61 -4.58 -29.09
CA ASN B 240 16.49 -3.65 -29.16
C ASN B 240 15.41 -4.10 -28.15
N ALA B 241 14.13 -3.95 -28.51
CA ALA B 241 12.98 -4.24 -27.63
C ALA B 241 12.84 -5.72 -27.28
N ALA B 242 13.62 -6.58 -27.95
CA ALA B 242 13.63 -7.99 -27.58
C ALA B 242 14.55 -8.34 -26.36
N GLY B 243 15.49 -7.45 -26.02
CA GLY B 243 16.46 -7.76 -24.97
C GLY B 243 17.46 -6.71 -24.48
N ASP B 244 17.14 -5.42 -24.59
CA ASP B 244 18.15 -4.40 -24.30
C ASP B 244 18.19 -3.81 -22.87
N MET B 245 17.46 -4.36 -21.90
CA MET B 245 17.41 -3.68 -20.58
C MET B 245 18.51 -4.07 -19.62
N VAL B 246 18.89 -3.12 -18.78
CA VAL B 246 19.87 -3.34 -17.73
C VAL B 246 19.14 -3.04 -16.42
N SER B 247 19.29 -3.92 -15.43
CA SER B 247 18.63 -3.73 -14.12
C SER B 247 19.30 -4.46 -12.96
N THR B 248 18.70 -4.37 -11.78
CA THR B 248 19.09 -5.15 -10.61
C THR B 248 17.96 -6.09 -10.27
N PRO B 249 18.27 -7.27 -9.67
CA PRO B 249 17.18 -8.10 -9.15
C PRO B 249 16.17 -7.37 -8.24
N ARG B 250 16.63 -6.44 -7.40
CA ARG B 250 15.76 -5.58 -6.58
C ARG B 250 14.71 -4.79 -7.39
N ASP B 251 15.17 -4.07 -8.41
CA ASP B 251 14.30 -3.29 -9.26
C ASP B 251 13.29 -4.12 -10.05
N ILE B 252 13.70 -5.30 -10.49
CA ILE B 252 12.83 -6.23 -11.22
C ILE B 252 11.68 -6.76 -10.34
N VAL B 253 12.00 -7.08 -9.09
CA VAL B 253 10.98 -7.49 -8.13
C VAL B 253 9.97 -6.35 -7.82
N LYS B 254 10.44 -5.10 -7.76
CA LYS B 254 9.55 -3.92 -7.75
C LYS B 254 8.55 -3.94 -8.91
N PHE B 255 9.04 -4.22 -10.13
CA PHE B 255 8.15 -4.34 -11.28
C PHE B 255 7.20 -5.51 -11.12
N LEU B 256 7.73 -6.68 -10.73
CA LEU B 256 6.92 -7.89 -10.57
C LEU B 256 5.79 -7.74 -9.52
N ASN B 257 6.12 -7.13 -8.39
CA ASN B 257 5.14 -6.86 -7.33
C ASN B 257 4.02 -5.96 -7.80
N ALA B 258 4.36 -4.82 -8.38
CA ALA B 258 3.37 -3.89 -8.93
C ALA B 258 2.51 -4.51 -10.05
N LEU B 259 3.13 -5.28 -10.96
CA LEU B 259 2.39 -5.95 -12.06
C LEU B 259 1.34 -6.92 -11.54
N PHE B 260 1.76 -7.88 -10.72
CA PHE B 260 0.87 -8.92 -10.26
C PHE B 260 -0.09 -8.47 -9.16
N ASP B 261 0.26 -7.36 -8.49
CA ASP B 261 -0.60 -6.71 -7.50
C ASP B 261 -1.63 -5.77 -8.17
N GLY B 262 -1.57 -5.65 -9.51
CA GLY B 262 -2.59 -4.92 -10.28
C GLY B 262 -2.45 -3.40 -10.29
N ARG B 263 -1.22 -2.93 -10.07
CA ARG B 263 -0.95 -1.49 -10.04
C ARG B 263 -0.37 -0.93 -11.37
N ILE B 264 -0.19 -1.78 -12.38
CA ILE B 264 0.30 -1.29 -13.67
C ILE B 264 -0.76 -1.44 -14.76
N LEU B 265 -1.11 -2.69 -15.06
CA LEU B 265 -2.13 -3.04 -16.01
C LEU B 265 -3.44 -3.34 -15.29
N ASP B 266 -4.55 -2.94 -15.90
CA ASP B 266 -5.88 -3.26 -15.38
C ASP B 266 -6.06 -4.78 -15.58
N GLN B 267 -7.21 -5.30 -15.13
CA GLN B 267 -7.39 -6.75 -15.03
C GLN B 267 -7.41 -7.52 -16.35
N LYS B 268 -8.10 -6.98 -17.35
CA LYS B 268 -8.11 -7.52 -18.71
C LYS B 268 -6.71 -7.60 -19.36
N ARG B 269 -5.90 -6.56 -19.22
CA ARG B 269 -4.55 -6.57 -19.84
C ARG B 269 -3.58 -7.45 -19.11
N LEU B 270 -3.65 -7.42 -17.78
CA LEU B 270 -2.97 -8.37 -16.92
C LEU B 270 -3.38 -9.83 -17.24
N TRP B 271 -4.68 -10.07 -17.37
CA TRP B 271 -5.20 -11.38 -17.80
C TRP B 271 -4.62 -11.84 -19.14
N GLU B 272 -4.59 -10.92 -20.12
CA GLU B 272 -3.99 -11.18 -21.43
C GLU B 272 -2.53 -11.54 -21.31
N MET B 273 -1.82 -10.79 -20.48
CA MET B 273 -0.42 -11.03 -20.24
C MET B 273 -0.12 -12.40 -19.60
N LYS B 274 -0.85 -12.76 -18.55
CA LYS B 274 -0.50 -13.91 -17.72
C LYS B 274 -1.39 -15.14 -17.86
N ASP B 275 -2.65 -14.94 -18.26
CA ASP B 275 -3.62 -16.04 -18.23
C ASP B 275 -4.19 -16.49 -19.57
N ASN B 276 -4.06 -15.67 -20.60
CA ASN B 276 -4.51 -16.06 -21.92
C ASN B 276 -3.37 -16.82 -22.59
N ILE B 277 -3.21 -18.07 -22.20
CA ILE B 277 -1.98 -18.82 -22.43
C ILE B 277 -2.15 -19.95 -23.45
N LYS B 278 -1.07 -20.27 -24.14
CA LYS B 278 -1.02 -21.49 -24.96
C LYS B 278 0.31 -22.19 -24.69
N PRO B 279 0.44 -23.49 -25.05
CA PRO B 279 1.73 -24.16 -24.82
C PRO B 279 2.91 -23.46 -25.50
N ALA B 280 4.09 -23.55 -24.87
CA ALA B 280 5.28 -22.83 -25.32
C ALA B 280 6.57 -23.60 -25.03
N PHE B 281 7.54 -23.41 -25.93
CA PHE B 281 8.85 -24.07 -25.89
C PHE B 281 9.96 -23.04 -25.88
N PHE B 282 10.92 -23.25 -24.99
CA PHE B 282 12.23 -22.60 -25.13
C PHE B 282 13.30 -23.61 -24.74
N PRO B 283 14.26 -23.88 -25.67
CA PRO B 283 15.14 -25.04 -25.47
C PRO B 283 15.97 -24.93 -24.17
N GLY B 284 16.05 -26.02 -23.42
CA GLY B 284 16.85 -26.07 -22.21
C GLY B 284 16.16 -25.55 -20.96
N SER B 285 15.01 -24.88 -21.14
CA SER B 285 14.30 -24.22 -20.06
C SER B 285 13.20 -25.07 -19.41
N ASN B 286 12.52 -24.48 -18.43
CA ASN B 286 11.37 -25.06 -17.75
C ASN B 286 10.05 -24.47 -18.28
N THR B 287 10.12 -23.83 -19.46
CA THR B 287 8.95 -23.22 -20.10
C THR B 287 7.97 -24.27 -20.55
N VAL B 288 6.70 -24.04 -20.20
CA VAL B 288 5.61 -24.95 -20.65
C VAL B 288 4.49 -24.18 -21.37
N ALA B 289 4.46 -22.85 -21.21
CA ALA B 289 3.43 -22.03 -21.83
C ALA B 289 3.81 -20.56 -21.84
N ASN B 290 3.08 -19.76 -22.63
CA ASN B 290 3.25 -18.31 -22.65
C ASN B 290 1.91 -17.62 -22.92
N GLY B 291 1.77 -16.40 -22.37
CA GLY B 291 0.64 -15.53 -22.68
C GLY B 291 1.06 -14.47 -23.67
N HIS B 292 0.97 -13.21 -23.26
CA HIS B 292 1.30 -12.07 -24.10
C HIS B 292 2.29 -11.17 -23.35
N GLY B 293 3.45 -11.74 -23.05
CA GLY B 293 4.53 -11.02 -22.39
C GLY B 293 5.11 -11.72 -21.18
N LEU B 294 4.53 -12.87 -20.83
CA LEU B 294 5.03 -13.72 -19.75
C LEU B 294 5.12 -15.16 -20.17
N LEU B 295 6.20 -15.81 -19.72
CA LEU B 295 6.37 -17.27 -19.86
C LEU B 295 5.87 -17.93 -18.60
N LEU B 296 5.30 -19.12 -18.74
CA LEU B 296 4.97 -19.98 -17.60
C LEU B 296 6.05 -21.06 -17.50
N MET B 297 6.78 -21.07 -16.38
CA MET B 297 7.93 -21.96 -16.17
C MET B 297 7.74 -22.81 -14.90
N ARG B 298 7.71 -24.14 -15.07
CA ARG B 298 7.46 -25.06 -13.94
C ARG B 298 8.68 -25.43 -13.14
N TYR B 299 8.53 -25.39 -11.83
CA TYR B 299 9.56 -25.77 -10.88
C TYR B 299 8.91 -26.71 -9.90
N GLY B 300 8.79 -27.96 -10.34
CA GLY B 300 8.05 -28.98 -9.61
C GLY B 300 6.64 -28.53 -9.27
N SER B 301 6.42 -28.34 -7.96
CA SER B 301 5.13 -27.93 -7.40
C SER B 301 4.80 -26.47 -7.69
N SER B 302 5.86 -25.67 -7.81
CA SER B 302 5.74 -24.25 -8.07
C SER B 302 5.83 -23.99 -9.57
N GLU B 303 5.23 -22.88 -9.99
CA GLU B 303 5.29 -22.42 -11.36
C GLU B 303 5.43 -20.91 -11.42
N LEU B 304 6.49 -20.42 -12.07
CA LEU B 304 6.69 -18.99 -12.20
C LEU B 304 6.08 -18.44 -13.48
N LYS B 305 5.40 -17.32 -13.33
CA LYS B 305 4.96 -16.51 -14.47
C LYS B 305 5.91 -15.33 -14.55
N GLY B 306 6.73 -15.31 -15.58
CA GLY B 306 7.73 -14.25 -15.74
C GLY B 306 8.49 -14.35 -17.04
N HIS B 307 9.79 -14.57 -16.95
CA HIS B 307 10.65 -14.72 -18.14
C HIS B 307 12.02 -15.27 -17.80
N LEU B 308 12.69 -15.80 -18.82
CA LEU B 308 14.11 -16.16 -18.76
C LEU B 308 14.83 -15.16 -19.65
N GLY B 309 16.13 -15.01 -19.41
CA GLY B 309 16.95 -14.10 -20.18
C GLY B 309 18.30 -14.75 -20.44
N GLN B 310 18.79 -14.62 -21.67
CA GLN B 310 20.11 -15.13 -22.05
C GLN B 310 20.71 -14.18 -23.05
N ILE B 311 21.81 -13.56 -22.65
CA ILE B 311 22.59 -12.66 -23.46
C ILE B 311 24.03 -12.94 -22.95
N PRO B 312 25.04 -12.94 -23.83
CA PRO B 312 26.35 -13.51 -23.45
C PRO B 312 26.82 -13.23 -22.02
N GLY B 313 26.81 -14.28 -21.19
CA GLY B 313 27.40 -14.22 -19.85
C GLY B 313 26.50 -13.75 -18.73
N HIS B 314 25.29 -13.25 -19.03
CA HIS B 314 24.26 -12.94 -18.02
C HIS B 314 23.02 -13.79 -18.25
N THR B 315 22.72 -14.66 -17.30
CA THR B 315 21.65 -15.62 -17.44
C THR B 315 20.65 -15.40 -16.31
N SER B 316 19.39 -15.13 -16.64
CA SER B 316 18.43 -14.66 -15.65
C SER B 316 17.11 -15.42 -15.65
N ILE B 317 16.48 -15.47 -14.48
CA ILE B 317 15.11 -16.00 -14.37
C ILE B 317 14.31 -15.09 -13.45
N MET B 318 13.19 -14.59 -13.95
CA MET B 318 12.28 -13.82 -13.12
C MET B 318 10.87 -14.35 -13.13
N GLY B 319 10.16 -14.15 -12.03
CA GLY B 319 8.73 -14.43 -12.02
C GLY B 319 8.03 -14.26 -10.69
N ARG B 320 6.71 -14.29 -10.74
CA ARG B 320 5.91 -14.46 -9.53
C ARG B 320 5.42 -15.90 -9.51
N ASP B 321 5.50 -16.53 -8.34
CA ASP B 321 4.85 -17.79 -8.10
C ASP B 321 3.45 -17.47 -7.55
N GLU B 322 2.49 -17.33 -8.46
CA GLU B 322 1.11 -16.90 -8.16
C GLU B 322 0.42 -17.68 -7.05
N GLU B 323 0.88 -18.91 -6.81
CA GLU B 323 0.43 -19.70 -5.69
C GLU B 323 0.99 -19.18 -4.37
N THR B 324 2.30 -19.42 -4.14
CA THR B 324 2.98 -18.99 -2.90
C THR B 324 3.08 -17.46 -2.77
N GLY B 325 2.71 -16.74 -3.83
CA GLY B 325 2.70 -15.27 -3.85
C GLY B 325 4.06 -14.61 -3.97
N ALA B 326 5.12 -15.45 -4.04
CA ALA B 326 6.52 -15.00 -4.08
C ALA B 326 6.95 -14.51 -5.46
N ALA B 327 7.66 -13.37 -5.47
CA ALA B 327 8.22 -12.78 -6.69
C ALA B 327 9.73 -12.78 -6.54
N LEU B 328 10.41 -13.15 -7.61
CA LEU B 328 11.85 -13.32 -7.58
C LEU B 328 12.53 -12.88 -8.88
N MET B 329 13.78 -12.50 -8.77
CA MET B 329 14.65 -12.34 -9.93
C MET B 329 16.01 -12.87 -9.55
N LEU B 330 16.49 -13.86 -10.28
CA LEU B 330 17.77 -14.45 -10.03
C LEU B 330 18.62 -14.32 -11.28
N ILE B 331 19.79 -13.69 -11.15
CA ILE B 331 20.67 -13.51 -12.30
C ILE B 331 22.06 -14.02 -11.96
N GLN B 332 22.62 -14.88 -12.81
CA GLN B 332 24.04 -15.27 -12.69
C GLN B 332 24.87 -14.60 -13.78
N ASN B 333 26.13 -14.29 -13.47
CA ASN B 333 27.04 -13.80 -14.48
C ASN B 333 27.89 -14.93 -15.12
N SER B 334 27.30 -16.14 -15.18
CA SER B 334 27.80 -17.20 -16.03
C SER B 334 26.77 -17.58 -17.10
N GLY B 335 27.27 -17.74 -18.33
CA GLY B 335 26.52 -18.41 -19.39
C GLY B 335 27.44 -19.19 -20.32
N ALA B 336 26.84 -19.76 -21.36
CA ALA B 336 27.56 -20.46 -22.43
C ALA B 336 26.71 -20.30 -23.69
N GLY B 337 27.10 -20.94 -24.79
CA GLY B 337 26.40 -20.75 -26.06
C GLY B 337 25.26 -21.73 -26.23
N ASP B 338 25.41 -22.93 -25.69
CA ASP B 338 24.54 -24.04 -25.99
C ASP B 338 23.40 -24.05 -24.96
N PHE B 339 22.16 -24.18 -25.45
CA PHE B 339 20.97 -24.14 -24.61
C PHE B 339 21.00 -25.21 -23.51
N GLU B 340 21.71 -26.30 -23.77
CA GLU B 340 21.75 -27.46 -22.92
C GLU B 340 22.98 -27.49 -21.99
N SER B 341 23.86 -26.50 -22.13
CA SER B 341 25.00 -26.35 -21.24
C SER B 341 24.50 -25.97 -19.83
N PHE B 342 25.16 -26.53 -18.81
CA PHE B 342 24.85 -26.23 -17.44
C PHE B 342 24.88 -24.72 -17.18
N TYR B 343 25.80 -24.02 -17.86
CA TYR B 343 25.99 -22.59 -17.64
C TYR B 343 24.83 -21.73 -18.15
N LEU B 344 23.92 -22.34 -18.92
CA LEU B 344 22.65 -21.71 -19.27
C LEU B 344 21.50 -22.38 -18.53
N LYS B 345 21.26 -23.65 -18.86
CA LYS B 345 20.12 -24.43 -18.37
C LYS B 345 20.13 -24.66 -16.85
N GLY B 346 21.33 -24.65 -16.25
CA GLY B 346 21.48 -24.84 -14.82
C GLY B 346 21.04 -23.67 -13.95
N VAL B 347 20.81 -22.49 -14.56
CA VAL B 347 20.27 -21.34 -13.82
C VAL B 347 18.95 -21.70 -13.11
N ASN B 348 18.23 -22.64 -13.72
CA ASN B 348 16.93 -23.12 -13.24
C ASN B 348 17.02 -23.96 -11.97
N GLU B 349 18.19 -24.60 -11.77
CA GLU B 349 18.44 -25.46 -10.60
C GLU B 349 18.30 -24.70 -9.27
N PRO B 350 19.09 -23.62 -9.06
CA PRO B 350 18.88 -22.85 -7.82
C PRO B 350 17.50 -22.17 -7.71
N VAL B 351 16.83 -21.85 -8.83
CA VAL B 351 15.44 -21.34 -8.75
C VAL B 351 14.49 -22.41 -8.20
N ASP B 352 14.68 -23.65 -8.68
CA ASP B 352 13.89 -24.79 -8.23
C ASP B 352 14.09 -24.99 -6.72
N ARG B 353 15.36 -25.09 -6.33
CA ARG B 353 15.77 -25.22 -4.94
C ARG B 353 15.25 -24.09 -4.06
N VAL B 354 15.37 -22.85 -4.52
CA VAL B 354 14.82 -21.71 -3.77
C VAL B 354 13.31 -21.86 -3.52
N LEU B 355 12.56 -22.23 -4.57
CA LEU B 355 11.11 -22.35 -4.43
C LEU B 355 10.70 -23.52 -3.54
N GLU B 356 11.49 -24.61 -3.56
CA GLU B 356 11.29 -25.74 -2.64
C GLU B 356 11.48 -25.30 -1.19
N ALA B 357 12.57 -24.56 -0.96
CA ALA B 357 12.94 -24.10 0.38
C ALA B 357 11.83 -23.25 0.99
N ILE B 358 11.20 -22.40 0.17
CA ILE B 358 10.07 -21.56 0.57
C ILE B 358 8.86 -22.42 1.00
N LYS B 359 8.54 -23.43 0.20
CA LYS B 359 7.49 -24.41 0.51
C LYS B 359 7.74 -25.12 1.87
N ASN B 360 9.01 -25.41 2.17
CA ASN B 360 9.38 -26.04 3.44
C ASN B 360 9.45 -25.06 4.63
N SER B 361 9.39 -23.76 4.35
CA SER B 361 9.34 -22.77 5.43
C SER B 361 7.91 -22.67 5.98
N ARG B 362 6.95 -22.56 5.06
CA ARG B 362 5.53 -22.44 5.38
C ARG B 362 4.94 -23.77 5.89
N SER B 363 4.93 -23.92 7.22
CA SER B 363 4.49 -25.14 7.89
C SER B 363 3.32 -24.82 8.85
N ASP C 3 -6.52 -5.22 34.73
CA ASP C 3 -7.17 -5.14 33.38
C ASP C 3 -6.29 -4.43 32.35
N LEU C 4 -5.77 -3.26 32.72
CA LEU C 4 -4.77 -2.55 31.91
C LEU C 4 -3.52 -3.43 31.80
N ASN C 5 -3.15 -4.06 32.91
CA ASN C 5 -2.07 -5.02 32.95
C ASN C 5 -2.14 -6.05 31.84
N ASN C 6 -3.32 -6.63 31.64
CA ASN C 6 -3.49 -7.74 30.71
C ASN C 6 -3.47 -7.29 29.26
N ALA C 7 -4.10 -6.15 28.98
CA ALA C 7 -3.99 -5.50 27.67
C ALA C 7 -2.51 -5.21 27.35
N ILE C 8 -1.76 -4.72 28.33
CA ILE C 8 -0.35 -4.41 28.15
C ILE C 8 0.50 -5.67 27.90
N GLN C 9 0.34 -6.69 28.74
CA GLN C 9 1.04 -7.97 28.56
C GLN C 9 0.81 -8.56 27.17
N GLY C 10 -0.44 -8.49 26.69
CA GLY C 10 -0.78 -9.01 25.38
C GLY C 10 -0.11 -8.24 24.25
N ILE C 11 -0.06 -6.91 24.38
CA ILE C 11 0.66 -6.07 23.42
C ILE C 11 2.12 -6.54 23.28
N LEU C 12 2.79 -6.76 24.40
CA LEU C 12 4.17 -7.23 24.44
C LEU C 12 4.32 -8.66 23.91
N ASP C 13 3.43 -9.56 24.38
CA ASP C 13 3.40 -10.96 23.94
C ASP C 13 3.24 -11.04 22.42
N ASP C 14 2.30 -10.26 21.87
CA ASP C 14 2.09 -10.17 20.43
C ASP C 14 3.31 -9.65 19.67
N HIS C 15 4.13 -8.83 20.33
CA HIS C 15 5.29 -8.22 19.69
C HIS C 15 6.43 -9.22 19.60
N VAL C 16 6.65 -9.99 20.67
CA VAL C 16 7.65 -11.04 20.65
C VAL C 16 7.26 -12.24 19.76
N ALA C 17 5.96 -12.49 19.61
CA ALA C 17 5.48 -13.49 18.65
C ALA C 17 5.71 -13.02 17.23
N ARG C 18 5.80 -11.71 17.05
CA ARG C 18 6.07 -11.13 15.73
C ARG C 18 7.53 -11.27 15.29
N GLY C 19 8.36 -11.80 16.18
CA GLY C 19 9.77 -12.07 15.83
C GLY C 19 10.81 -11.22 16.53
N VAL C 20 10.36 -10.37 17.48
CA VAL C 20 11.24 -9.70 18.41
C VAL C 20 11.59 -10.64 19.56
N VAL C 21 12.87 -10.77 19.88
CA VAL C 21 13.38 -11.70 20.89
C VAL C 21 12.82 -11.49 22.34
N GLY C 22 12.93 -10.26 22.84
CA GLY C 22 12.44 -9.89 24.17
C GLY C 22 12.13 -8.40 24.35
N VAL C 23 11.34 -8.09 25.36
CA VAL C 23 10.91 -6.72 25.65
C VAL C 23 10.77 -6.54 27.16
N SER C 24 11.10 -5.35 27.62
CA SER C 24 11.02 -4.97 29.02
C SER C 24 10.40 -3.58 29.01
N LEU C 25 9.26 -3.43 29.67
CA LEU C 25 8.61 -2.14 29.77
C LEU C 25 8.52 -1.71 31.23
N ALA C 26 8.69 -0.41 31.45
CA ALA C 26 8.25 0.22 32.69
C ALA C 26 7.22 1.30 32.35
N LEU C 27 6.13 1.33 33.11
CA LEU C 27 5.08 2.31 32.91
C LEU C 27 4.57 2.81 34.25
N CYS C 28 4.47 4.12 34.39
CA CYS C 28 3.93 4.72 35.56
C CYS C 28 2.80 5.66 35.13
N LEU C 29 1.75 5.70 35.94
CA LEU C 29 0.63 6.62 35.68
C LEU C 29 0.60 7.61 36.84
N PRO C 30 0.09 8.83 36.63
CA PRO C 30 0.03 9.81 37.71
C PRO C 30 -0.67 9.27 38.95
N GLY C 31 -0.08 9.55 40.10
CA GLY C 31 -0.58 9.06 41.38
C GLY C 31 -0.34 7.59 41.72
N GLU C 32 0.18 6.81 40.78
CA GLU C 32 0.48 5.38 40.97
C GLU C 32 1.99 5.17 41.07
N GLU C 33 2.38 3.93 41.34
CA GLU C 33 3.79 3.53 41.32
C GLU C 33 4.08 2.78 40.02
N THR C 34 5.34 2.78 39.62
CA THR C 34 5.75 2.15 38.36
C THR C 34 5.36 0.66 38.33
N SER C 35 4.78 0.22 37.20
CA SER C 35 4.53 -1.18 36.92
C SER C 35 5.48 -1.69 35.84
N LEU C 36 6.01 -2.90 36.06
CA LEU C 36 6.96 -3.56 35.14
C LEU C 36 6.34 -4.75 34.42
N TYR C 37 6.66 -4.88 33.13
CA TYR C 37 6.18 -5.96 32.27
C TYR C 37 7.35 -6.39 31.39
N GLN C 38 7.49 -7.70 31.20
CA GLN C 38 8.45 -8.23 30.25
C GLN C 38 7.80 -9.37 29.49
N SER C 39 8.26 -9.58 28.27
CA SER C 39 7.90 -10.75 27.50
C SER C 39 9.18 -11.23 26.82
N GLY C 40 9.18 -12.48 26.35
CA GLY C 40 10.30 -13.05 25.58
C GLY C 40 11.52 -13.36 26.41
N TYR C 41 12.70 -13.33 25.78
CA TYR C 41 13.96 -13.67 26.43
C TYR C 41 14.96 -12.53 26.53
N ALA C 42 15.76 -12.54 27.58
CA ALA C 42 16.99 -11.76 27.61
C ALA C 42 18.11 -12.45 26.82
N ASP C 43 18.17 -13.78 26.89
CA ASP C 43 19.19 -14.58 26.19
C ASP C 43 18.49 -15.61 25.30
N LYS C 44 18.54 -15.40 23.99
CA LYS C 44 17.83 -16.25 23.04
C LYS C 44 18.32 -17.69 23.11
N PHE C 45 19.64 -17.86 23.13
CA PHE C 45 20.21 -19.18 22.89
C PHE C 45 20.17 -20.07 24.12
N ASN C 46 20.44 -19.47 25.28
CA ASN C 46 20.33 -20.13 26.57
C ASN C 46 18.92 -20.01 27.18
N LYS C 47 17.97 -19.55 26.38
CA LYS C 47 16.56 -19.45 26.77
C LYS C 47 16.34 -18.81 28.14
N MET C 48 17.09 -17.74 28.43
CA MET C 48 16.92 -17.00 29.68
C MET C 48 15.79 -15.96 29.53
N PRO C 49 14.72 -16.09 30.33
CA PRO C 49 13.62 -15.14 30.18
C PRO C 49 13.97 -13.70 30.60
N MET C 50 13.38 -12.73 29.90
CA MET C 50 13.51 -11.33 30.23
C MET C 50 12.82 -11.02 31.55
N THR C 51 13.53 -10.28 32.41
CA THR C 51 13.00 -9.75 33.67
C THR C 51 13.16 -8.22 33.73
N GLY C 52 12.61 -7.62 34.79
CA GLY C 52 12.62 -6.17 34.94
C GLY C 52 13.94 -5.72 35.54
N ASP C 53 14.80 -6.69 35.82
CA ASP C 53 16.12 -6.42 36.35
C ASP C 53 17.23 -6.42 35.31
N HIS C 54 16.92 -6.86 34.10
CA HIS C 54 17.87 -6.84 33.00
C HIS C 54 18.22 -5.41 32.57
N LEU C 55 19.51 -5.22 32.27
CA LEU C 55 20.09 -3.97 31.83
C LEU C 55 20.08 -3.89 30.31
N PHE C 56 19.96 -2.68 29.77
CA PHE C 56 20.06 -2.44 28.33
C PHE C 56 20.92 -1.23 28.02
N ARG C 57 21.50 -1.24 26.82
CA ARG C 57 22.14 -0.08 26.24
C ARG C 57 21.04 0.85 25.70
N ILE C 58 20.94 2.03 26.31
CA ILE C 58 19.81 2.93 26.03
C ILE C 58 20.15 3.88 24.89
N ALA C 59 21.41 3.83 24.43
CA ALA C 59 21.80 4.55 23.21
C ALA C 59 21.48 6.04 23.32
N SER C 60 20.83 6.64 22.31
CA SER C 60 20.58 8.08 22.31
C SER C 60 19.68 8.62 23.44
N CYS C 61 18.98 7.73 24.16
CA CYS C 61 18.28 8.16 25.37
C CYS C 61 19.27 8.80 26.35
N THR C 62 20.54 8.40 26.26
CA THR C 62 21.65 9.07 26.93
C THR C 62 21.63 10.59 26.76
N LYS C 63 21.13 11.06 25.61
CA LYS C 63 21.17 12.50 25.28
C LYS C 63 20.36 13.36 26.24
N SER C 64 19.29 12.79 26.77
CA SER C 64 18.42 13.51 27.70
C SER C 64 19.10 13.77 29.02
N PHE C 65 19.94 12.82 29.45
CA PHE C 65 20.74 12.93 30.67
C PHE C 65 21.88 13.93 30.48
N ILE C 66 22.58 13.80 29.35
CA ILE C 66 23.64 14.75 28.99
C ILE C 66 23.09 16.18 28.91
N ALA C 67 21.95 16.35 28.22
CA ALA C 67 21.33 17.65 28.13
C ALA C 67 20.96 18.16 29.52
N THR C 68 20.36 17.29 30.34
CA THR C 68 19.98 17.63 31.72
C THR C 68 21.18 18.13 32.52
N GLY C 69 22.31 17.43 32.41
CA GLY C 69 23.54 17.80 33.10
C GLY C 69 24.13 19.13 32.66
N LEU C 70 23.93 19.49 31.40
CA LEU C 70 24.39 20.76 30.89
C LEU C 70 23.46 21.90 31.36
N HIS C 71 22.13 21.67 31.29
CA HIS C 71 21.13 22.58 31.86
C HIS C 71 21.32 22.82 33.36
N LEU C 72 21.86 21.83 34.06
CA LEU C 72 22.26 22.04 35.46
C LEU C 72 23.38 23.08 35.61
N LEU C 73 24.40 22.99 34.76
CA LEU C 73 25.44 24.00 34.73
C LEU C 73 24.91 25.38 34.30
N VAL C 74 23.87 25.41 33.48
CA VAL C 74 23.22 26.65 33.13
C VAL C 74 22.59 27.27 34.38
N GLN C 75 21.80 26.47 35.09
CA GLN C 75 21.18 26.87 36.37
C GLN C 75 22.21 27.37 37.36
N ASP C 76 23.35 26.70 37.43
CA ASP C 76 24.47 27.10 38.28
C ASP C 76 25.04 28.46 37.89
N GLY C 77 24.88 28.86 36.62
CA GLY C 77 25.42 30.16 36.15
C GLY C 77 26.76 30.04 35.42
N THR C 78 27.25 28.81 35.32
CA THR C 78 28.55 28.51 34.70
C THR C 78 28.46 28.60 33.18
N VAL C 79 27.30 28.23 32.66
CA VAL C 79 27.08 28.14 31.23
C VAL C 79 25.81 28.90 30.86
N ASP C 80 25.82 29.54 29.69
CA ASP C 80 24.70 30.30 29.17
C ASP C 80 24.33 29.64 27.83
N LEU C 81 23.07 29.23 27.67
CA LEU C 81 22.67 28.50 26.45
C LEU C 81 22.91 29.28 25.18
N ASP C 82 23.02 30.60 25.30
CA ASP C 82 23.23 31.45 24.14
C ASP C 82 24.65 31.98 23.93
N GLU C 83 25.59 31.58 24.78
CA GLU C 83 26.98 32.01 24.57
C GLU C 83 27.68 31.13 23.49
N PRO C 84 28.64 31.72 22.74
CA PRO C 84 29.32 30.94 21.70
C PRO C 84 30.21 29.85 22.34
N ILE C 85 30.30 28.69 21.69
CA ILE C 85 31.10 27.59 22.22
C ILE C 85 32.62 27.74 21.98
N THR C 86 33.01 28.84 21.32
CA THR C 86 34.44 29.19 21.17
C THR C 86 35.18 29.18 22.50
N ARG C 87 34.44 29.40 23.58
CA ARG C 87 34.98 29.43 24.92
C ARG C 87 35.64 28.08 25.26
N TRP C 88 35.07 26.99 24.75
CA TRP C 88 35.60 25.66 25.00
C TRP C 88 36.32 25.10 23.79
N PHE C 89 35.87 25.47 22.59
CA PHE C 89 36.38 24.89 21.35
C PHE C 89 36.85 25.99 20.37
N PRO C 90 37.88 26.78 20.77
CA PRO C 90 38.31 27.89 19.88
C PRO C 90 38.92 27.44 18.53
N ASP C 91 39.31 26.17 18.43
CA ASP C 91 39.88 25.60 17.21
C ASP C 91 38.86 24.82 16.37
N LEU C 92 37.60 24.87 16.77
CA LEU C 92 36.52 24.22 16.03
C LEU C 92 35.99 25.12 14.90
N PRO C 93 36.05 24.65 13.65
CA PRO C 93 35.47 25.49 12.59
C PRO C 93 34.03 25.90 12.89
N LYS C 94 33.78 27.20 12.77
CA LYS C 94 32.45 27.82 12.89
C LYS C 94 31.91 27.83 14.31
N ALA C 95 32.78 27.57 15.29
CA ALA C 95 32.36 27.63 16.70
C ALA C 95 31.77 28.99 17.12
N ALA C 96 32.27 30.08 16.52
CA ALA C 96 31.82 31.42 16.89
C ALA C 96 30.35 31.62 16.54
N GLN C 97 29.85 30.84 15.59
CA GLN C 97 28.44 30.87 15.19
C GLN C 97 27.62 29.78 15.87
N MET C 98 28.15 29.13 16.89
CA MET C 98 27.42 28.06 17.54
C MET C 98 27.20 28.40 19.00
N PRO C 99 25.98 28.88 19.35
CA PRO C 99 25.63 29.05 20.78
C PRO C 99 25.53 27.67 21.45
N VAL C 100 25.67 27.62 22.77
CA VAL C 100 25.68 26.34 23.51
C VAL C 100 24.46 25.49 23.16
N ARG C 101 23.28 26.12 23.13
CA ARG C 101 22.02 25.43 22.84
C ARG C 101 22.04 24.63 21.53
N ILE C 102 22.80 25.10 20.53
CA ILE C 102 22.83 24.47 19.21
C ILE C 102 23.45 23.05 19.24
N LEU C 103 24.12 22.71 20.36
CA LEU C 103 24.71 21.39 20.53
C LEU C 103 23.64 20.39 20.91
N LEU C 104 22.56 20.93 21.46
CA LEU C 104 21.48 20.14 22.05
C LEU C 104 20.28 19.95 21.14
N ASN C 105 20.15 20.82 20.15
CA ASN C 105 18.91 20.97 19.38
C ASN C 105 18.98 20.48 17.94
N HIS C 106 20.06 19.76 17.62
CA HIS C 106 20.28 19.12 16.31
C HIS C 106 20.27 20.06 15.10
N ARG C 107 20.66 21.31 15.32
CA ARG C 107 20.74 22.28 14.23
C ARG C 107 22.15 22.86 14.04
N SER C 108 23.17 22.19 14.57
CA SER C 108 24.52 22.77 14.62
C SER C 108 25.22 22.72 13.27
N GLY C 109 24.81 21.77 12.43
CA GLY C 109 25.52 21.45 11.19
C GLY C 109 26.79 20.64 11.38
N LEU C 110 27.06 20.23 12.63
CA LEU C 110 28.30 19.51 12.94
C LEU C 110 28.37 18.26 12.08
N PRO C 111 29.58 17.91 11.60
CA PRO C 111 29.71 16.69 10.82
C PRO C 111 29.51 15.52 11.78
N ASP C 112 28.92 14.43 11.31
CA ASP C 112 28.59 13.31 12.19
C ASP C 112 29.52 12.11 12.01
N PHE C 113 29.67 11.28 13.06
CA PHE C 113 30.57 10.14 13.05
C PHE C 113 29.92 8.77 12.93
N GLU C 114 28.65 8.70 13.29
CA GLU C 114 28.04 7.42 13.63
C GLU C 114 28.02 6.44 12.45
N THR C 115 27.76 6.99 11.28
CA THR C 115 27.54 6.21 10.09
C THR C 115 28.86 5.57 9.56
N SER C 116 30.00 6.15 9.93
CA SER C 116 31.30 5.67 9.48
C SER C 116 32.06 4.94 10.58
N MET C 117 31.62 5.11 11.82
CA MET C 117 32.36 4.54 12.93
C MET C 117 32.13 3.03 12.93
N PRO C 118 33.23 2.23 12.97
CA PRO C 118 33.12 0.78 13.05
C PRO C 118 32.34 0.34 14.29
N MET C 119 31.24 -0.35 14.06
CA MET C 119 30.42 -0.87 15.15
C MET C 119 31.08 -2.07 15.82
N ILE C 120 31.88 -2.83 15.09
CA ILE C 120 32.54 -4.01 15.64
C ILE C 120 34.02 -3.72 15.84
N SER C 121 34.40 -3.52 17.09
CA SER C 121 35.68 -2.91 17.39
C SER C 121 35.99 -3.14 18.85
N ASP C 122 37.27 -3.09 19.21
CA ASP C 122 37.63 -3.09 20.62
C ASP C 122 38.25 -1.76 21.03
N LYS C 123 38.24 -0.80 20.11
CA LYS C 123 38.85 0.53 20.36
C LYS C 123 38.30 1.23 21.59
N SER C 124 39.21 1.78 22.39
CA SER C 124 38.85 2.66 23.48
C SER C 124 38.94 4.10 22.97
N TRP C 125 37.77 4.70 22.69
CA TRP C 125 37.71 6.04 22.14
C TRP C 125 37.83 7.12 23.20
N THR C 126 38.38 8.23 22.76
CA THR C 126 38.45 9.45 23.53
C THR C 126 37.43 10.43 22.84
N ALA C 127 36.92 11.41 23.58
CA ALA C 127 35.99 12.41 23.00
C ALA C 127 36.61 13.17 21.80
N GLN C 128 37.88 13.60 21.92
CA GLN C 128 38.56 14.30 20.82
C GLN C 128 38.71 13.41 19.59
N GLU C 129 39.07 12.14 19.80
CA GLU C 129 39.15 11.18 18.70
C GLU C 129 37.82 11.07 17.93
N ILE C 130 36.71 11.12 18.65
CA ILE C 130 35.39 11.09 18.01
C ILE C 130 35.16 12.34 17.18
N VAL C 131 35.49 13.50 17.75
CA VAL C 131 35.39 14.79 17.07
C VAL C 131 36.33 14.81 15.85
N ASP C 132 37.56 14.35 16.01
CA ASP C 132 38.51 14.29 14.90
C ASP C 132 37.91 13.42 13.83
N PHE C 133 37.45 12.23 14.23
CA PHE C 133 36.86 11.25 13.31
C PHE C 133 35.64 11.82 12.55
N SER C 134 34.78 12.55 13.26
CA SER C 134 33.60 13.22 12.65
C SER C 134 34.02 14.17 11.52
N PHE C 135 35.08 14.94 11.75
CA PHE C 135 35.51 15.91 10.75
C PHE C 135 36.19 15.25 9.56
N ARG C 136 36.86 14.12 9.79
CA ARG C 136 37.44 13.36 8.67
C ARG C 136 36.36 12.72 7.82
N HIS C 137 35.25 12.38 8.42
CA HIS C 137 34.32 11.44 7.77
C HIS C 137 32.99 12.00 7.36
N GLY C 138 32.49 12.96 8.15
CA GLY C 138 31.18 13.55 7.90
C GLY C 138 31.30 14.87 7.17
N VAL C 139 30.19 15.59 7.09
CA VAL C 139 30.15 16.85 6.33
C VAL C 139 29.61 18.00 7.21
N GLN C 140 30.39 19.08 7.34
CA GLN C 140 29.94 20.22 8.12
C GLN C 140 29.02 21.14 7.33
N LYS C 141 27.80 21.34 7.85
CA LYS C 141 26.94 22.37 7.30
C LYS C 141 27.00 23.63 8.16
N GLU C 142 26.27 24.65 7.73
CA GLU C 142 26.21 25.91 8.45
C GLU C 142 25.33 25.72 9.68
N PRO C 143 25.72 26.34 10.81
CA PRO C 143 24.85 26.41 11.99
C PRO C 143 23.46 26.91 11.60
N TRP C 144 22.40 26.25 12.11
CA TRP C 144 21.01 26.68 11.83
C TRP C 144 20.55 26.40 10.40
N HIS C 145 21.37 25.68 9.63
CA HIS C 145 20.99 25.24 8.29
C HIS C 145 19.58 24.62 8.24
N GLY C 146 19.18 23.98 9.34
CA GLY C 146 17.96 23.17 9.39
C GLY C 146 18.17 22.10 10.44
N MET C 147 17.26 21.14 10.53
CA MET C 147 17.44 20.06 11.50
C MET C 147 18.06 18.83 10.84
N GLU C 148 19.19 18.41 11.37
CA GLU C 148 19.74 17.11 11.02
C GLU C 148 20.34 16.54 12.30
N TYR C 149 19.85 15.36 12.67
CA TYR C 149 20.24 14.68 13.91
C TYR C 149 21.78 14.62 14.12
N SER C 150 22.23 15.15 15.25
CA SER C 150 23.65 15.29 15.51
C SER C 150 24.08 14.62 16.82
N ASN C 151 24.90 13.57 16.68
CA ASN C 151 25.56 12.93 17.81
C ASN C 151 26.72 13.78 18.29
N THR C 152 27.45 14.37 17.34
CA THR C 152 28.68 15.16 17.61
C THR C 152 28.37 16.34 18.53
N GLY C 153 27.22 16.97 18.32
CA GLY C 153 26.73 18.00 19.23
C GLY C 153 26.77 17.58 20.68
N TYR C 154 26.35 16.35 20.96
CA TYR C 154 26.30 15.83 22.32
C TYR C 154 27.64 15.40 22.89
N VAL C 155 28.52 14.87 22.03
CA VAL C 155 29.93 14.67 22.42
C VAL C 155 30.58 16.01 22.86
N LEU C 156 30.37 17.09 22.10
CA LEU C 156 30.87 18.42 22.53
C LEU C 156 30.22 18.91 23.85
N ALA C 157 28.94 18.61 24.05
CA ALA C 157 28.24 18.97 25.31
C ALA C 157 28.84 18.22 26.50
N GLY C 158 29.18 16.95 26.28
CA GLY C 158 29.89 16.15 27.25
C GLY C 158 31.21 16.76 27.67
N MET C 159 31.96 17.28 26.69
CA MET C 159 33.27 17.90 26.91
C MET C 159 33.14 19.20 27.67
N ILE C 160 32.03 19.91 27.46
CA ILE C 160 31.77 21.13 28.24
C ILE C 160 31.58 20.73 29.69
N ILE C 161 30.76 19.71 29.91
CA ILE C 161 30.53 19.23 31.26
C ILE C 161 31.86 18.86 31.92
N ALA C 162 32.66 18.06 31.23
CA ALA C 162 33.93 17.61 31.79
C ALA C 162 34.87 18.78 32.11
N HIS C 163 34.94 19.74 31.20
CA HIS C 163 35.82 20.87 31.38
C HIS C 163 35.42 21.71 32.58
N GLU C 164 34.13 21.98 32.76
CA GLU C 164 33.67 22.86 33.84
C GLU C 164 33.72 22.20 35.22
N THR C 165 33.55 20.89 35.25
CA THR C 165 33.44 20.20 36.52
C THR C 165 34.81 19.64 36.97
N GLY C 166 35.76 19.59 36.03
CA GLY C 166 37.09 19.01 36.25
C GLY C 166 37.16 17.50 36.31
N LYS C 167 36.07 16.83 35.91
CA LYS C 167 35.90 15.41 36.07
C LYS C 167 35.15 14.85 34.85
N PRO C 168 35.25 13.53 34.61
CA PRO C 168 34.44 12.95 33.56
C PRO C 168 32.94 13.32 33.71
N TYR C 169 32.24 13.46 32.58
CA TYR C 169 30.82 13.86 32.61
C TYR C 169 29.98 12.85 33.39
N SER C 170 30.44 11.60 33.46
CA SER C 170 29.76 10.57 34.25
C SER C 170 29.62 10.96 35.72
N ASP C 171 30.62 11.63 36.27
CA ASP C 171 30.56 12.08 37.65
C ASP C 171 29.44 13.11 37.90
N HIS C 172 29.25 14.01 36.95
CA HIS C 172 28.22 15.04 37.02
C HIS C 172 26.83 14.38 37.00
N LEU C 173 26.63 13.45 36.07
CA LEU C 173 25.37 12.73 35.94
C LEU C 173 25.07 11.89 37.18
N ARG C 174 26.07 11.19 37.70
CA ARG C 174 25.90 10.35 38.89
C ARG C 174 25.56 11.19 40.12
N SER C 175 26.42 12.17 40.45
CA SER C 175 26.24 12.99 41.64
C SER C 175 25.02 13.90 41.61
N ARG C 176 24.67 14.41 40.44
CA ARG C 176 23.51 15.33 40.33
C ARG C 176 22.22 14.65 39.82
N ILE C 177 22.32 13.46 39.23
CA ILE C 177 21.13 12.79 38.68
C ILE C 177 20.90 11.42 39.29
N PHE C 178 21.77 10.46 39.00
CA PHE C 178 21.55 9.07 39.44
C PHE C 178 21.42 8.92 40.97
N ALA C 179 22.38 9.49 41.70
CA ALA C 179 22.44 9.31 43.15
C ALA C 179 21.27 9.94 43.87
N PRO C 180 20.94 11.24 43.58
CA PRO C 180 19.74 11.88 44.19
C PRO C 180 18.40 11.17 43.95
N LEU C 181 18.32 10.39 42.89
CA LEU C 181 17.07 9.74 42.49
C LEU C 181 17.06 8.25 42.74
N GLY C 182 18.09 7.72 43.38
CA GLY C 182 18.13 6.30 43.69
C GLY C 182 18.21 5.44 42.44
N MET C 183 18.85 5.97 41.38
CA MET C 183 19.10 5.16 40.18
C MET C 183 20.32 4.24 40.42
N LYS C 184 20.05 3.04 40.89
CA LYS C 184 21.12 2.13 41.22
C LYS C 184 21.50 1.18 40.09
N ASP C 185 20.68 1.13 39.04
CA ASP C 185 20.90 0.20 37.92
C ASP C 185 21.29 0.92 36.61
N THR C 186 22.04 2.00 36.76
CA THR C 186 22.30 2.90 35.65
C THR C 186 23.78 3.23 35.67
N TRP C 187 24.40 3.21 34.49
CA TRP C 187 25.83 3.50 34.35
C TRP C 187 26.10 4.29 33.05
N VAL C 188 27.24 4.98 33.03
CA VAL C 188 27.72 5.74 31.89
C VAL C 188 28.91 4.98 31.35
N GLY C 189 28.71 4.28 30.23
CA GLY C 189 29.63 3.25 29.75
C GLY C 189 31.02 3.68 29.32
N THR C 190 31.20 4.93 28.91
CA THR C 190 32.53 5.43 28.54
C THR C 190 33.48 5.51 29.76
N HIS C 191 32.92 5.80 30.93
CA HIS C 191 33.70 6.13 32.12
C HIS C 191 33.48 5.22 33.33
N GLU C 192 32.52 4.32 33.20
CA GLU C 192 32.16 3.42 34.29
C GLU C 192 31.99 1.98 33.80
N THR C 193 32.44 1.06 34.64
CA THR C 193 32.10 -0.36 34.50
C THR C 193 30.69 -0.57 34.98
N PHE C 194 29.92 -1.33 34.21
CA PHE C 194 28.60 -1.84 34.60
C PHE C 194 28.66 -3.38 34.54
N PRO C 195 27.85 -4.07 35.35
CA PRO C 195 27.93 -5.55 35.37
C PRO C 195 27.32 -6.21 34.12
N ILE C 196 28.19 -6.67 33.22
CA ILE C 196 27.81 -7.25 31.94
C ILE C 196 26.91 -8.49 32.05
N GLU C 197 27.09 -9.27 33.13
CA GLU C 197 26.31 -10.48 33.32
C GLU C 197 24.81 -10.18 33.53
N ARG C 198 24.53 -8.96 34.00
CA ARG C 198 23.16 -8.45 34.21
C ARG C 198 22.43 -7.94 32.95
N GLU C 199 23.19 -7.56 31.93
CA GLU C 199 22.63 -7.00 30.69
C GLU C 199 21.89 -8.05 29.89
N ALA C 200 20.74 -7.69 29.32
CA ALA C 200 20.08 -8.52 28.33
C ALA C 200 20.99 -8.59 27.11
N ARG C 201 21.03 -9.74 26.41
CA ARG C 201 21.80 -9.82 25.18
C ARG C 201 21.06 -9.02 24.10
N GLY C 202 21.80 -8.44 23.17
CA GLY C 202 21.22 -7.75 22.02
C GLY C 202 21.35 -8.58 20.76
N TYR C 203 20.30 -8.56 19.94
CA TYR C 203 20.26 -9.34 18.73
C TYR C 203 20.04 -8.45 17.51
N MET C 204 20.93 -8.59 16.53
CA MET C 204 20.72 -8.03 15.19
C MET C 204 20.11 -9.10 14.28
N HIS C 205 19.06 -8.72 13.56
CA HIS C 205 18.37 -9.66 12.69
C HIS C 205 18.83 -9.55 11.25
N ALA C 206 18.79 -10.69 10.54
CA ALA C 206 19.01 -10.73 9.10
C ALA C 206 17.74 -11.20 8.38
N ASP C 210 17.45 -4.48 4.84
CA ASP C 210 18.52 -3.54 5.15
C ASP C 210 19.16 -2.92 3.90
N GLU C 211 18.35 -2.39 3.00
CA GLU C 211 18.85 -1.71 1.79
C GLU C 211 19.69 -0.49 2.10
N ASN C 212 19.34 0.22 3.18
CA ASN C 212 19.97 1.46 3.58
C ASN C 212 20.56 1.40 5.00
N PRO C 213 21.74 0.74 5.13
CA PRO C 213 22.27 0.38 6.44
C PRO C 213 22.97 1.57 7.08
N GLN C 214 22.57 1.88 8.31
CA GLN C 214 23.10 3.06 8.98
C GLN C 214 24.50 2.87 9.56
N TRP C 215 24.93 1.61 9.72
CA TRP C 215 26.22 1.33 10.37
C TRP C 215 27.17 0.46 9.55
N ASP C 216 28.47 0.72 9.73
CA ASP C 216 29.52 -0.20 9.33
C ASP C 216 29.55 -1.35 10.35
N VAL C 217 28.99 -2.50 9.96
CA VAL C 217 28.92 -3.66 10.84
C VAL C 217 29.77 -4.81 10.33
N SER C 218 30.73 -4.48 9.46
CA SER C 218 31.66 -5.48 8.91
C SER C 218 32.48 -6.15 10.01
N GLY C 219 32.80 -7.42 9.81
CA GLY C 219 33.49 -8.21 10.83
C GLY C 219 32.55 -8.98 11.73
N ALA C 220 31.28 -9.05 11.34
CA ALA C 220 30.27 -9.74 12.13
C ALA C 220 30.35 -11.25 11.92
N GLY C 221 30.91 -11.65 10.79
CA GLY C 221 30.93 -13.05 10.40
C GLY C 221 29.52 -13.52 10.09
N ASP C 222 29.32 -14.84 10.17
CA ASP C 222 28.05 -15.47 9.84
C ASP C 222 27.07 -15.35 11.00
N PRO C 223 25.78 -15.17 10.68
CA PRO C 223 24.73 -15.22 11.70
C PRO C 223 24.42 -16.65 12.13
N VAL C 224 23.77 -16.79 13.30
CA VAL C 224 23.27 -18.08 13.75
C VAL C 224 21.76 -17.97 14.02
N ASP C 225 20.97 -18.76 13.29
CA ASP C 225 19.50 -18.76 13.34
C ASP C 225 18.88 -17.41 12.93
N GLY C 226 19.48 -16.78 11.93
CA GLY C 226 19.06 -15.48 11.41
C GLY C 226 19.34 -14.29 12.31
N VAL C 227 20.34 -14.44 13.18
CA VAL C 227 20.63 -13.49 14.26
C VAL C 227 22.16 -13.39 14.53
N TRP C 228 22.60 -12.21 14.97
CA TRP C 228 23.89 -12.09 15.66
C TRP C 228 23.67 -11.60 17.10
N ASP C 229 24.50 -12.09 18.01
CA ASP C 229 24.55 -11.52 19.35
C ASP C 229 25.50 -10.34 19.24
N SER C 230 24.91 -9.14 19.25
CA SER C 230 25.63 -7.89 19.05
C SER C 230 25.86 -7.10 20.34
N THR C 231 25.54 -7.73 21.47
CA THR C 231 25.66 -7.11 22.80
C THR C 231 26.99 -6.41 22.98
N GLU C 232 28.06 -7.11 22.62
CA GLU C 232 29.39 -6.60 22.84
C GLU C 232 30.16 -6.32 21.56
N TRP C 233 29.44 -6.05 20.47
CA TRP C 233 30.09 -5.57 19.22
C TRP C 233 30.82 -4.24 19.46
N PHE C 234 30.10 -3.29 20.05
CA PHE C 234 30.48 -1.89 20.02
C PHE C 234 30.88 -1.41 21.41
N PRO C 235 32.12 -0.92 21.56
CA PRO C 235 32.54 -0.32 22.83
C PRO C 235 31.73 0.96 23.04
N LEU C 236 31.22 1.15 24.25
CA LEU C 236 30.37 2.31 24.54
C LEU C 236 31.10 3.63 24.46
N SER C 237 32.42 3.59 24.67
CA SER C 237 33.26 4.78 24.46
C SER C 237 33.11 5.41 23.05
N GLY C 238 32.73 4.59 22.07
CA GLY C 238 32.51 5.08 20.71
C GLY C 238 31.28 5.97 20.57
N ALA C 239 30.26 5.70 21.39
CA ALA C 239 29.09 6.55 21.47
C ALA C 239 29.35 7.79 22.37
N ASN C 240 30.23 7.67 23.38
CA ASN C 240 30.50 8.78 24.31
C ASN C 240 29.14 9.41 24.79
N ALA C 241 29.09 10.73 24.94
CA ALA C 241 27.90 11.42 25.45
C ALA C 241 26.71 11.42 24.48
N ALA C 242 26.89 10.83 23.30
CA ALA C 242 25.80 10.69 22.36
C ALA C 242 24.95 9.41 22.58
N GLY C 243 25.50 8.43 23.30
CA GLY C 243 24.78 7.18 23.50
C GLY C 243 25.36 6.08 24.37
N ASP C 244 26.11 6.41 25.40
CA ASP C 244 26.88 5.36 26.12
C ASP C 244 26.26 4.77 27.40
N MET C 245 25.01 5.10 27.72
CA MET C 245 24.46 4.74 29.02
C MET C 245 23.82 3.36 29.01
N VAL C 246 23.89 2.71 30.16
CA VAL C 246 23.28 1.42 30.43
C VAL C 246 22.30 1.63 31.59
N SER C 247 21.13 1.00 31.50
CA SER C 247 20.10 1.22 32.52
C SER C 247 18.98 0.18 32.42
N THR C 248 17.93 0.36 33.23
CA THR C 248 16.75 -0.49 33.17
C THR C 248 15.56 0.40 32.83
N PRO C 249 14.54 -0.15 32.19
CA PRO C 249 13.34 0.65 32.05
C PRO C 249 12.85 1.32 33.37
N ARG C 250 12.94 0.62 34.51
CA ARG C 250 12.48 1.16 35.78
C ARG C 250 13.25 2.42 36.22
N ASP C 251 14.58 2.36 36.15
CA ASP C 251 15.45 3.50 36.43
C ASP C 251 15.17 4.69 35.51
N ILE C 252 14.90 4.41 34.24
CA ILE C 252 14.59 5.46 33.26
C ILE C 252 13.29 6.20 33.61
N VAL C 253 12.27 5.47 34.07
CA VAL C 253 11.01 6.08 34.52
C VAL C 253 11.18 6.92 35.79
N LYS C 254 12.07 6.51 36.72
CA LYS C 254 12.43 7.35 37.87
C LYS C 254 12.90 8.70 37.35
N PHE C 255 13.81 8.64 36.36
CA PHE C 255 14.37 9.86 35.78
C PHE C 255 13.31 10.73 35.11
N LEU C 256 12.52 10.14 34.22
CA LEU C 256 11.48 10.90 33.50
C LEU C 256 10.48 11.56 34.46
N ASN C 257 10.03 10.79 35.46
CA ASN C 257 9.10 11.32 36.46
C ASN C 257 9.72 12.49 37.24
N ALA C 258 10.95 12.34 37.73
CA ALA C 258 11.57 13.41 38.50
C ALA C 258 11.74 14.67 37.64
N LEU C 259 12.16 14.46 36.38
CA LEU C 259 12.43 15.54 35.46
C LEU C 259 11.20 16.36 35.17
N PHE C 260 10.14 15.68 34.77
CA PHE C 260 8.88 16.32 34.47
C PHE C 260 8.13 16.87 35.70
N ASP C 261 8.39 16.31 36.88
CA ASP C 261 7.75 16.79 38.11
C ASP C 261 8.46 17.99 38.74
N GLY C 262 9.54 18.44 38.10
CA GLY C 262 10.24 19.62 38.54
C GLY C 262 11.29 19.35 39.61
N ARG C 263 11.77 18.11 39.71
CA ARG C 263 12.71 17.78 40.80
C ARG C 263 14.19 17.80 40.44
N ILE C 264 14.49 18.05 39.17
CA ILE C 264 15.89 18.11 38.75
C ILE C 264 16.23 19.50 38.23
N LEU C 265 15.51 19.94 37.21
CA LEU C 265 15.73 21.25 36.60
C LEU C 265 14.69 22.21 37.11
N ASP C 266 15.07 23.49 37.18
CA ASP C 266 14.13 24.56 37.49
C ASP C 266 13.22 24.75 36.28
N GLN C 267 12.17 25.55 36.45
CA GLN C 267 11.12 25.69 35.43
C GLN C 267 11.66 26.15 34.07
N LYS C 268 12.57 27.12 34.09
CA LYS C 268 13.18 27.69 32.87
C LYS C 268 13.95 26.66 32.05
N ARG C 269 14.80 25.89 32.73
CA ARG C 269 15.58 24.86 32.06
C ARG C 269 14.77 23.65 31.65
N LEU C 270 13.78 23.28 32.45
CA LEU C 270 12.86 22.26 32.01
C LEU C 270 12.13 22.75 30.75
N TRP C 271 11.74 24.02 30.73
CA TRP C 271 11.07 24.63 29.56
C TRP C 271 11.97 24.62 28.31
N GLU C 272 13.23 25.01 28.48
CA GLU C 272 14.24 24.92 27.41
C GLU C 272 14.32 23.50 26.83
N MET C 273 14.40 22.52 27.71
CA MET C 273 14.45 21.13 27.31
C MET C 273 13.22 20.62 26.54
N LYS C 274 12.04 20.94 27.05
CA LYS C 274 10.81 20.29 26.56
C LYS C 274 9.91 21.16 25.69
N ASP C 275 9.93 22.49 25.90
CA ASP C 275 8.95 23.37 25.25
C ASP C 275 9.53 24.37 24.23
N ASN C 276 10.81 24.64 24.32
CA ASN C 276 11.45 25.51 23.35
C ASN C 276 11.87 24.66 22.16
N ILE C 277 10.89 24.31 21.35
CA ILE C 277 10.99 23.25 20.32
C ILE C 277 10.94 23.79 18.88
N LYS C 278 11.41 22.97 17.95
CA LYS C 278 11.40 23.23 16.52
C LYS C 278 11.24 21.87 15.87
N PRO C 279 10.77 21.84 14.61
CA PRO C 279 10.56 20.57 13.91
C PRO C 279 11.80 19.69 13.87
N ALA C 280 11.58 18.38 13.86
CA ALA C 280 12.67 17.43 13.87
C ALA C 280 12.28 16.20 13.09
N PHE C 281 13.27 15.56 12.46
CA PHE C 281 13.08 14.32 11.75
C PHE C 281 14.07 13.29 12.26
N PHE C 282 13.62 12.05 12.41
CA PHE C 282 14.54 10.93 12.58
C PHE C 282 14.03 9.76 11.74
N PRO C 283 14.87 9.25 10.82
CA PRO C 283 14.34 8.18 9.93
C PRO C 283 13.70 6.99 10.65
N GLY C 284 12.49 6.65 10.20
CA GLY C 284 11.76 5.47 10.66
C GLY C 284 11.01 5.68 11.96
N SER C 285 11.24 6.82 12.61
CA SER C 285 10.70 7.08 13.95
C SER C 285 9.39 7.90 13.87
N ASN C 286 8.79 8.14 15.04
CA ASN C 286 7.60 8.96 15.18
C ASN C 286 7.88 10.44 15.50
N THR C 287 9.16 10.80 15.39
CA THR C 287 9.63 12.14 15.71
C THR C 287 9.05 13.23 14.78
N VAL C 288 8.60 14.33 15.40
CA VAL C 288 8.04 15.50 14.70
C VAL C 288 8.70 16.81 15.15
N ALA C 289 9.31 16.81 16.33
CA ALA C 289 9.92 18.01 16.90
C ALA C 289 10.98 17.66 17.95
N ASN C 290 11.84 18.62 18.29
CA ASN C 290 12.76 18.47 19.44
C ASN C 290 12.96 19.78 20.18
N GLY C 291 13.37 19.71 21.45
CA GLY C 291 13.71 20.91 22.20
C GLY C 291 15.21 20.92 22.40
N HIS C 292 15.66 20.86 23.64
CA HIS C 292 17.09 20.79 23.93
C HIS C 292 17.38 19.64 24.87
N GLY C 293 17.19 18.42 24.35
CA GLY C 293 17.44 17.19 25.09
C GLY C 293 16.25 16.26 25.05
N LEU C 294 15.15 16.69 24.46
CA LEU C 294 13.96 15.84 24.31
C LEU C 294 13.41 15.90 22.89
N LEU C 295 12.97 14.73 22.41
CA LEU C 295 12.23 14.61 21.14
C LEU C 295 10.73 14.60 21.43
N LEU C 296 9.95 15.26 20.58
CA LEU C 296 8.49 15.09 20.57
C LEU C 296 8.14 14.00 19.56
N MET C 297 7.62 12.86 20.05
CA MET C 297 7.27 11.75 19.19
C MET C 297 5.75 11.51 19.23
N ARG C 298 5.17 11.42 18.05
CA ARG C 298 3.72 11.43 17.93
C ARG C 298 3.19 10.02 17.66
N TYR C 299 2.25 9.58 18.50
CA TYR C 299 1.59 8.28 18.35
C TYR C 299 0.05 8.43 18.24
N GLY C 300 -0.38 8.83 17.06
CA GLY C 300 -1.81 9.00 16.80
C GLY C 300 -2.26 10.27 17.47
N SER C 301 -3.12 10.10 18.47
CA SER C 301 -3.61 11.22 19.27
C SER C 301 -2.76 11.47 20.54
N SER C 302 -1.83 10.56 20.84
CA SER C 302 -0.90 10.70 21.96
C SER C 302 0.50 11.12 21.48
N GLU C 303 1.22 11.83 22.34
CA GLU C 303 2.58 12.29 22.04
C GLU C 303 3.45 12.02 23.24
N LEU C 304 4.69 11.59 22.99
CA LEU C 304 5.69 11.46 24.03
C LEU C 304 6.77 12.52 23.89
N LYS C 305 7.19 13.05 25.03
CA LYS C 305 8.34 13.91 25.13
C LYS C 305 9.40 13.03 25.77
N GLY C 306 10.41 12.68 25.01
CA GLY C 306 11.42 11.79 25.53
C GLY C 306 12.52 11.61 24.52
N HIS C 307 12.73 10.35 24.13
CA HIS C 307 13.81 9.99 23.21
C HIS C 307 13.66 8.57 22.66
N LEU C 308 14.36 8.33 21.56
CA LEU C 308 14.51 7.01 20.97
C LEU C 308 15.98 6.61 21.10
N GLY C 309 16.23 5.30 21.16
CA GLY C 309 17.58 4.77 21.14
C GLY C 309 17.75 3.64 20.15
N GLN C 310 18.87 3.68 19.44
CA GLN C 310 19.25 2.56 18.55
C GLN C 310 20.74 2.32 18.67
N ILE C 311 21.10 1.14 19.16
CA ILE C 311 22.50 0.71 19.23
C ILE C 311 22.46 -0.80 18.93
N PRO C 312 23.48 -1.36 18.24
CA PRO C 312 23.18 -2.70 17.66
C PRO C 312 22.59 -3.70 18.66
N GLY C 313 21.35 -4.08 18.40
CA GLY C 313 20.69 -5.09 19.19
C GLY C 313 19.76 -4.58 20.29
N HIS C 314 19.93 -3.34 20.77
CA HIS C 314 19.01 -2.74 21.77
C HIS C 314 18.29 -1.50 21.22
N THR C 315 16.97 -1.53 21.27
CA THR C 315 16.10 -0.57 20.59
C THR C 315 15.06 -0.10 21.63
N SER C 316 15.13 1.19 21.98
CA SER C 316 14.43 1.76 23.12
C SER C 316 13.58 2.94 22.72
N ILE C 317 12.48 3.15 23.44
CA ILE C 317 11.66 4.35 23.32
C ILE C 317 11.32 4.76 24.76
N MET C 318 11.63 6.01 25.10
CA MET C 318 11.23 6.56 26.40
C MET C 318 10.46 7.86 26.28
N GLY C 319 9.56 8.12 27.20
CA GLY C 319 8.88 9.39 27.20
C GLY C 319 7.85 9.60 28.27
N ARG C 320 7.52 10.87 28.46
CA ARG C 320 6.40 11.30 29.28
C ARG C 320 5.28 11.80 28.38
N ASP C 321 4.06 11.34 28.63
CA ASP C 321 2.89 11.90 27.97
C ASP C 321 2.40 13.09 28.80
N GLU C 322 2.56 14.29 28.28
CA GLU C 322 2.27 15.50 29.07
C GLU C 322 0.79 15.72 29.34
N GLU C 323 -0.05 15.12 28.49
CA GLU C 323 -1.50 15.20 28.65
C GLU C 323 -2.02 14.28 29.73
N THR C 324 -1.45 13.07 29.81
CA THR C 324 -1.88 12.11 30.81
C THR C 324 -0.97 12.00 32.02
N GLY C 325 0.22 12.61 31.96
CA GLY C 325 1.22 12.48 33.03
C GLY C 325 1.92 11.11 33.08
N ALA C 326 1.64 10.27 32.08
CA ALA C 326 2.27 8.95 32.01
C ALA C 326 3.73 9.00 31.56
N ALA C 327 4.54 8.12 32.15
CA ALA C 327 5.95 7.95 31.78
C ALA C 327 6.24 6.49 31.46
N LEU C 328 6.94 6.25 30.35
CA LEU C 328 7.31 4.88 29.99
C LEU C 328 8.71 4.77 29.40
N MET C 329 9.30 3.60 29.58
CA MET C 329 10.50 3.20 28.86
C MET C 329 10.26 1.78 28.36
N LEU C 330 10.20 1.61 27.05
CA LEU C 330 10.08 0.27 26.45
C LEU C 330 11.37 -0.07 25.70
N ILE C 331 12.00 -1.18 26.07
CA ILE C 331 13.20 -1.62 25.35
C ILE C 331 13.11 -3.06 24.84
N GLN C 332 13.40 -3.25 23.56
CA GLN C 332 13.52 -4.61 23.00
C GLN C 332 14.96 -4.93 22.64
N ASN C 333 15.33 -6.21 22.80
CA ASN C 333 16.68 -6.67 22.49
C ASN C 333 16.77 -7.29 21.08
N SER C 334 15.95 -6.75 20.17
CA SER C 334 16.10 -6.99 18.74
C SER C 334 16.32 -5.66 18.06
N GLY C 335 17.14 -5.68 17.02
CA GLY C 335 17.40 -4.51 16.17
C GLY C 335 17.86 -4.94 14.79
N ALA C 336 18.29 -3.96 13.99
CA ALA C 336 18.73 -4.13 12.59
C ALA C 336 19.50 -2.87 12.20
N GLY C 337 19.95 -2.78 10.94
CA GLY C 337 20.67 -1.61 10.47
C GLY C 337 19.85 -0.60 9.70
N ASP C 338 18.93 -1.06 8.86
CA ASP C 338 18.05 -0.15 8.14
C ASP C 338 17.05 0.46 9.11
N PHE C 339 16.94 1.80 9.06
CA PHE C 339 15.99 2.57 9.88
C PHE C 339 14.54 2.14 9.64
N GLU C 340 14.25 1.71 8.41
CA GLU C 340 12.90 1.39 7.98
C GLU C 340 12.54 -0.07 8.19
N SER C 341 13.43 -0.85 8.79
CA SER C 341 13.14 -2.25 9.11
C SER C 341 12.28 -2.43 10.37
N PHE C 342 11.44 -3.46 10.36
CA PHE C 342 10.56 -3.78 11.49
C PHE C 342 11.30 -3.86 12.85
N TYR C 343 12.53 -4.38 12.84
CA TYR C 343 13.26 -4.58 14.10
C TYR C 343 13.82 -3.28 14.67
N LEU C 344 13.88 -2.26 13.83
CA LEU C 344 14.18 -0.90 14.26
C LEU C 344 12.89 -0.08 14.41
N LYS C 345 12.30 0.30 13.28
CA LYS C 345 11.05 1.05 13.20
C LYS C 345 9.87 0.50 14.03
N GLY C 346 9.73 -0.81 14.05
CA GLY C 346 8.56 -1.45 14.64
C GLY C 346 8.48 -1.37 16.15
N VAL C 347 9.55 -0.92 16.80
CA VAL C 347 9.51 -0.65 18.26
C VAL C 347 8.37 0.32 18.60
N ASN C 348 8.02 1.16 17.64
CA ASN C 348 7.03 2.20 17.82
C ASN C 348 5.60 1.65 17.86
N GLU C 349 5.44 0.42 17.33
CA GLU C 349 4.12 -0.25 17.27
C GLU C 349 3.57 -0.60 18.65
N PRO C 350 4.32 -1.35 19.48
CA PRO C 350 3.80 -1.58 20.84
C PRO C 350 3.69 -0.32 21.72
N VAL C 351 4.59 0.64 21.56
CA VAL C 351 4.43 1.93 22.22
C VAL C 351 3.08 2.57 21.83
N ASP C 352 2.80 2.63 20.53
CA ASP C 352 1.50 3.13 20.04
C ASP C 352 0.33 2.40 20.72
N ARG C 353 0.40 1.07 20.83
CA ARG C 353 -0.69 0.28 21.46
C ARG C 353 -0.84 0.59 22.95
N VAL C 354 0.28 0.66 23.67
CA VAL C 354 0.27 0.99 25.09
C VAL C 354 -0.41 2.34 25.37
N LEU C 355 -0.16 3.34 24.53
CA LEU C 355 -0.75 4.67 24.73
C LEU C 355 -2.25 4.68 24.45
N GLU C 356 -2.66 3.94 23.41
CA GLU C 356 -4.09 3.72 23.12
C GLU C 356 -4.78 3.05 24.30
N ALA C 357 -4.10 2.06 24.91
CA ALA C 357 -4.63 1.28 26.03
C ALA C 357 -4.73 2.07 27.34
N ILE C 358 -3.79 2.99 27.57
CA ILE C 358 -3.94 4.01 28.61
C ILE C 358 -5.06 5.01 28.22
N LYS C 359 -5.03 5.50 26.97
CA LYS C 359 -6.04 6.45 26.48
C LYS C 359 -7.45 5.91 26.58
N ASN C 360 -7.58 4.58 26.53
CA ASN C 360 -8.88 3.93 26.59
C ASN C 360 -9.34 3.57 27.99
N SER C 361 -8.40 3.31 28.90
CA SER C 361 -8.74 3.11 30.31
C SER C 361 -9.24 4.42 30.98
N ARG C 362 -9.23 5.52 30.21
CA ARG C 362 -9.59 6.85 30.71
C ARG C 362 -10.71 7.49 29.90
N SER C 363 -11.01 6.94 28.72
CA SER C 363 -12.03 7.49 27.81
C SER C 363 -13.46 7.08 28.19
N SER D 2 -23.20 4.63 9.83
CA SER D 2 -24.59 4.27 10.25
C SER D 2 -25.36 5.51 10.75
N ASP D 3 -25.32 5.75 12.06
CA ASP D 3 -25.76 7.02 12.63
C ASP D 3 -24.82 8.14 12.17
N LEU D 4 -23.56 7.76 11.97
CA LEU D 4 -22.55 8.67 11.39
C LEU D 4 -22.92 9.06 9.97
N ASN D 5 -23.25 8.07 9.15
CA ASN D 5 -23.73 8.29 7.80
C ASN D 5 -24.94 9.24 7.74
N ASN D 6 -25.90 9.03 8.62
CA ASN D 6 -27.06 9.90 8.70
C ASN D 6 -26.72 11.30 9.20
N ALA D 7 -25.81 11.36 10.18
CA ALA D 7 -25.40 12.63 10.77
C ALA D 7 -24.74 13.49 9.73
N ILE D 8 -23.82 12.91 8.97
CA ILE D 8 -23.08 13.58 7.90
C ILE D 8 -23.99 14.06 6.75
N GLN D 9 -24.95 13.22 6.36
CA GLN D 9 -25.96 13.59 5.36
C GLN D 9 -26.72 14.84 5.81
N GLY D 10 -27.21 14.81 7.05
CA GLY D 10 -27.90 15.95 7.65
C GLY D 10 -27.09 17.23 7.69
N ILE D 11 -25.80 17.11 8.02
CA ILE D 11 -24.87 18.24 7.97
C ILE D 11 -24.78 18.88 6.57
N LEU D 12 -24.67 18.05 5.53
CA LEU D 12 -24.63 18.57 4.17
C LEU D 12 -25.98 19.19 3.77
N ASP D 13 -27.07 18.53 4.11
CA ASP D 13 -28.42 19.06 3.85
C ASP D 13 -28.62 20.40 4.54
N ASP D 14 -28.18 20.50 5.80
CA ASP D 14 -28.28 21.74 6.59
C ASP D 14 -27.47 22.88 5.99
N HIS D 15 -26.27 22.58 5.48
CA HIS D 15 -25.43 23.57 4.79
C HIS D 15 -26.13 24.09 3.53
N VAL D 16 -26.72 23.17 2.77
CA VAL D 16 -27.47 23.52 1.57
C VAL D 16 -28.73 24.37 1.88
N ALA D 17 -29.40 24.05 2.99
CA ALA D 17 -30.56 24.84 3.46
C ALA D 17 -30.19 26.28 3.85
N ARG D 18 -28.90 26.59 3.90
CA ARG D 18 -28.44 27.93 4.23
C ARG D 18 -28.13 28.79 3.00
N GLY D 19 -28.43 28.24 1.82
CA GLY D 19 -28.29 29.00 0.58
C GLY D 19 -27.16 28.47 -0.28
N VAL D 20 -26.37 27.55 0.27
CA VAL D 20 -25.33 26.89 -0.53
C VAL D 20 -26.01 26.04 -1.62
N VAL D 21 -25.53 26.16 -2.86
CA VAL D 21 -26.18 25.52 -4.01
C VAL D 21 -26.11 23.99 -4.00
N GLY D 22 -24.88 23.48 -3.87
CA GLY D 22 -24.65 22.05 -3.69
C GLY D 22 -23.30 21.74 -3.04
N VAL D 23 -23.12 20.49 -2.66
CA VAL D 23 -21.93 20.05 -1.92
C VAL D 23 -21.67 18.58 -2.24
N SER D 24 -20.40 18.27 -2.52
CA SER D 24 -19.95 16.90 -2.73
C SER D 24 -18.81 16.57 -1.77
N LEU D 25 -18.93 15.42 -1.12
CA LEU D 25 -17.98 15.01 -0.08
C LEU D 25 -17.46 13.57 -0.33
N ALA D 26 -16.16 13.39 -0.18
CA ALA D 26 -15.56 12.08 -0.05
C ALA D 26 -14.95 12.00 1.33
N LEU D 27 -15.20 10.89 2.02
CA LEU D 27 -14.66 10.70 3.35
C LEU D 27 -14.18 9.27 3.52
N CYS D 28 -12.92 9.15 3.92
CA CYS D 28 -12.36 7.86 4.28
C CYS D 28 -11.99 7.89 5.74
N LEU D 29 -12.39 6.83 6.44
CA LEU D 29 -12.05 6.57 7.85
C LEU D 29 -11.33 5.22 7.91
N PRO D 30 -10.33 5.08 8.82
CA PRO D 30 -9.69 3.76 8.92
C PRO D 30 -10.67 2.65 9.40
N GLY D 31 -10.53 1.46 8.81
CA GLY D 31 -11.40 0.33 9.16
C GLY D 31 -12.69 0.25 8.36
N GLU D 32 -12.94 1.25 7.51
CA GLU D 32 -14.07 1.17 6.59
C GLU D 32 -13.77 1.65 5.19
N GLU D 33 -14.68 1.38 4.25
CA GLU D 33 -14.54 1.83 2.85
C GLU D 33 -14.84 3.31 2.74
N THR D 34 -14.19 3.96 1.78
CA THR D 34 -14.51 5.32 1.42
C THR D 34 -15.99 5.50 1.07
N SER D 35 -16.60 6.53 1.65
CA SER D 35 -17.99 6.88 1.37
C SER D 35 -18.05 8.21 0.63
N LEU D 36 -19.09 8.36 -0.18
CA LEU D 36 -19.40 9.61 -0.85
C LEU D 36 -20.74 10.13 -0.35
N TYR D 37 -20.88 11.46 -0.28
CA TYR D 37 -22.12 12.14 0.09
C TYR D 37 -22.28 13.35 -0.77
N GLN D 38 -23.51 13.62 -1.19
CA GLN D 38 -23.81 14.88 -1.88
C GLN D 38 -25.11 15.48 -1.37
N SER D 39 -25.24 16.80 -1.50
CA SER D 39 -26.52 17.49 -1.30
C SER D 39 -26.67 18.65 -2.29
N GLY D 40 -27.93 19.01 -2.59
CA GLY D 40 -28.24 20.16 -3.45
C GLY D 40 -27.93 19.85 -4.90
N TYR D 41 -27.53 20.89 -5.63
CA TYR D 41 -27.50 20.86 -7.08
C TYR D 41 -26.15 21.12 -7.69
N ALA D 42 -25.86 20.37 -8.76
CA ALA D 42 -24.70 20.60 -9.62
C ALA D 42 -25.02 21.75 -10.55
N ASP D 43 -26.28 21.81 -10.97
CA ASP D 43 -26.72 22.90 -11.83
C ASP D 43 -27.95 23.48 -11.15
N LYS D 44 -27.79 24.66 -10.58
CA LYS D 44 -28.90 25.32 -9.85
C LYS D 44 -30.19 25.44 -10.67
N PHE D 45 -30.07 25.85 -11.92
CA PHE D 45 -31.27 26.24 -12.68
C PHE D 45 -31.94 25.09 -13.44
N ASN D 46 -31.18 24.06 -13.77
CA ASN D 46 -31.73 22.76 -14.18
C ASN D 46 -32.26 21.98 -13.01
N LYS D 47 -31.81 22.36 -11.80
CA LYS D 47 -31.97 21.57 -10.57
C LYS D 47 -31.52 20.12 -10.77
N MET D 48 -30.38 19.96 -11.42
CA MET D 48 -29.72 18.67 -11.58
C MET D 48 -29.06 18.36 -10.23
N PRO D 49 -29.39 17.19 -9.63
CA PRO D 49 -28.81 16.80 -8.32
C PRO D 49 -27.31 16.61 -8.40
N MET D 50 -26.61 17.06 -7.37
CA MET D 50 -25.18 16.83 -7.26
C MET D 50 -24.90 15.33 -7.09
N THR D 51 -23.91 14.80 -7.82
CA THR D 51 -23.44 13.41 -7.65
C THR D 51 -21.94 13.35 -7.34
N GLY D 52 -21.42 12.16 -7.07
CA GLY D 52 -19.99 11.98 -6.82
C GLY D 52 -19.12 12.04 -8.07
N ASP D 53 -19.79 12.09 -9.23
CA ASP D 53 -19.10 12.11 -10.50
C ASP D 53 -18.88 13.51 -11.00
N HIS D 54 -19.63 14.48 -10.47
CA HIS D 54 -19.43 15.89 -10.85
C HIS D 54 -18.03 16.37 -10.53
N LEU D 55 -17.45 17.09 -11.49
CA LEU D 55 -16.08 17.62 -11.41
C LEU D 55 -16.08 19.01 -10.81
N PHE D 56 -14.97 19.37 -10.18
CA PHE D 56 -14.81 20.72 -9.65
C PHE D 56 -13.40 21.23 -9.90
N ARG D 57 -13.26 22.53 -9.99
CA ARG D 57 -11.95 23.16 -9.97
C ARG D 57 -11.48 23.22 -8.50
N ILE D 58 -10.37 22.56 -8.21
CA ILE D 58 -9.93 22.42 -6.82
C ILE D 58 -9.05 23.57 -6.39
N ALA D 59 -8.73 24.45 -7.35
CA ALA D 59 -7.98 25.69 -7.13
C ALA D 59 -6.65 25.44 -6.42
N SER D 60 -6.37 26.18 -5.35
CA SER D 60 -5.09 26.04 -4.60
C SER D 60 -4.82 24.67 -4.00
N CYS D 61 -5.80 23.76 -4.01
CA CYS D 61 -5.54 22.38 -3.60
C CYS D 61 -4.55 21.73 -4.57
N THR D 62 -4.39 22.35 -5.74
CA THR D 62 -3.40 22.01 -6.80
C THR D 62 -1.99 22.04 -6.24
N LYS D 63 -1.76 23.00 -5.34
CA LYS D 63 -0.48 23.16 -4.70
C LYS D 63 0.07 21.88 -4.06
N SER D 64 -0.77 21.11 -3.38
CA SER D 64 -0.34 19.87 -2.73
C SER D 64 0.22 18.86 -3.75
N PHE D 65 -0.42 18.76 -4.92
CA PHE D 65 0.10 17.93 -6.03
C PHE D 65 1.41 18.44 -6.61
N ILE D 66 1.49 19.75 -6.85
CA ILE D 66 2.71 20.37 -7.37
C ILE D 66 3.90 20.17 -6.41
N ALA D 67 3.64 20.37 -5.11
CA ALA D 67 4.65 20.14 -4.08
C ALA D 67 5.11 18.68 -4.09
N THR D 68 4.14 17.76 -4.10
CA THR D 68 4.43 16.34 -4.27
C THR D 68 5.27 16.05 -5.50
N GLY D 69 4.89 16.64 -6.64
CA GLY D 69 5.67 16.53 -7.89
C GLY D 69 7.12 16.97 -7.75
N LEU D 70 7.34 18.08 -7.07
CA LEU D 70 8.69 18.58 -6.83
C LEU D 70 9.43 17.70 -5.82
N HIS D 71 8.74 17.27 -4.75
CA HIS D 71 9.31 16.35 -3.76
C HIS D 71 9.74 15.01 -4.37
N LEU D 72 9.03 14.53 -5.39
CA LEU D 72 9.43 13.29 -6.06
C LEU D 72 10.76 13.46 -6.77
N LEU D 73 10.96 14.62 -7.39
CA LEU D 73 12.23 14.90 -8.06
C LEU D 73 13.37 14.99 -7.06
N VAL D 74 13.07 15.53 -5.87
CA VAL D 74 14.05 15.64 -4.79
C VAL D 74 14.49 14.23 -4.37
N GLN D 75 13.54 13.34 -4.10
CA GLN D 75 13.89 11.97 -3.75
C GLN D 75 14.46 11.14 -4.92
N ASP D 76 14.13 11.50 -6.16
CA ASP D 76 14.79 10.93 -7.35
C ASP D 76 16.27 11.37 -7.41
N GLY D 77 16.58 12.46 -6.73
CA GLY D 77 17.97 12.91 -6.55
C GLY D 77 18.48 14.01 -7.45
N THR D 78 17.62 14.55 -8.33
CA THR D 78 18.04 15.62 -9.26
C THR D 78 17.77 17.05 -8.76
N VAL D 79 16.97 17.17 -7.69
CA VAL D 79 16.67 18.46 -7.08
C VAL D 79 16.96 18.39 -5.58
N ASP D 80 17.50 19.46 -5.01
CA ASP D 80 17.81 19.57 -3.59
C ASP D 80 16.96 20.73 -3.03
N LEU D 81 16.21 20.45 -1.96
CA LEU D 81 15.33 21.49 -1.35
C LEU D 81 16.09 22.74 -0.91
N ASP D 82 17.39 22.59 -0.65
CA ASP D 82 18.21 23.69 -0.11
C ASP D 82 19.13 24.40 -1.10
N GLU D 83 19.10 23.98 -2.37
CA GLU D 83 19.88 24.64 -3.42
C GLU D 83 19.16 25.89 -3.95
N PRO D 84 19.92 26.94 -4.35
CA PRO D 84 19.28 28.15 -4.90
C PRO D 84 18.64 27.90 -6.26
N ILE D 85 17.58 28.66 -6.54
CA ILE D 85 16.78 28.51 -7.77
C ILE D 85 17.42 29.26 -8.97
N THR D 86 18.53 29.93 -8.71
CA THR D 86 19.41 30.49 -9.73
C THR D 86 19.72 29.47 -10.84
N ARG D 87 19.85 28.20 -10.47
CA ARG D 87 20.02 27.09 -11.42
C ARG D 87 19.03 27.21 -12.58
N TRP D 88 17.77 27.48 -12.23
CA TRP D 88 16.67 27.53 -13.18
C TRP D 88 16.31 28.94 -13.58
N PHE D 89 16.40 29.87 -12.61
CA PHE D 89 15.97 31.26 -12.82
C PHE D 89 17.10 32.21 -12.48
N PRO D 90 18.20 32.19 -13.29
CA PRO D 90 19.39 33.00 -12.96
C PRO D 90 19.11 34.49 -12.86
N ASP D 91 18.14 34.99 -13.62
CA ASP D 91 17.81 36.42 -13.64
C ASP D 91 16.62 36.85 -12.74
N LEU D 92 16.11 35.96 -11.91
CA LEU D 92 14.96 36.32 -11.07
C LEU D 92 15.48 37.06 -9.84
N PRO D 93 14.95 38.27 -9.55
CA PRO D 93 15.56 39.06 -8.48
C PRO D 93 15.53 38.33 -7.12
N LYS D 94 16.68 38.37 -6.42
CA LYS D 94 16.91 37.70 -5.13
C LYS D 94 16.92 36.18 -5.21
N ALA D 95 17.04 35.65 -6.43
CA ALA D 95 17.09 34.21 -6.64
C ALA D 95 18.20 33.53 -5.84
N ALA D 96 19.35 34.19 -5.70
CA ALA D 96 20.48 33.60 -4.96
C ALA D 96 20.15 33.34 -3.48
N GLN D 97 19.19 34.08 -2.93
CA GLN D 97 18.73 33.86 -1.55
C GLN D 97 17.47 33.02 -1.44
N MET D 98 17.17 32.24 -2.49
CA MET D 98 15.96 31.43 -2.49
C MET D 98 16.27 29.95 -2.71
N PRO D 99 16.33 29.17 -1.61
CA PRO D 99 16.39 27.72 -1.74
C PRO D 99 15.09 27.22 -2.37
N VAL D 100 15.09 26.00 -2.90
CA VAL D 100 13.93 25.43 -3.59
C VAL D 100 12.70 25.37 -2.66
N ARG D 101 12.92 24.88 -1.42
CA ARG D 101 11.90 24.81 -0.37
C ARG D 101 11.11 26.10 -0.23
N ILE D 102 11.77 27.24 -0.41
CA ILE D 102 11.14 28.56 -0.23
C ILE D 102 10.01 28.85 -1.26
N LEU D 103 10.05 28.12 -2.39
CA LEU D 103 8.96 28.20 -3.37
C LEU D 103 7.70 27.55 -2.82
N LEU D 104 7.87 26.66 -1.83
CA LEU D 104 6.77 25.81 -1.37
C LEU D 104 6.15 26.17 -0.03
N ASN D 105 6.86 26.98 0.75
CA ASN D 105 6.54 27.26 2.13
C ASN D 105 5.97 28.64 2.36
N HIS D 106 5.72 29.40 1.29
CA HIS D 106 5.07 30.73 1.35
C HIS D 106 5.88 31.82 2.09
N ARG D 107 7.19 31.61 2.20
CA ARG D 107 8.09 32.55 2.86
C ARG D 107 9.12 33.21 1.93
N SER D 108 8.92 33.09 0.61
CA SER D 108 9.85 33.61 -0.43
C SER D 108 9.95 35.15 -0.52
N GLY D 109 8.83 35.82 -0.29
CA GLY D 109 8.76 37.26 -0.48
C GLY D 109 8.43 37.63 -1.92
N LEU D 110 8.15 36.63 -2.74
CA LEU D 110 7.88 36.85 -4.16
C LEU D 110 6.64 37.72 -4.36
N PRO D 111 6.69 38.67 -5.35
CA PRO D 111 5.50 39.46 -5.64
C PRO D 111 4.43 38.55 -6.24
N ASP D 112 3.18 38.73 -5.84
CA ASP D 112 2.12 37.80 -6.22
C ASP D 112 1.21 38.40 -7.29
N PHE D 113 0.60 37.52 -8.09
CA PHE D 113 -0.30 37.90 -9.19
C PHE D 113 -1.80 37.78 -8.92
N GLU D 114 -2.19 36.84 -8.05
N GLU D 114 -2.21 36.86 -8.05
CA GLU D 114 -3.59 36.50 -7.79
CA GLU D 114 -3.64 36.54 -7.91
C GLU D 114 -4.47 37.76 -7.66
C GLU D 114 -4.52 37.77 -7.64
N THR D 115 -4.03 38.69 -6.81
CA THR D 115 -4.73 39.96 -6.55
C THR D 115 -4.93 40.89 -7.76
N SER D 116 -3.97 40.88 -8.69
CA SER D 116 -4.01 41.73 -9.88
C SER D 116 -4.72 41.12 -11.10
N MET D 117 -4.98 39.83 -11.08
CA MET D 117 -5.66 39.18 -12.19
C MET D 117 -7.14 39.54 -12.28
N PRO D 118 -7.66 39.72 -13.51
CA PRO D 118 -9.08 39.98 -13.66
C PRO D 118 -9.93 38.78 -13.22
N MET D 119 -11.04 39.03 -12.54
CA MET D 119 -12.01 38.00 -12.19
C MET D 119 -12.59 37.29 -13.41
N ILE D 120 -13.05 38.08 -14.39
CA ILE D 120 -13.57 37.57 -15.66
C ILE D 120 -12.60 37.90 -16.78
N SER D 121 -12.24 36.88 -17.54
CA SER D 121 -11.16 36.96 -18.50
C SER D 121 -11.19 35.76 -19.44
N ASP D 122 -10.76 35.99 -20.67
CA ASP D 122 -10.65 34.96 -21.70
C ASP D 122 -9.20 34.66 -22.01
N LYS D 123 -8.33 35.51 -21.50
CA LYS D 123 -6.91 35.44 -21.81
C LYS D 123 -6.28 34.10 -21.47
N SER D 124 -5.45 33.64 -22.39
CA SER D 124 -4.59 32.49 -22.22
C SER D 124 -3.25 32.94 -21.63
N TRP D 125 -2.74 32.16 -20.68
CA TRP D 125 -1.49 32.56 -20.04
C TRP D 125 -0.44 31.48 -20.14
N THR D 126 0.79 31.92 -20.02
CA THR D 126 1.98 31.11 -20.01
C THR D 126 2.61 31.27 -18.62
N ALA D 127 3.36 30.27 -18.13
CA ALA D 127 4.02 30.38 -16.84
C ALA D 127 4.91 31.60 -16.74
N GLN D 128 5.83 31.79 -17.70
CA GLN D 128 6.75 32.92 -17.65
C GLN D 128 6.00 34.25 -17.66
N GLU D 129 4.95 34.30 -18.46
CA GLU D 129 4.09 35.46 -18.54
C GLU D 129 3.41 35.83 -17.19
N ILE D 130 2.96 34.82 -16.44
CA ILE D 130 2.45 35.01 -15.07
C ILE D 130 3.53 35.59 -14.12
N VAL D 131 4.75 35.07 -14.21
CA VAL D 131 5.90 35.57 -13.43
C VAL D 131 6.22 37.04 -13.73
N ASP D 132 6.32 37.39 -15.02
CA ASP D 132 6.59 38.80 -15.41
C ASP D 132 5.51 39.73 -14.88
N PHE D 133 4.26 39.35 -15.12
CA PHE D 133 3.07 40.00 -14.54
C PHE D 133 3.13 40.18 -13.00
N SER D 134 3.54 39.12 -12.28
CA SER D 134 3.72 39.19 -10.81
C SER D 134 4.71 40.29 -10.39
N PHE D 135 5.87 40.29 -11.05
CA PHE D 135 6.90 41.30 -10.79
C PHE D 135 6.48 42.72 -11.17
N ARG D 136 5.69 42.82 -12.24
CA ARG D 136 5.15 44.08 -12.69
C ARG D 136 4.16 44.69 -11.67
N HIS D 137 3.28 43.86 -11.09
CA HIS D 137 2.17 44.35 -10.30
C HIS D 137 2.23 44.08 -8.79
N GLY D 138 3.01 43.08 -8.37
CA GLY D 138 3.08 42.75 -6.95
C GLY D 138 4.18 43.48 -6.22
N VAL D 139 4.24 43.31 -4.90
CA VAL D 139 5.35 43.85 -4.10
C VAL D 139 6.31 42.71 -3.72
N GLN D 140 7.60 42.92 -3.90
CA GLN D 140 8.57 41.92 -3.51
C GLN D 140 9.23 42.23 -2.16
N LYS D 141 9.17 41.25 -1.27
CA LYS D 141 9.77 41.37 0.03
C LYS D 141 10.99 40.48 0.06
N GLU D 142 11.74 40.56 1.16
CA GLU D 142 12.92 39.74 1.37
C GLU D 142 12.56 38.27 1.59
N PRO D 143 13.39 37.36 1.04
CA PRO D 143 13.34 35.96 1.46
C PRO D 143 13.31 35.81 2.98
N TRP D 144 12.42 34.95 3.46
CA TRP D 144 12.27 34.64 4.89
C TRP D 144 11.73 35.81 5.75
N HIS D 145 11.09 36.79 5.11
CA HIS D 145 10.51 37.95 5.76
C HIS D 145 9.42 37.59 6.76
N GLY D 146 8.86 36.39 6.61
CA GLY D 146 7.62 36.01 7.28
C GLY D 146 6.78 35.21 6.31
N MET D 147 5.54 34.89 6.70
CA MET D 147 4.66 34.14 5.83
C MET D 147 3.73 35.09 5.10
N GLU D 148 3.74 34.97 3.78
CA GLU D 148 2.70 35.58 2.97
C GLU D 148 2.39 34.62 1.82
N TYR D 149 1.17 34.08 1.82
CA TYR D 149 0.72 33.14 0.81
C TYR D 149 1.18 33.52 -0.60
N SER D 150 2.01 32.66 -1.19
CA SER D 150 2.62 32.92 -2.51
C SER D 150 2.20 31.89 -3.59
N ASN D 151 1.44 32.41 -4.55
CA ASN D 151 1.08 31.72 -5.76
C ASN D 151 2.24 31.65 -6.72
N THR D 152 3.00 32.72 -6.77
CA THR D 152 4.17 32.85 -7.64
C THR D 152 5.19 31.74 -7.41
N GLY D 153 5.38 31.34 -6.15
CA GLY D 153 6.33 30.28 -5.81
C GLY D 153 5.99 28.92 -6.41
N TYR D 154 4.69 28.62 -6.48
CA TYR D 154 4.23 27.36 -7.08
C TYR D 154 4.27 27.33 -8.60
N VAL D 155 4.14 28.51 -9.22
CA VAL D 155 4.33 28.62 -10.67
C VAL D 155 5.81 28.36 -11.03
N LEU D 156 6.71 28.84 -10.19
CA LEU D 156 8.14 28.59 -10.38
C LEU D 156 8.50 27.13 -10.12
N ALA D 157 7.79 26.49 -9.22
CA ALA D 157 8.00 25.07 -8.93
C ALA D 157 7.48 24.22 -10.10
N GLY D 158 6.37 24.64 -10.70
CA GLY D 158 5.85 23.99 -11.90
C GLY D 158 6.85 24.11 -13.04
N MET D 159 7.55 25.24 -13.08
CA MET D 159 8.60 25.51 -14.08
C MET D 159 9.85 24.63 -13.90
N ILE D 160 10.27 24.42 -12.64
CA ILE D 160 11.39 23.50 -12.35
C ILE D 160 11.04 22.07 -12.78
N ILE D 161 9.83 21.62 -12.45
CA ILE D 161 9.32 20.34 -12.92
C ILE D 161 9.34 20.22 -14.44
N ALA D 162 8.83 21.23 -15.14
CA ALA D 162 8.82 21.22 -16.60
C ALA D 162 10.23 21.22 -17.22
N HIS D 163 11.16 21.95 -16.61
CA HIS D 163 12.55 21.94 -17.06
C HIS D 163 13.23 20.58 -16.84
N GLU D 164 13.13 20.06 -15.61
CA GLU D 164 13.75 18.78 -15.26
C GLU D 164 13.20 17.61 -16.06
N THR D 165 11.93 17.67 -16.44
CA THR D 165 11.30 16.57 -17.16
C THR D 165 11.29 16.74 -18.68
N GLY D 166 11.39 17.99 -19.13
CA GLY D 166 11.30 18.35 -20.55
C GLY D 166 9.89 18.17 -21.11
N LYS D 167 8.91 18.11 -20.20
CA LYS D 167 7.50 18.01 -20.56
C LYS D 167 6.69 18.95 -19.64
N PRO D 168 5.46 19.33 -20.06
CA PRO D 168 4.59 20.09 -19.17
C PRO D 168 4.51 19.43 -17.79
N TYR D 169 4.44 20.22 -16.71
CA TYR D 169 4.34 19.68 -15.34
C TYR D 169 3.19 18.68 -15.19
N SER D 170 2.14 18.88 -15.99
CA SER D 170 0.98 17.99 -15.99
C SER D 170 1.36 16.51 -16.27
N ASP D 171 2.31 16.30 -17.19
CA ASP D 171 2.80 14.93 -17.51
C ASP D 171 3.37 14.19 -16.29
N HIS D 172 4.18 14.89 -15.53
CA HIS D 172 4.78 14.41 -14.28
C HIS D 172 3.69 13.98 -13.28
N LEU D 173 2.76 14.89 -13.02
CA LEU D 173 1.61 14.65 -12.14
C LEU D 173 0.80 13.46 -12.61
N ARG D 174 0.60 13.33 -13.93
CA ARG D 174 -0.22 12.24 -14.46
C ARG D 174 0.48 10.86 -14.31
N SER D 175 1.69 10.73 -14.82
CA SER D 175 2.37 9.42 -14.76
C SER D 175 2.88 9.08 -13.34
N ARG D 176 3.17 10.10 -12.54
CA ARG D 176 3.69 9.86 -11.18
C ARG D 176 2.65 9.79 -10.07
N ILE D 177 1.45 10.34 -10.29
CA ILE D 177 0.41 10.41 -9.25
C ILE D 177 -0.96 9.92 -9.74
N PHE D 178 -1.51 10.58 -10.75
CA PHE D 178 -2.88 10.23 -11.21
C PHE D 178 -2.99 8.79 -11.66
N ALA D 179 -2.12 8.37 -12.58
CA ALA D 179 -2.24 7.03 -13.20
C ALA D 179 -1.91 5.89 -12.23
N PRO D 180 -0.80 6.01 -11.44
CA PRO D 180 -0.61 4.99 -10.41
C PRO D 180 -1.76 4.83 -9.39
N LEU D 181 -2.51 5.89 -9.11
CA LEU D 181 -3.58 5.83 -8.12
C LEU D 181 -4.95 5.57 -8.73
N GLY D 182 -4.99 5.50 -10.06
CA GLY D 182 -6.24 5.32 -10.80
C GLY D 182 -7.18 6.49 -10.63
N MET D 183 -6.61 7.69 -10.59
CA MET D 183 -7.43 8.90 -10.54
C MET D 183 -7.83 9.20 -11.97
N LYS D 184 -9.00 8.73 -12.38
CA LYS D 184 -9.42 8.89 -13.77
C LYS D 184 -10.27 10.13 -14.06
N ASP D 185 -10.51 10.95 -13.03
CA ASP D 185 -11.41 12.11 -13.16
C ASP D 185 -10.71 13.40 -12.74
N THR D 186 -9.40 13.41 -12.97
CA THR D 186 -8.51 14.47 -12.53
C THR D 186 -7.69 15.03 -13.69
N TRP D 187 -7.73 16.36 -13.85
CA TRP D 187 -7.01 17.05 -14.94
C TRP D 187 -6.21 18.27 -14.46
N VAL D 188 -5.17 18.59 -15.22
CA VAL D 188 -4.39 19.81 -15.05
C VAL D 188 -4.77 20.82 -16.15
N GLY D 189 -5.46 21.89 -15.76
CA GLY D 189 -6.19 22.77 -16.67
C GLY D 189 -5.36 23.61 -17.63
N THR D 190 -4.15 23.97 -17.20
CA THR D 190 -3.24 24.72 -18.08
C THR D 190 -2.85 23.91 -19.32
N HIS D 191 -2.70 22.58 -19.20
CA HIS D 191 -2.09 21.78 -20.26
C HIS D 191 -2.96 20.64 -20.77
N GLU D 192 -4.13 20.46 -20.16
CA GLU D 192 -4.95 19.30 -20.47
C GLU D 192 -6.39 19.71 -20.68
N THR D 193 -7.08 19.04 -21.60
CA THR D 193 -8.50 19.31 -21.78
C THR D 193 -9.28 18.44 -20.82
N PHE D 194 -10.34 18.98 -20.25
CA PHE D 194 -11.25 18.14 -19.45
C PHE D 194 -12.67 18.30 -19.98
N PRO D 195 -13.56 17.32 -19.71
CA PRO D 195 -14.92 17.42 -20.23
C PRO D 195 -15.77 18.42 -19.43
N ILE D 196 -15.93 19.62 -19.97
CA ILE D 196 -16.70 20.68 -19.31
C ILE D 196 -18.13 20.27 -18.94
N GLU D 197 -18.76 19.44 -19.78
CA GLU D 197 -20.14 19.03 -19.53
C GLU D 197 -20.30 18.26 -18.21
N ARG D 198 -19.19 17.75 -17.68
CA ARG D 198 -19.23 16.96 -16.47
C ARG D 198 -18.95 17.79 -15.20
N GLU D 199 -18.59 19.05 -15.39
CA GLU D 199 -18.26 19.93 -14.28
C GLU D 199 -19.52 20.45 -13.58
N ALA D 200 -19.56 20.36 -12.24
CA ALA D 200 -20.62 21.07 -11.50
C ALA D 200 -20.51 22.57 -11.82
N ARG D 201 -21.62 23.26 -12.04
CA ARG D 201 -21.54 24.72 -12.24
C ARG D 201 -21.05 25.36 -10.93
N GLY D 202 -20.36 26.49 -11.05
CA GLY D 202 -19.90 27.28 -9.93
C GLY D 202 -20.77 28.52 -9.81
N TYR D 203 -21.12 28.90 -8.59
CA TYR D 203 -21.97 30.08 -8.36
C TYR D 203 -21.33 31.10 -7.47
N MET D 204 -21.19 32.30 -8.00
CA MET D 204 -20.71 33.45 -7.23
C MET D 204 -21.91 34.13 -6.60
N HIS D 205 -21.89 34.24 -5.27
CA HIS D 205 -23.02 34.80 -4.55
C HIS D 205 -22.81 36.28 -4.38
N ALA D 206 -23.78 37.06 -4.86
CA ALA D 206 -23.63 38.51 -4.88
C ALA D 206 -24.12 39.09 -3.57
N ALA D 207 -23.24 39.81 -2.88
CA ALA D 207 -23.67 40.55 -1.69
C ALA D 207 -22.99 41.91 -1.61
N ALA D 220 -20.23 41.38 -14.70
CA ALA D 220 -20.93 40.10 -14.57
C ALA D 220 -22.34 40.13 -15.15
N GLY D 221 -22.95 41.32 -15.16
CA GLY D 221 -24.36 41.45 -15.50
C GLY D 221 -25.19 41.38 -14.23
N ASP D 222 -26.49 41.15 -14.39
CA ASP D 222 -27.41 41.03 -13.25
C ASP D 222 -27.43 39.61 -12.69
N PRO D 223 -27.26 39.47 -11.37
CA PRO D 223 -27.44 38.16 -10.75
C PRO D 223 -28.93 37.77 -10.70
N VAL D 224 -29.20 36.47 -10.79
CA VAL D 224 -30.55 35.95 -10.65
C VAL D 224 -30.55 35.14 -9.37
N ASP D 225 -31.50 35.42 -8.49
CA ASP D 225 -31.62 34.72 -7.22
C ASP D 225 -30.29 34.71 -6.44
N GLY D 226 -29.60 35.84 -6.49
CA GLY D 226 -28.42 36.08 -5.67
C GLY D 226 -27.11 35.61 -6.28
N VAL D 227 -27.17 34.94 -7.43
CA VAL D 227 -25.96 34.30 -8.00
C VAL D 227 -25.68 34.58 -9.48
N TRP D 228 -24.40 34.47 -9.85
CA TRP D 228 -23.99 34.28 -11.23
C TRP D 228 -23.35 32.90 -11.42
N ASP D 229 -23.64 32.24 -12.53
CA ASP D 229 -22.86 31.07 -12.93
C ASP D 229 -21.46 31.57 -13.32
N SER D 230 -20.47 31.19 -12.53
CA SER D 230 -19.13 31.74 -12.70
C SER D 230 -18.14 30.68 -13.14
N THR D 231 -18.67 29.54 -13.59
CA THR D 231 -17.87 28.36 -13.93
C THR D 231 -16.66 28.69 -14.82
N GLU D 232 -16.90 29.50 -15.85
CA GLU D 232 -15.88 29.77 -16.85
C GLU D 232 -15.37 31.21 -16.83
N TRP D 233 -15.53 31.89 -15.71
CA TRP D 233 -15.04 33.27 -15.58
C TRP D 233 -13.52 33.35 -15.59
N PHE D 234 -12.88 32.48 -14.82
CA PHE D 234 -11.44 32.56 -14.60
C PHE D 234 -10.75 31.50 -15.45
N PRO D 235 -9.74 31.92 -16.25
CA PRO D 235 -9.07 30.96 -17.15
C PRO D 235 -8.08 30.15 -16.33
N LEU D 236 -8.15 28.83 -16.43
CA LEU D 236 -7.36 27.96 -15.56
C LEU D 236 -5.87 28.17 -15.71
N SER D 237 -5.43 28.49 -16.94
CA SER D 237 -4.04 28.90 -17.19
C SER D 237 -3.64 30.19 -16.48
N GLY D 238 -4.63 31.00 -16.08
CA GLY D 238 -4.33 32.14 -15.20
C GLY D 238 -3.82 31.72 -13.82
N ALA D 239 -4.19 30.52 -13.37
CA ALA D 239 -3.69 29.98 -12.10
C ALA D 239 -2.42 29.17 -12.27
N ASN D 240 -2.37 28.38 -13.34
CA ASN D 240 -1.16 27.60 -13.64
C ASN D 240 -0.93 26.62 -12.47
N ALA D 241 0.32 26.39 -12.08
CA ALA D 241 0.65 25.43 -11.01
C ALA D 241 0.18 25.84 -9.60
N ALA D 242 -0.20 27.10 -9.44
CA ALA D 242 -0.82 27.55 -8.20
C ALA D 242 -2.30 27.15 -8.04
N GLY D 243 -2.98 26.78 -9.12
CA GLY D 243 -4.37 26.33 -8.95
C GLY D 243 -5.23 25.88 -10.12
N ASP D 244 -4.65 25.15 -11.08
CA ASP D 244 -5.36 24.83 -12.34
C ASP D 244 -6.05 23.46 -12.43
N MET D 245 -6.04 22.68 -11.36
CA MET D 245 -6.59 21.32 -11.43
C MET D 245 -8.12 21.18 -11.31
N VAL D 246 -8.63 20.16 -11.99
CA VAL D 246 -10.03 19.79 -11.93
C VAL D 246 -10.05 18.35 -11.41
N SER D 247 -10.95 18.03 -10.50
CA SER D 247 -10.98 16.67 -9.93
C SER D 247 -12.33 16.41 -9.30
N THR D 248 -12.43 15.27 -8.63
CA THR D 248 -13.59 14.91 -7.83
C THR D 248 -13.16 14.71 -6.38
N PRO D 249 -14.07 14.93 -5.41
CA PRO D 249 -13.74 14.52 -4.03
C PRO D 249 -13.26 13.07 -3.97
N ARG D 250 -13.94 12.15 -4.66
CA ARG D 250 -13.50 10.73 -4.75
C ARG D 250 -12.01 10.57 -5.14
N ASP D 251 -11.56 11.26 -6.19
CA ASP D 251 -10.18 11.15 -6.66
C ASP D 251 -9.21 11.76 -5.64
N ILE D 252 -9.57 12.92 -5.10
CA ILE D 252 -8.73 13.61 -4.13
C ILE D 252 -8.40 12.74 -2.93
N VAL D 253 -9.39 12.00 -2.44
CA VAL D 253 -9.22 11.09 -1.30
C VAL D 253 -8.29 9.91 -1.63
N LYS D 254 -8.31 9.47 -2.88
CA LYS D 254 -7.36 8.46 -3.34
C LYS D 254 -5.93 9.01 -3.21
N PHE D 255 -5.78 10.27 -3.57
CA PHE D 255 -4.50 10.94 -3.43
C PHE D 255 -4.05 11.06 -1.95
N LEU D 256 -4.92 11.61 -1.12
CA LEU D 256 -4.62 11.83 0.30
C LEU D 256 -4.27 10.54 1.03
N ASN D 257 -5.01 9.47 0.77
CA ASN D 257 -4.73 8.19 1.40
C ASN D 257 -3.33 7.72 1.03
N ALA D 258 -3.05 7.66 -0.27
CA ALA D 258 -1.73 7.26 -0.78
C ALA D 258 -0.61 8.12 -0.24
N LEU D 259 -0.84 9.43 -0.16
CA LEU D 259 0.22 10.32 0.28
C LEU D 259 0.59 10.11 1.75
N PHE D 260 -0.44 10.07 2.59
CA PHE D 260 -0.20 9.95 4.02
C PHE D 260 0.13 8.53 4.48
N ASP D 261 -0.18 7.53 3.64
CA ASP D 261 0.18 6.13 3.92
C ASP D 261 1.55 5.70 3.40
N GLY D 262 2.36 6.63 2.92
CA GLY D 262 3.73 6.33 2.47
C GLY D 262 3.89 5.80 1.05
N ARG D 263 2.82 5.82 0.26
CA ARG D 263 2.87 5.25 -1.09
C ARG D 263 3.29 6.22 -2.20
N ILE D 264 3.48 7.49 -1.89
CA ILE D 264 3.95 8.46 -2.91
C ILE D 264 5.36 8.95 -2.59
N LEU D 265 5.47 9.74 -1.53
CA LEU D 265 6.73 10.32 -1.09
C LEU D 265 7.32 9.49 0.02
N ASP D 266 8.65 9.40 0.05
CA ASP D 266 9.35 8.75 1.14
C ASP D 266 9.19 9.53 2.46
N GLN D 267 9.74 8.99 3.56
CA GLN D 267 9.49 9.54 4.88
C GLN D 267 10.02 10.95 5.04
N LYS D 268 11.22 11.19 4.55
CA LYS D 268 11.83 12.52 4.64
C LYS D 268 11.01 13.58 3.89
N ARG D 269 10.57 13.24 2.67
CA ARG D 269 9.86 14.18 1.85
C ARG D 269 8.45 14.42 2.37
N LEU D 270 7.81 13.35 2.83
CA LEU D 270 6.55 13.50 3.53
C LEU D 270 6.68 14.42 4.76
N TRP D 271 7.76 14.26 5.51
CA TRP D 271 8.06 15.11 6.67
C TRP D 271 8.23 16.57 6.29
N GLU D 272 9.01 16.83 5.25
CA GLU D 272 9.18 18.17 4.70
C GLU D 272 7.84 18.80 4.35
N MET D 273 6.98 18.01 3.71
CA MET D 273 5.67 18.45 3.28
C MET D 273 4.69 18.73 4.44
N LYS D 274 4.59 17.79 5.37
CA LYS D 274 3.63 17.87 6.46
C LYS D 274 4.14 18.28 7.86
N ASP D 275 5.42 18.08 8.16
CA ASP D 275 5.90 18.31 9.55
C ASP D 275 6.97 19.38 9.70
N ASN D 276 7.62 19.76 8.61
CA ASN D 276 8.53 20.87 8.67
C ASN D 276 7.73 22.17 8.48
N ILE D 277 7.07 22.62 9.56
CA ILE D 277 6.00 23.65 9.48
C ILE D 277 6.38 24.94 10.21
N LYS D 278 5.71 26.03 9.84
CA LYS D 278 5.75 27.30 10.55
C LYS D 278 4.36 27.90 10.47
N PRO D 279 4.07 28.95 11.27
CA PRO D 279 2.74 29.59 11.26
C PRO D 279 2.35 30.17 9.89
N ALA D 280 1.05 30.13 9.59
CA ALA D 280 0.57 30.57 8.30
C ALA D 280 -0.82 31.17 8.37
N PHE D 281 -1.02 32.24 7.61
CA PHE D 281 -2.32 32.87 7.41
C PHE D 281 -2.86 32.66 5.99
N PHE D 282 -4.12 32.25 5.91
CA PHE D 282 -4.89 32.32 4.67
C PHE D 282 -6.31 32.79 4.99
N PRO D 283 -6.77 33.89 4.37
CA PRO D 283 -8.11 34.41 4.71
C PRO D 283 -9.24 33.70 3.97
N GLY D 284 -10.35 33.36 4.60
CA GLY D 284 -10.41 32.57 5.85
C GLY D 284 -11.17 31.32 5.41
N SER D 285 -10.80 30.09 5.72
CA SER D 285 -9.56 29.58 6.26
C SER D 285 -9.43 29.45 7.77
N ASN D 286 -9.31 28.20 8.18
CA ASN D 286 -8.97 27.84 9.56
C ASN D 286 -7.47 27.54 9.70
N THR D 287 -6.68 28.04 8.76
CA THR D 287 -5.25 27.83 8.66
C THR D 287 -4.51 28.48 9.83
N VAL D 288 -3.64 27.69 10.48
CA VAL D 288 -2.76 28.17 11.53
C VAL D 288 -1.29 27.96 11.17
N ALA D 289 -1.01 27.01 10.29
CA ALA D 289 0.38 26.61 9.97
C ALA D 289 0.54 26.07 8.53
N ASN D 290 1.78 26.04 8.04
CA ASN D 290 2.07 25.36 6.77
C ASN D 290 3.43 24.68 6.70
N GLY D 291 3.48 23.61 5.92
CA GLY D 291 4.73 22.93 5.63
C GLY D 291 5.31 23.29 4.28
N HIS D 292 5.50 22.28 3.45
CA HIS D 292 6.04 22.45 2.11
C HIS D 292 5.09 21.76 1.13
N GLY D 293 3.86 22.29 1.05
CA GLY D 293 2.81 21.74 0.18
C GLY D 293 1.49 21.41 0.86
N LEU D 294 1.45 21.53 2.19
CA LEU D 294 0.25 21.33 2.98
C LEU D 294 0.09 22.47 3.97
N LEU D 295 -1.17 22.90 4.15
CA LEU D 295 -1.56 23.84 5.20
C LEU D 295 -2.09 23.06 6.38
N LEU D 296 -1.93 23.59 7.59
CA LEU D 296 -2.60 23.00 8.77
C LEU D 296 -3.78 23.86 9.17
N MET D 297 -4.96 23.25 9.17
CA MET D 297 -6.23 23.96 9.33
C MET D 297 -6.98 23.37 10.55
N ARG D 298 -7.31 24.24 11.51
CA ARG D 298 -7.89 23.76 12.79
C ARG D 298 -9.38 23.72 12.76
N TYR D 299 -9.93 22.65 13.31
CA TYR D 299 -11.37 22.47 13.43
C TYR D 299 -11.77 22.00 14.84
N GLY D 300 -11.87 22.94 15.77
CA GLY D 300 -12.11 22.58 17.18
C GLY D 300 -10.94 21.73 17.67
N SER D 301 -11.21 20.53 18.15
CA SER D 301 -10.13 19.63 18.54
C SER D 301 -9.58 18.75 17.43
N SER D 302 -10.01 18.98 16.20
CA SER D 302 -9.42 18.25 15.10
C SER D 302 -8.63 19.21 14.24
N GLU D 303 -7.76 18.66 13.42
CA GLU D 303 -6.90 19.41 12.52
C GLU D 303 -6.78 18.64 11.23
N LEU D 304 -6.87 19.37 10.13
CA LEU D 304 -6.63 18.82 8.80
C LEU D 304 -5.32 19.30 8.26
N LYS D 305 -4.59 18.39 7.62
CA LYS D 305 -3.40 18.76 6.82
C LYS D 305 -3.81 18.57 5.38
N GLY D 306 -3.90 19.69 4.66
CA GLY D 306 -4.33 19.66 3.29
C GLY D 306 -4.33 21.06 2.72
N HIS D 307 -5.47 21.48 2.21
CA HIS D 307 -5.56 22.76 1.60
C HIS D 307 -6.98 23.28 1.53
N LEU D 308 -7.12 24.56 1.23
CA LEU D 308 -8.39 25.10 0.80
C LEU D 308 -8.25 25.63 -0.64
N GLY D 309 -9.34 25.61 -1.40
CA GLY D 309 -9.33 26.12 -2.77
C GLY D 309 -10.41 27.16 -2.94
N GLN D 310 -10.06 28.26 -3.61
CA GLN D 310 -11.00 29.31 -3.94
C GLN D 310 -10.72 29.73 -5.36
N ILE D 311 -11.68 29.42 -6.21
CA ILE D 311 -11.73 29.86 -7.58
C ILE D 311 -13.22 30.12 -7.87
N PRO D 312 -13.56 31.13 -8.70
CA PRO D 312 -14.97 31.57 -8.76
C PRO D 312 -16.05 30.49 -8.74
N GLY D 313 -16.80 30.47 -7.64
CA GLY D 313 -17.91 29.55 -7.49
C GLY D 313 -17.63 28.14 -6.99
N HIS D 314 -16.37 27.69 -6.99
CA HIS D 314 -16.03 26.38 -6.41
C HIS D 314 -15.15 26.58 -5.20
N THR D 315 -15.60 26.07 -4.03
CA THR D 315 -14.91 26.30 -2.76
C THR D 315 -14.63 24.94 -2.12
N SER D 316 -13.35 24.65 -1.89
CA SER D 316 -12.93 23.30 -1.51
C SER D 316 -12.14 23.23 -0.20
N ILE D 317 -12.31 22.13 0.52
CA ILE D 317 -11.43 21.81 1.65
C ILE D 317 -10.96 20.37 1.55
N MET D 318 -9.65 20.18 1.48
CA MET D 318 -9.13 18.83 1.53
C MET D 318 -8.21 18.67 2.71
N GLY D 319 -8.19 17.47 3.26
CA GLY D 319 -7.23 17.19 4.27
C GLY D 319 -7.29 15.83 4.91
N ARG D 320 -6.19 15.51 5.57
CA ARG D 320 -6.06 14.32 6.35
C ARG D 320 -5.97 14.72 7.82
N ASP D 321 -6.66 13.98 8.66
CA ASP D 321 -6.63 14.16 10.10
C ASP D 321 -5.70 13.09 10.63
N GLU D 322 -4.46 13.46 10.94
CA GLU D 322 -3.38 12.52 11.30
C GLU D 322 -3.63 11.75 12.60
N GLU D 323 -4.44 12.33 13.48
CA GLU D 323 -4.82 11.67 14.73
C GLU D 323 -5.74 10.50 14.50
N THR D 324 -6.74 10.69 13.64
CA THR D 324 -7.75 9.66 13.38
C THR D 324 -7.44 8.90 12.09
N GLY D 325 -6.62 9.50 11.23
CA GLY D 325 -6.35 8.92 9.91
C GLY D 325 -7.48 9.12 8.92
N ALA D 326 -8.48 9.93 9.28
CA ALA D 326 -9.55 10.27 8.35
C ALA D 326 -8.97 11.09 7.20
N ALA D 327 -9.50 10.86 5.99
CA ALA D 327 -9.18 11.72 4.87
C ALA D 327 -10.49 12.24 4.27
N LEU D 328 -10.49 13.49 3.85
CA LEU D 328 -11.70 14.04 3.22
C LEU D 328 -11.42 15.11 2.15
N MET D 329 -12.41 15.28 1.29
CA MET D 329 -12.51 16.39 0.34
C MET D 329 -13.97 16.80 0.32
N LEU D 330 -14.20 18.05 0.71
CA LEU D 330 -15.51 18.68 0.64
C LEU D 330 -15.41 19.84 -0.35
N ILE D 331 -16.33 19.86 -1.30
CA ILE D 331 -16.43 20.97 -2.25
C ILE D 331 -17.86 21.39 -2.43
N GLN D 332 -18.10 22.68 -2.31
CA GLN D 332 -19.40 23.26 -2.60
C GLN D 332 -19.29 24.11 -3.84
N ASN D 333 -20.36 24.16 -4.62
CA ASN D 333 -20.39 25.04 -5.80
C ASN D 333 -20.98 26.45 -5.55
N SER D 334 -20.74 26.94 -4.33
CA SER D 334 -20.97 28.34 -4.00
C SER D 334 -19.63 28.96 -3.64
N GLY D 335 -19.44 30.20 -4.08
CA GLY D 335 -18.28 31.03 -3.72
C GLY D 335 -18.72 32.48 -3.56
N ALA D 336 -17.78 33.37 -3.28
CA ALA D 336 -18.06 34.81 -3.23
C ALA D 336 -16.75 35.54 -3.37
N GLY D 337 -16.83 36.82 -3.73
CA GLY D 337 -15.65 37.65 -3.89
C GLY D 337 -15.01 38.08 -2.58
N ASP D 338 -15.73 37.92 -1.48
CA ASP D 338 -15.28 38.40 -0.17
C ASP D 338 -14.92 37.26 0.80
N PHE D 339 -13.67 37.27 1.28
CA PHE D 339 -13.12 36.28 2.24
C PHE D 339 -13.96 36.14 3.47
N GLU D 340 -14.73 37.19 3.75
CA GLU D 340 -15.65 37.23 4.88
C GLU D 340 -17.05 36.70 4.58
N SER D 341 -17.38 36.50 3.31
CA SER D 341 -18.71 35.99 2.95
C SER D 341 -18.97 34.63 3.57
N PHE D 342 -20.19 34.38 4.01
CA PHE D 342 -20.60 33.02 4.35
C PHE D 342 -20.36 32.03 3.21
N TYR D 343 -20.55 32.50 1.98
CA TYR D 343 -20.40 31.64 0.78
C TYR D 343 -18.96 31.32 0.40
N LEU D 344 -18.01 32.00 1.04
CA LEU D 344 -16.62 31.61 0.99
C LEU D 344 -16.20 30.87 2.26
N LYS D 345 -16.04 31.59 3.38
CA LYS D 345 -15.45 30.97 4.58
C LYS D 345 -16.35 29.96 5.29
N GLY D 346 -17.65 29.98 4.98
CA GLY D 346 -18.59 29.03 5.57
C GLY D 346 -18.45 27.61 5.08
N VAL D 347 -17.62 27.37 4.06
CA VAL D 347 -17.22 25.99 3.67
C VAL D 347 -16.62 25.22 4.87
N ASN D 348 -15.96 25.96 5.77
CA ASN D 348 -15.35 25.37 6.96
C ASN D 348 -16.32 24.82 7.99
N GLU D 349 -17.57 25.28 8.00
CA GLU D 349 -18.55 24.84 9.01
C GLU D 349 -18.97 23.37 8.89
N PRO D 350 -19.37 22.90 7.68
CA PRO D 350 -19.72 21.48 7.56
C PRO D 350 -18.49 20.58 7.73
N VAL D 351 -17.30 21.07 7.38
CA VAL D 351 -16.08 20.32 7.71
C VAL D 351 -15.99 20.16 9.23
N ASP D 352 -16.10 21.27 9.97
CA ASP D 352 -16.08 21.25 11.44
C ASP D 352 -17.07 20.24 12.01
N ARG D 353 -18.34 20.34 11.58
CA ARG D 353 -19.40 19.42 12.02
C ARG D 353 -19.09 17.95 11.71
N VAL D 354 -18.51 17.66 10.55
CA VAL D 354 -18.24 16.27 10.17
C VAL D 354 -17.15 15.67 11.07
N LEU D 355 -16.07 16.41 11.29
CA LEU D 355 -14.96 15.95 12.13
C LEU D 355 -15.41 15.69 13.57
N GLU D 356 -16.26 16.59 14.09
CA GLU D 356 -16.89 16.43 15.41
C GLU D 356 -17.82 15.23 15.45
N ALA D 357 -18.53 14.96 14.35
CA ALA D 357 -19.38 13.79 14.28
C ALA D 357 -18.54 12.53 14.31
N ILE D 358 -17.44 12.51 13.56
CA ILE D 358 -16.50 11.38 13.60
C ILE D 358 -15.97 11.11 15.02
N LYS D 359 -15.54 12.17 15.69
CA LYS D 359 -15.04 12.07 17.05
C LYS D 359 -16.11 11.49 17.98
N ASN D 360 -17.32 12.03 17.87
CA ASN D 360 -18.39 11.62 18.75
C ASN D 360 -18.88 10.20 18.52
N SER D 361 -18.61 9.65 17.35
CA SER D 361 -18.97 8.27 17.06
C SER D 361 -17.93 7.30 17.64
N ARG D 362 -16.68 7.77 17.73
CA ARG D 362 -15.58 7.03 18.35
C ARG D 362 -15.60 7.11 19.88
N SER D 363 -16.69 7.66 20.42
CA SER D 363 -16.99 7.65 21.86
C SER D 363 -18.38 7.05 22.07
N SER E 2 -27.50 23.18 36.66
CA SER E 2 -27.26 21.99 35.77
C SER E 2 -26.28 20.99 36.38
N ASP E 3 -25.94 19.96 35.61
CA ASP E 3 -24.98 18.93 36.01
C ASP E 3 -23.54 19.47 36.08
N LEU E 4 -23.22 20.33 35.12
CA LEU E 4 -21.90 20.96 35.00
C LEU E 4 -21.69 22.07 36.05
N ASN E 5 -22.77 22.77 36.40
CA ASN E 5 -22.71 23.86 37.39
C ASN E 5 -22.31 23.37 38.78
N ASN E 6 -22.94 22.28 39.21
CA ASN E 6 -22.64 21.65 40.49
C ASN E 6 -21.23 21.04 40.51
N ALA E 7 -20.75 20.58 39.35
CA ALA E 7 -19.36 20.14 39.21
C ALA E 7 -18.40 21.33 39.40
N ILE E 8 -18.65 22.41 38.67
CA ILE E 8 -17.81 23.61 38.76
C ILE E 8 -17.79 24.22 40.16
N GLN E 9 -18.97 24.39 40.76
CA GLN E 9 -19.04 24.92 42.12
C GLN E 9 -18.14 24.11 43.03
N GLY E 10 -18.27 22.78 42.95
CA GLY E 10 -17.46 21.82 43.68
C GLY E 10 -15.96 21.93 43.45
N ILE E 11 -15.58 22.29 42.23
CA ILE E 11 -14.16 22.58 41.92
C ILE E 11 -13.69 23.82 42.69
N LEU E 12 -14.44 24.92 42.55
CA LEU E 12 -14.14 26.16 43.26
C LEU E 12 -14.12 25.98 44.78
N ASP E 13 -15.12 25.29 45.33
CA ASP E 13 -15.15 24.98 46.76
C ASP E 13 -13.95 24.13 47.19
N ASP E 14 -13.58 23.14 46.38
CA ASP E 14 -12.38 22.33 46.64
C ASP E 14 -11.12 23.20 46.72
N HIS E 15 -11.09 24.26 45.91
CA HIS E 15 -9.93 25.12 45.79
C HIS E 15 -9.74 26.01 47.02
N VAL E 16 -10.80 26.68 47.48
CA VAL E 16 -10.68 27.52 48.70
C VAL E 16 -10.34 26.69 49.96
N ALA E 17 -10.93 25.50 50.05
CA ALA E 17 -10.63 24.53 51.11
C ALA E 17 -9.15 24.16 51.17
N ARG E 18 -8.45 24.35 50.04
CA ARG E 18 -7.01 24.08 50.00
C ARG E 18 -6.21 25.26 50.58
N GLY E 19 -6.88 26.40 50.73
CA GLY E 19 -6.28 27.56 51.36
C GLY E 19 -6.77 28.89 50.80
N VAL E 20 -7.09 28.92 49.51
CA VAL E 20 -7.39 30.17 48.82
C VAL E 20 -8.55 30.92 49.50
N VAL E 21 -8.39 32.23 49.67
CA VAL E 21 -9.39 33.05 50.34
C VAL E 21 -10.72 33.04 49.59
N GLY E 22 -10.66 33.33 48.30
CA GLY E 22 -11.88 33.43 47.50
C GLY E 22 -11.54 33.27 46.04
N VAL E 23 -12.55 32.94 45.23
CA VAL E 23 -12.38 32.67 43.80
C VAL E 23 -13.63 33.15 43.06
N SER E 24 -13.44 33.83 41.92
CA SER E 24 -14.54 34.25 41.06
C SER E 24 -14.32 33.75 39.62
N LEU E 25 -15.35 33.15 39.04
CA LEU E 25 -15.27 32.57 37.70
C LEU E 25 -16.39 33.02 36.79
N ALA E 26 -16.05 33.32 35.54
CA ALA E 26 -17.03 33.49 34.47
C ALA E 26 -16.70 32.50 33.35
N LEU E 27 -17.71 31.80 32.86
CA LEU E 27 -17.54 30.77 31.84
C LEU E 27 -18.65 30.81 30.80
N CYS E 28 -18.26 31.02 29.55
CA CYS E 28 -19.20 30.96 28.45
C CYS E 28 -18.90 29.74 27.57
N LEU E 29 -19.91 28.89 27.40
CA LEU E 29 -19.85 27.82 26.40
C LEU E 29 -20.37 28.40 25.07
N PRO E 30 -20.02 27.75 23.95
CA PRO E 30 -20.42 28.34 22.66
C PRO E 30 -21.93 28.23 22.43
N GLY E 31 -22.53 29.33 21.96
CA GLY E 31 -23.97 29.40 21.73
C GLY E 31 -24.75 29.41 23.04
N GLU E 32 -24.13 30.02 24.06
CA GLU E 32 -24.72 30.12 25.39
C GLU E 32 -24.47 31.49 26.02
N GLU E 33 -25.09 31.71 27.18
CA GLU E 33 -24.86 32.92 27.96
C GLU E 33 -23.78 32.65 29.01
N THR E 34 -23.11 33.70 29.46
CA THR E 34 -22.08 33.56 30.48
C THR E 34 -22.68 33.14 31.83
N SER E 35 -22.24 32.01 32.34
CA SER E 35 -22.58 31.52 33.67
C SER E 35 -21.53 32.00 34.68
N LEU E 36 -21.94 32.27 35.93
CA LEU E 36 -21.04 32.80 36.96
C LEU E 36 -21.00 31.91 38.21
N TYR E 37 -19.82 31.82 38.82
CA TYR E 37 -19.63 31.02 40.03
C TYR E 37 -18.63 31.70 40.97
N GLN E 38 -18.90 31.65 42.28
CA GLN E 38 -17.94 32.08 43.31
C GLN E 38 -17.94 31.18 44.54
N SER E 39 -16.85 31.23 45.29
CA SER E 39 -16.67 30.53 46.55
C SER E 39 -15.68 31.32 47.40
N GLY E 40 -15.69 31.08 48.72
CA GLY E 40 -14.83 31.83 49.64
C GLY E 40 -15.24 33.28 49.79
N TYR E 41 -14.35 34.10 50.32
CA TYR E 41 -14.68 35.51 50.65
C TYR E 41 -13.92 36.56 49.83
N ALA E 42 -14.61 37.64 49.52
CA ALA E 42 -14.00 38.85 49.01
C ALA E 42 -13.26 39.63 50.12
N ASP E 43 -13.76 39.50 51.35
CA ASP E 43 -13.09 40.06 52.54
C ASP E 43 -12.92 38.99 53.63
N LYS E 44 -11.67 38.73 53.99
CA LYS E 44 -11.34 37.62 54.90
C LYS E 44 -11.91 37.81 56.29
N ASN E 46 -14.20 39.40 57.51
CA ASN E 46 -14.99 40.63 57.63
C ASN E 46 -16.47 40.56 57.15
N LYS E 47 -17.03 39.38 56.91
CA LYS E 47 -16.36 38.16 56.48
C LYS E 47 -17.14 37.88 55.19
N MET E 48 -16.97 38.80 54.24
CA MET E 48 -17.91 38.94 53.12
C MET E 48 -17.66 38.00 51.94
N PRO E 49 -18.63 37.10 51.67
CA PRO E 49 -18.49 36.12 50.58
C PRO E 49 -18.26 36.80 49.23
N MET E 50 -17.51 36.11 48.36
CA MET E 50 -17.29 36.56 46.98
C MET E 50 -18.59 36.57 46.18
N THR E 51 -18.81 37.62 45.41
CA THR E 51 -19.88 37.64 44.41
C THR E 51 -19.32 37.88 42.99
N GLY E 52 -20.14 37.65 41.97
CA GLY E 52 -19.78 37.96 40.60
C GLY E 52 -19.69 39.44 40.26
N ASP E 53 -19.87 40.29 41.27
CA ASP E 53 -19.84 41.75 41.07
C ASP E 53 -18.60 42.42 41.67
N HIS E 54 -17.81 41.65 42.43
CA HIS E 54 -16.55 42.13 42.97
C HIS E 54 -15.57 42.36 41.83
N LEU E 55 -14.90 43.52 41.85
CA LEU E 55 -13.82 43.81 40.89
C LEU E 55 -12.48 43.22 41.31
N PHE E 56 -11.59 43.07 40.33
CA PHE E 56 -10.24 42.58 40.57
C PHE E 56 -9.28 43.43 39.74
N ARG E 57 -8.03 43.50 40.20
CA ARG E 57 -6.92 43.94 39.38
C ARG E 57 -6.54 42.74 38.46
N ILE E 58 -6.66 42.92 37.13
CA ILE E 58 -6.38 41.82 36.19
C ILE E 58 -4.91 41.70 35.74
N ALA E 59 -4.07 42.65 36.17
CA ALA E 59 -2.62 42.63 35.92
C ALA E 59 -2.32 42.38 34.42
N SER E 60 -1.41 41.48 34.10
CA SER E 60 -0.99 41.27 32.71
C SER E 60 -2.05 40.87 31.70
N CYS E 61 -3.27 40.57 32.16
CA CYS E 61 -4.39 40.33 31.23
C CYS E 61 -4.69 41.64 30.49
N THR E 62 -4.18 42.75 31.05
CA THR E 62 -4.22 44.06 30.43
C THR E 62 -3.52 44.07 29.07
N LYS E 63 -2.42 43.32 28.95
CA LYS E 63 -1.66 43.22 27.71
C LYS E 63 -2.51 42.84 26.47
N SER E 64 -3.43 41.90 26.63
CA SER E 64 -4.35 41.52 25.52
C SER E 64 -5.15 42.69 24.98
N PHE E 65 -5.65 43.54 25.89
CA PHE E 65 -6.36 44.77 25.54
C PHE E 65 -5.46 45.79 24.87
N ILE E 66 -4.24 45.95 25.38
CA ILE E 66 -3.27 46.90 24.76
C ILE E 66 -2.79 46.44 23.36
N ALA E 67 -2.49 45.14 23.22
CA ALA E 67 -2.24 44.54 21.91
C ALA E 67 -3.39 44.83 20.91
N THR E 68 -4.61 44.48 21.32
CA THR E 68 -5.83 44.73 20.53
C THR E 68 -5.91 46.19 20.11
N GLY E 69 -5.84 47.09 21.08
CA GLY E 69 -5.72 48.53 20.81
C GLY E 69 -4.74 48.89 19.70
N LEU E 70 -3.52 48.39 19.80
CA LEU E 70 -2.48 48.60 18.77
C LEU E 70 -2.80 47.93 17.42
N HIS E 71 -3.38 46.73 17.46
CA HIS E 71 -3.83 46.03 16.25
C HIS E 71 -4.98 46.79 15.57
N LEU E 72 -5.84 47.41 16.36
CA LEU E 72 -6.95 48.23 15.82
C LEU E 72 -6.40 49.37 14.99
N LEU E 73 -5.33 49.99 15.49
CA LEU E 73 -4.61 51.03 14.78
C LEU E 73 -3.94 50.51 13.51
N VAL E 74 -3.51 49.25 13.55
CA VAL E 74 -2.90 48.59 12.39
C VAL E 74 -3.95 48.42 11.28
N GLN E 75 -5.16 48.02 11.68
CA GLN E 75 -6.30 47.97 10.78
C GLN E 75 -6.75 49.37 10.36
N ASP E 76 -6.57 50.35 11.26
CA ASP E 76 -6.93 51.74 10.93
C ASP E 76 -5.99 52.29 9.85
N GLY E 77 -4.82 51.66 9.67
CA GLY E 77 -3.87 52.06 8.64
C GLY E 77 -2.76 53.00 9.07
N THR E 78 -2.78 53.40 10.34
CA THR E 78 -1.81 54.36 10.87
C THR E 78 -0.53 53.71 11.43
N VAL E 79 -0.59 52.40 11.75
CA VAL E 79 0.60 51.67 12.22
C VAL E 79 0.85 50.39 11.39
N ASP E 80 2.12 50.12 11.12
CA ASP E 80 2.54 48.86 10.48
C ASP E 80 3.33 47.98 11.46
N LEU E 81 2.90 46.73 11.59
CA LEU E 81 3.53 45.78 12.54
C LEU E 81 5.00 45.50 12.23
N ASP E 82 5.42 45.73 10.99
CA ASP E 82 6.81 45.51 10.62
C ASP E 82 7.65 46.79 10.47
N GLU E 83 7.07 47.94 10.81
CA GLU E 83 7.80 49.22 10.75
C GLU E 83 8.61 49.48 12.03
N PRO E 84 9.77 50.15 11.89
CA PRO E 84 10.61 50.37 13.08
C PRO E 84 9.98 51.38 14.06
N ILE E 85 10.21 51.13 15.35
CA ILE E 85 9.65 51.98 16.41
C ILE E 85 10.42 53.29 16.58
N THR E 86 11.48 53.47 15.78
CA THR E 86 12.21 54.76 15.67
C THR E 86 11.31 55.94 15.33
N ARG E 87 10.17 55.66 14.69
CA ARG E 87 9.16 56.68 14.35
C ARG E 87 8.58 57.36 15.59
N TRP E 88 8.47 56.62 16.68
CA TRP E 88 7.95 57.16 17.93
C TRP E 88 9.05 57.35 18.98
N PHE E 89 10.11 56.55 18.86
CA PHE E 89 11.14 56.50 19.89
C PHE E 89 12.54 56.57 19.31
N PRO E 90 12.87 57.68 18.59
CA PRO E 90 14.14 57.74 17.87
C PRO E 90 15.41 57.60 18.71
N ASP E 91 15.39 57.97 19.99
CA ASP E 91 16.63 57.87 20.79
C ASP E 91 16.67 56.64 21.69
N LEU E 92 15.73 55.72 21.50
CA LEU E 92 15.72 54.51 22.30
C LEU E 92 16.77 53.54 21.74
N PRO E 93 17.71 53.10 22.59
CA PRO E 93 18.77 52.19 22.15
C PRO E 93 18.21 51.00 21.38
N LYS E 94 18.84 50.70 20.24
CA LYS E 94 18.51 49.55 19.37
C LYS E 94 17.13 49.60 18.70
N ALA E 95 16.51 50.78 18.67
CA ALA E 95 15.16 50.93 18.13
C ALA E 95 15.04 50.66 16.62
N ALA E 96 16.12 50.85 15.87
CA ALA E 96 16.14 50.57 14.44
C ALA E 96 15.94 49.09 14.14
N GLN E 97 16.24 48.26 15.14
CA GLN E 97 16.14 46.80 15.05
C GLN E 97 14.87 46.26 15.69
N MET E 98 13.96 47.16 16.06
CA MET E 98 12.70 46.77 16.67
C MET E 98 11.49 47.13 15.79
N PRO E 99 10.92 46.15 15.08
CA PRO E 99 9.63 46.38 14.44
C PRO E 99 8.51 46.49 15.48
N VAL E 100 7.43 47.20 15.16
CA VAL E 100 6.31 47.37 16.09
C VAL E 100 5.89 46.04 16.73
N ARG E 101 5.89 44.97 15.95
CA ARG E 101 5.47 43.65 16.47
C ARG E 101 6.30 43.19 17.66
N ILE E 102 7.57 43.60 17.72
CA ILE E 102 8.50 43.14 18.76
C ILE E 102 8.19 43.66 20.19
N LEU E 103 7.34 44.68 20.26
CA LEU E 103 6.88 45.20 21.53
C LEU E 103 5.84 44.27 22.16
N LEU E 104 5.24 43.42 21.32
CA LEU E 104 4.09 42.61 21.69
C LEU E 104 4.42 41.12 21.85
N ASN E 105 5.53 40.70 21.27
CA ASN E 105 5.83 39.28 21.20
C ASN E 105 6.87 38.80 22.21
N HIS E 106 7.27 39.66 23.15
CA HIS E 106 8.20 39.30 24.24
C HIS E 106 9.60 38.84 23.76
N ARG E 107 10.02 39.33 22.59
CA ARG E 107 11.29 38.99 21.97
C ARG E 107 12.15 40.23 21.71
N SER E 108 11.73 41.36 22.28
CA SER E 108 12.38 42.64 22.03
C SER E 108 13.79 42.76 22.63
N GLY E 109 14.00 42.09 23.77
CA GLY E 109 15.25 42.25 24.48
C GLY E 109 15.26 43.51 25.35
N LEU E 110 14.16 44.26 25.34
CA LEU E 110 14.02 45.48 26.14
C LEU E 110 14.29 45.24 27.62
N PRO E 111 15.02 46.18 28.27
CA PRO E 111 15.27 46.02 29.70
C PRO E 111 13.95 46.18 30.44
N ASP E 112 13.76 45.41 31.52
CA ASP E 112 12.48 45.41 32.24
C ASP E 112 12.53 46.15 33.58
N PHE E 113 11.36 46.55 34.05
CA PHE E 113 11.23 47.34 35.27
C PHE E 113 10.63 46.58 36.44
N GLU E 114 9.87 45.52 36.15
CA GLU E 114 8.99 44.89 37.12
C GLU E 114 9.76 44.42 38.35
N THR E 115 10.89 43.77 38.10
CA THR E 115 11.76 43.26 39.14
C THR E 115 12.41 44.37 39.99
N SER E 116 12.49 45.58 39.47
CA SER E 116 13.12 46.66 40.23
C SER E 116 12.13 47.59 40.93
N MET E 117 10.85 47.44 40.62
CA MET E 117 9.81 48.22 41.29
C MET E 117 9.46 47.63 42.67
N PRO E 118 9.38 48.49 43.70
CA PRO E 118 8.92 48.04 44.99
C PRO E 118 7.46 47.57 44.99
N MET E 119 7.12 46.69 45.91
CA MET E 119 5.78 46.12 45.94
C MET E 119 4.79 47.04 46.61
N ILE E 120 5.29 47.85 47.54
CA ILE E 120 4.43 48.74 48.32
C ILE E 120 4.83 50.18 48.05
N SER E 121 3.91 50.97 47.47
CA SER E 121 4.20 52.34 47.06
C SER E 121 2.94 53.12 46.69
N ASP E 122 2.95 54.41 47.05
CA ASP E 122 1.92 55.38 46.71
C ASP E 122 2.36 56.28 45.56
N LYS E 123 3.52 55.99 44.97
CA LYS E 123 4.03 56.79 43.87
C LYS E 123 3.10 56.69 42.68
N SER E 124 2.93 57.81 41.99
CA SER E 124 2.31 57.83 40.68
C SER E 124 3.39 57.91 39.62
N TRP E 125 3.35 56.96 38.68
CA TRP E 125 4.35 56.87 37.63
C TRP E 125 3.84 57.43 36.30
N THR E 126 4.75 57.93 35.46
CA THR E 126 4.39 58.19 34.07
C THR E 126 5.08 57.16 33.18
N ALA E 127 4.56 56.99 31.97
CA ALA E 127 5.05 56.03 30.98
C ALA E 127 6.55 56.21 30.70
N GLN E 128 6.94 57.43 30.33
CA GLN E 128 8.34 57.73 30.00
C GLN E 128 9.26 57.40 31.18
N GLU E 129 8.80 57.76 32.37
CA GLU E 129 9.49 57.48 33.62
C GLU E 129 9.77 55.99 33.80
N ILE E 130 8.75 55.15 33.59
CA ILE E 130 8.91 53.70 33.65
C ILE E 130 9.94 53.20 32.62
N VAL E 131 9.91 53.76 31.40
CA VAL E 131 10.86 53.42 30.34
C VAL E 131 12.29 53.83 30.70
N ASP E 132 12.47 55.05 31.24
CA ASP E 132 13.79 55.53 31.68
C ASP E 132 14.29 54.63 32.82
N PHE E 133 13.39 54.35 33.75
CA PHE E 133 13.67 53.46 34.89
C PHE E 133 14.12 52.06 34.46
N SER E 134 13.40 51.46 33.51
CA SER E 134 13.77 50.17 32.92
C SER E 134 15.21 50.15 32.39
N PHE E 135 15.56 51.15 31.57
CA PHE E 135 16.90 51.26 31.01
C PHE E 135 18.01 51.46 32.03
N ARG E 136 17.64 51.91 33.23
CA ARG E 136 18.59 52.24 34.29
C ARG E 136 18.85 51.05 35.22
N HIS E 137 17.86 50.17 35.37
CA HIS E 137 17.92 49.09 36.34
C HIS E 137 17.91 47.71 35.66
N GLY E 138 17.25 47.62 34.51
CA GLY E 138 17.13 46.35 33.78
C GLY E 138 18.34 46.09 32.89
N VAL E 139 18.34 44.93 32.24
CA VAL E 139 19.40 44.49 31.34
C VAL E 139 18.82 44.37 29.92
N GLN E 140 19.42 45.08 28.96
CA GLN E 140 18.96 45.06 27.57
C GLN E 140 19.68 43.98 26.75
N LYS E 141 18.93 43.28 25.91
CA LYS E 141 19.47 42.25 25.01
C LYS E 141 19.18 42.65 23.58
N GLU E 142 19.76 41.93 22.62
CA GLU E 142 19.49 42.20 21.21
C GLU E 142 18.04 41.90 20.88
N PRO E 143 17.44 42.71 19.98
CA PRO E 143 16.11 42.31 19.50
C PRO E 143 16.17 40.89 18.90
N TRP E 144 15.16 40.08 19.19
CA TRP E 144 15.02 38.71 18.66
C TRP E 144 15.98 37.68 19.27
N HIS E 145 16.54 37.99 20.44
CA HIS E 145 17.51 37.10 21.12
C HIS E 145 16.87 35.75 21.54
N GLY E 146 15.57 35.77 21.76
CA GLY E 146 14.84 34.64 22.37
C GLY E 146 13.63 35.24 23.04
N MET E 147 12.86 34.42 23.73
CA MET E 147 11.73 34.94 24.46
C MET E 147 12.07 35.24 25.90
N GLU E 148 11.83 36.50 26.27
CA GLU E 148 11.91 36.93 27.65
C GLU E 148 10.75 37.90 27.88
N TYR E 149 9.90 37.54 28.83
CA TYR E 149 8.67 38.25 29.07
C TYR E 149 8.97 39.72 29.32
N SER E 150 8.27 40.58 28.59
CA SER E 150 8.58 42.00 28.55
C SER E 150 7.38 42.89 28.87
N ASN E 151 7.44 43.53 30.05
CA ASN E 151 6.48 44.55 30.44
C ASN E 151 6.72 45.90 29.73
N THR E 152 7.98 46.22 29.48
CA THR E 152 8.39 47.51 28.87
C THR E 152 7.90 47.68 27.42
N GLY E 153 7.87 46.58 26.68
CA GLY E 153 7.33 46.59 25.31
C GLY E 153 5.89 47.02 25.28
N TYR E 154 5.14 46.63 26.31
CA TYR E 154 3.73 47.01 26.40
C TYR E 154 3.49 48.46 26.84
N VAL E 155 4.37 48.99 27.70
CA VAL E 155 4.32 50.40 28.10
C VAL E 155 4.56 51.24 26.84
N LEU E 156 5.59 50.87 26.08
CA LEU E 156 5.90 51.47 24.77
C LEU E 156 4.73 51.33 23.77
N ALA E 157 4.07 50.18 23.75
CA ALA E 157 2.93 50.00 22.88
C ALA E 157 1.80 50.96 23.28
N GLY E 158 1.59 51.11 24.60
CA GLY E 158 0.70 52.16 25.14
C GLY E 158 1.03 53.58 24.67
N MET E 159 2.33 53.91 24.66
CA MET E 159 2.83 55.21 24.17
C MET E 159 2.64 55.49 22.67
N ILE E 160 2.68 54.46 21.83
CA ILE E 160 2.26 54.58 20.44
C ILE E 160 0.74 54.84 20.37
N ILE E 161 -0.03 54.12 21.17
CA ILE E 161 -1.48 54.35 21.20
C ILE E 161 -1.78 55.81 21.59
N ALA E 162 -1.15 56.29 22.68
CA ALA E 162 -1.37 57.65 23.18
C ALA E 162 -0.97 58.72 22.16
N HIS E 163 0.19 58.55 21.54
CA HIS E 163 0.65 59.45 20.47
C HIS E 163 -0.29 59.46 19.24
N GLU E 164 -0.75 58.29 18.81
CA GLU E 164 -1.58 58.18 17.61
C GLU E 164 -3.00 58.72 17.78
N THR E 165 -3.60 58.51 18.96
CA THR E 165 -4.96 58.97 19.21
C THR E 165 -5.00 60.36 19.84
N GLY E 166 -3.82 60.85 20.22
CA GLY E 166 -3.65 62.15 20.88
C GLY E 166 -4.26 62.20 22.28
N LYS E 167 -4.69 61.03 22.79
CA LYS E 167 -5.37 60.89 24.09
C LYS E 167 -4.82 59.69 24.89
N PRO E 168 -4.93 59.72 26.23
CA PRO E 168 -4.42 58.56 27.01
C PRO E 168 -4.92 57.19 26.45
N TYR E 169 -4.05 56.18 26.43
CA TYR E 169 -4.42 54.87 25.84
C TYR E 169 -5.75 54.31 26.36
N SER E 170 -6.16 54.73 27.56
CA SER E 170 -7.47 54.37 28.15
C SER E 170 -8.65 54.69 27.25
N ASP E 171 -8.63 55.87 26.66
CA ASP E 171 -9.76 56.32 25.85
C ASP E 171 -9.90 55.48 24.56
N HIS E 172 -8.77 55.10 23.97
CA HIS E 172 -8.76 54.19 22.82
C HIS E 172 -9.38 52.85 23.24
N LEU E 173 -8.90 52.28 24.35
CA LEU E 173 -9.50 51.06 24.88
C LEU E 173 -11.01 51.16 25.16
N ARG E 174 -11.47 52.28 25.73
CA ARG E 174 -12.87 52.39 26.16
C ARG E 174 -13.83 52.46 24.98
N SER E 175 -13.52 53.34 24.03
CA SER E 175 -14.44 53.60 22.93
C SER E 175 -14.37 52.53 21.85
N ARG E 176 -13.22 51.85 21.76
CA ARG E 176 -13.03 50.83 20.75
C ARG E 176 -13.34 49.43 21.28
N ILE E 177 -13.32 49.29 22.62
CA ILE E 177 -13.54 47.99 23.26
C ILE E 177 -14.62 47.92 24.36
N PHE E 178 -14.44 48.66 25.45
CA PHE E 178 -15.37 48.49 26.59
C PHE E 178 -16.80 48.88 26.21
N ALA E 179 -16.94 50.01 25.53
CA ALA E 179 -18.24 50.58 25.18
C ALA E 179 -19.04 49.73 24.17
N PRO E 180 -18.49 49.48 22.94
CA PRO E 180 -19.23 48.66 21.95
C PRO E 180 -19.62 47.26 22.44
N LEU E 181 -19.09 46.85 23.58
CA LEU E 181 -19.39 45.55 24.16
C LEU E 181 -20.08 45.70 25.51
N GLY E 182 -20.28 46.95 25.95
CA GLY E 182 -21.02 47.23 27.17
C GLY E 182 -20.35 46.68 28.43
N MET E 183 -19.02 46.80 28.47
CA MET E 183 -18.23 46.35 29.63
C MET E 183 -18.27 47.51 30.62
N LYS E 184 -19.21 47.47 31.56
CA LYS E 184 -19.48 48.63 32.41
C LYS E 184 -18.76 48.60 33.77
N ASP E 185 -18.10 47.48 34.06
CA ASP E 185 -17.33 47.35 35.29
C ASP E 185 -15.83 47.20 34.99
N THR E 186 -15.37 47.89 33.94
CA THR E 186 -13.99 47.74 33.47
C THR E 186 -13.26 49.09 33.39
N TRP E 187 -12.10 49.15 34.04
CA TRP E 187 -11.34 50.40 34.16
C TRP E 187 -9.85 50.27 33.87
N VAL E 188 -9.26 51.36 33.38
CA VAL E 188 -7.83 51.49 33.13
C VAL E 188 -7.16 52.34 34.22
N GLY E 189 -6.47 51.66 35.14
CA GLY E 189 -6.07 52.22 36.43
C GLY E 189 -5.04 53.32 36.44
N THR E 190 -4.29 53.48 35.35
CA THR E 190 -3.35 54.60 35.24
C THR E 190 -4.06 55.90 34.87
N HIS E 191 -5.17 55.81 34.15
CA HIS E 191 -5.80 57.02 33.62
C HIS E 191 -7.25 57.26 34.04
N GLU E 192 -7.80 56.34 34.83
CA GLU E 192 -9.21 56.37 35.19
C GLU E 192 -9.35 55.91 36.62
N THR E 193 -10.36 56.48 37.29
CA THR E 193 -10.68 56.11 38.67
C THR E 193 -11.74 55.02 38.65
N PHE E 194 -11.51 53.97 39.44
CA PHE E 194 -12.51 52.92 39.67
C PHE E 194 -12.96 52.95 41.14
N PRO E 195 -14.26 52.62 41.39
CA PRO E 195 -14.85 52.52 42.73
C PRO E 195 -14.18 51.44 43.60
N ILE E 196 -13.45 51.89 44.62
CA ILE E 196 -12.57 51.03 45.42
C ILE E 196 -13.33 50.04 46.33
N GLU E 197 -14.45 50.47 46.90
CA GLU E 197 -15.26 49.62 47.79
C GLU E 197 -15.86 48.37 47.09
N ARG E 198 -15.93 48.45 45.75
CA ARG E 198 -16.37 47.34 44.89
C ARG E 198 -15.33 46.21 44.73
N GLU E 199 -14.06 46.54 44.92
CA GLU E 199 -12.98 45.59 44.64
C GLU E 199 -12.88 44.54 45.75
N ALA E 200 -12.79 43.27 45.36
CA ALA E 200 -12.42 42.24 46.30
C ALA E 200 -11.03 42.56 46.86
N ARG E 201 -10.81 42.20 48.12
CA ARG E 201 -9.51 42.37 48.73
C ARG E 201 -8.56 41.33 48.15
N GLY E 202 -7.27 41.65 48.12
CA GLY E 202 -6.26 40.70 47.69
C GLY E 202 -5.45 40.27 48.87
N TYR E 203 -5.05 39.00 48.90
CA TYR E 203 -4.28 38.47 50.02
C TYR E 203 -2.99 37.84 49.60
N MET E 204 -1.90 38.26 50.24
CA MET E 204 -0.61 37.65 50.03
C MET E 204 -0.34 36.63 51.13
N HIS E 205 0.01 35.41 50.72
CA HIS E 205 0.28 34.29 51.62
C HIS E 205 1.74 34.10 51.92
N ALA E 206 2.03 33.96 53.21
CA ALA E 206 3.38 33.84 53.73
C ALA E 206 3.91 32.42 53.59
N PRO E 223 2.01 39.81 59.37
CA PRO E 223 1.03 38.88 58.78
C PRO E 223 -0.10 38.57 59.76
N VAL E 224 -1.34 38.70 59.28
CA VAL E 224 -2.52 38.50 60.11
C VAL E 224 -3.24 37.22 59.67
N ASP E 225 -3.02 36.14 60.43
CA ASP E 225 -3.59 34.82 60.13
C ASP E 225 -2.94 34.18 58.89
N GLY E 226 -1.66 34.51 58.69
CA GLY E 226 -0.88 33.96 57.58
C GLY E 226 -1.02 34.70 56.26
N VAL E 227 -1.71 35.85 56.28
CA VAL E 227 -1.91 36.71 55.11
C VAL E 227 -1.67 38.21 55.38
N TRP E 228 -1.33 38.95 54.32
CA TRP E 228 -1.46 40.40 54.30
C TRP E 228 -2.57 40.80 53.35
N ASP E 229 -3.30 41.86 53.69
CA ASP E 229 -4.17 42.54 52.74
C ASP E 229 -3.31 43.48 51.89
N SER E 230 -3.03 43.04 50.66
CA SER E 230 -2.09 43.71 49.76
C SER E 230 -2.83 44.46 48.67
N THR E 231 -4.14 44.57 48.86
CA THR E 231 -5.06 45.16 47.89
C THR E 231 -4.54 46.48 47.39
N GLU E 232 -3.85 47.21 48.25
CA GLU E 232 -3.44 48.57 47.93
C GLU E 232 -1.94 48.80 48.03
N TRP E 233 -1.17 47.72 48.16
CA TRP E 233 0.30 47.79 48.14
C TRP E 233 0.82 48.49 46.89
N PHE E 234 0.58 47.89 45.73
CA PHE E 234 1.21 48.30 44.47
C PHE E 234 0.41 49.40 43.74
N PRO E 235 1.11 50.44 43.23
CA PRO E 235 0.40 51.46 42.45
C PRO E 235 0.11 51.01 41.01
N LEU E 236 -1.13 51.13 40.56
CA LEU E 236 -1.51 50.64 39.23
C LEU E 236 -0.80 51.34 38.06
N SER E 237 -0.39 52.59 38.27
CA SER E 237 0.38 53.34 37.29
C SER E 237 1.80 52.81 37.23
N GLY E 238 2.21 52.06 38.25
CA GLY E 238 3.47 51.31 38.22
C GLY E 238 3.49 50.24 37.13
N ALA E 239 2.32 49.70 36.80
CA ALA E 239 2.19 48.66 35.77
C ALA E 239 1.93 49.32 34.41
N ASN E 240 1.14 50.40 34.42
CA ASN E 240 0.84 51.17 33.22
C ASN E 240 0.19 50.18 32.20
N ALA E 241 0.57 50.26 30.93
CA ALA E 241 -0.04 49.44 29.88
C ALA E 241 0.36 47.94 29.94
N ALA E 242 1.32 47.62 30.79
CA ALA E 242 1.69 46.22 31.05
C ALA E 242 0.74 45.52 32.04
N GLY E 243 -0.06 46.26 32.79
CA GLY E 243 -0.96 45.63 33.74
C GLY E 243 -1.81 46.45 34.67
N ASP E 244 -2.29 47.61 34.22
CA ASP E 244 -3.04 48.53 35.11
C ASP E 244 -4.58 48.39 35.16
N MET E 245 -5.16 47.31 34.62
CA MET E 245 -6.62 47.21 34.42
C MET E 245 -7.42 46.54 35.56
N VAL E 246 -8.65 47.02 35.72
CA VAL E 246 -9.59 46.56 36.75
C VAL E 246 -10.87 46.13 36.03
N SER E 247 -11.40 44.97 36.39
CA SER E 247 -12.57 44.42 35.72
C SER E 247 -13.26 43.36 36.58
N THR E 248 -14.29 42.75 36.02
CA THR E 248 -14.91 41.55 36.60
C THR E 248 -14.66 40.40 35.61
N PRO E 249 -14.65 39.15 36.10
CA PRO E 249 -14.71 37.98 35.22
C PRO E 249 -15.78 38.06 34.13
N ARG E 250 -16.99 38.52 34.48
CA ARG E 250 -18.10 38.72 33.53
C ARG E 250 -17.69 39.57 32.32
N ASP E 251 -17.18 40.76 32.59
CA ASP E 251 -16.77 41.71 31.54
C ASP E 251 -15.60 41.21 30.68
N ILE E 252 -14.70 40.45 31.31
CA ILE E 252 -13.56 39.90 30.59
C ILE E 252 -14.09 38.90 29.54
N VAL E 253 -14.98 38.00 29.98
CA VAL E 253 -15.53 36.98 29.12
C VAL E 253 -16.34 37.61 27.96
N LYS E 254 -16.85 38.83 28.18
CA LYS E 254 -17.45 39.63 27.12
C LYS E 254 -16.41 39.91 26.05
N PHE E 255 -15.24 40.39 26.48
CA PHE E 255 -14.10 40.67 25.59
C PHE E 255 -13.65 39.43 24.79
N LEU E 256 -13.36 38.32 25.49
CA LEU E 256 -12.87 37.10 24.88
C LEU E 256 -13.85 36.59 23.78
N ASN E 257 -15.14 36.60 24.09
CA ASN E 257 -16.17 36.25 23.07
C ASN E 257 -16.08 37.07 21.81
N ALA E 258 -16.09 38.38 21.98
CA ALA E 258 -16.08 39.32 20.88
C ALA E 258 -14.77 39.27 20.09
N LEU E 259 -13.65 39.06 20.77
CA LEU E 259 -12.35 38.98 20.11
C LEU E 259 -12.25 37.71 19.23
N PHE E 260 -12.57 36.57 19.81
CA PHE E 260 -12.50 35.30 19.09
C PHE E 260 -13.65 35.05 18.11
N ASP E 261 -14.83 35.63 18.38
CA ASP E 261 -15.95 35.54 17.44
C ASP E 261 -15.90 36.60 16.31
N GLY E 262 -14.74 37.27 16.18
CA GLY E 262 -14.44 38.10 15.02
C GLY E 262 -14.96 39.52 15.04
N ARG E 263 -15.55 39.95 16.16
CA ARG E 263 -16.19 41.27 16.24
C ARG E 263 -15.30 42.45 16.71
N ILE E 264 -14.00 42.23 16.85
CA ILE E 264 -13.08 43.34 17.15
C ILE E 264 -11.99 43.46 16.09
N LEU E 265 -11.21 42.39 15.97
CA LEU E 265 -10.11 42.34 15.02
C LEU E 265 -10.53 41.60 13.75
N ASP E 266 -10.07 42.10 12.61
CA ASP E 266 -10.27 41.43 11.34
C ASP E 266 -9.34 40.20 11.31
N GLN E 267 -9.59 39.30 10.38
CA GLN E 267 -8.95 37.98 10.33
C GLN E 267 -7.41 37.99 10.46
N LYS E 268 -6.78 38.91 9.72
CA LYS E 268 -5.33 39.07 9.70
C LYS E 268 -4.76 39.46 11.09
N ARG E 269 -5.34 40.48 11.71
CA ARG E 269 -4.87 40.96 12.99
C ARG E 269 -5.15 39.98 14.14
N LEU E 270 -6.30 39.34 14.10
CA LEU E 270 -6.62 38.27 15.05
C LEU E 270 -5.60 37.09 14.91
N TRP E 271 -5.25 36.74 13.66
CA TRP E 271 -4.21 35.72 13.40
C TRP E 271 -2.83 36.15 13.94
N GLU E 272 -2.44 37.39 13.65
CA GLU E 272 -1.22 37.99 14.24
C GLU E 272 -1.19 37.86 15.75
N MET E 273 -2.35 38.11 16.37
CA MET E 273 -2.47 38.08 17.81
C MET E 273 -2.44 36.67 18.38
N LYS E 274 -3.20 35.77 17.75
CA LYS E 274 -3.42 34.50 18.38
C LYS E 274 -2.66 33.35 17.76
N ASP E 275 -2.25 33.48 16.49
CA ASP E 275 -1.71 32.31 15.77
C ASP E 275 -0.28 32.44 15.27
N ASN E 276 0.13 33.67 15.05
CA ASN E 276 1.50 33.93 14.68
C ASN E 276 2.37 33.76 15.93
N ILE E 277 2.64 32.50 16.28
CA ILE E 277 3.24 32.17 17.57
C ILE E 277 4.67 31.58 17.53
N LYS E 278 5.35 31.72 18.67
CA LYS E 278 6.67 31.18 18.94
C LYS E 278 6.68 30.65 20.38
N PRO E 279 7.60 29.74 20.73
CA PRO E 279 7.65 29.31 22.14
C PRO E 279 7.81 30.44 23.18
N ALA E 280 7.17 30.26 24.34
CA ALA E 280 7.14 31.26 25.41
C ALA E 280 7.17 30.56 26.75
N PHE E 281 7.86 31.20 27.69
CA PHE E 281 7.98 30.78 29.09
C PHE E 281 7.43 31.87 30.00
N PHE E 282 6.62 31.49 30.99
CA PHE E 282 6.31 32.38 32.10
C PHE E 282 6.40 31.61 33.41
N PRO E 283 7.23 32.11 34.36
CA PRO E 283 7.49 31.33 35.59
C PRO E 283 6.22 31.03 36.43
N GLY E 284 6.03 29.77 36.82
CA GLY E 284 4.85 29.35 37.56
C GLY E 284 3.54 29.45 36.78
N SER E 285 3.57 29.04 35.51
CA SER E 285 2.39 29.05 34.66
C SER E 285 2.36 27.83 33.76
N ASN E 286 1.30 27.70 32.97
CA ASN E 286 1.20 26.62 32.00
C ASN E 286 1.62 27.07 30.57
N THR E 287 2.27 28.23 30.50
CA THR E 287 2.62 28.89 29.23
C THR E 287 3.61 28.08 28.39
N VAL E 288 3.30 27.92 27.10
CA VAL E 288 4.19 27.25 26.14
C VAL E 288 4.56 28.09 24.87
N ALA E 289 3.74 29.10 24.55
CA ALA E 289 3.93 29.93 23.36
C ALA E 289 3.16 31.22 23.50
N ASN E 290 3.51 32.20 22.67
CA ASN E 290 2.78 33.47 22.62
C ASN E 290 2.71 34.02 21.21
N GLY E 291 1.66 34.80 20.94
CA GLY E 291 1.50 35.50 19.67
C GLY E 291 1.90 36.96 19.76
N HIS E 292 0.93 37.84 19.57
CA HIS E 292 1.13 39.27 19.68
C HIS E 292 -0.01 39.82 20.52
N GLY E 293 -0.08 39.34 21.77
CA GLY E 293 -1.10 39.79 22.70
C GLY E 293 -1.78 38.65 23.42
N LEU E 294 -1.45 37.43 23.01
CA LEU E 294 -1.98 36.24 23.69
C LEU E 294 -0.88 35.23 24.00
N LEU E 295 -1.05 34.53 25.12
CA LEU E 295 -0.24 33.39 25.50
C LEU E 295 -1.01 32.11 25.21
N LEU E 296 -0.29 31.04 24.88
CA LEU E 296 -0.88 29.70 24.83
C LEU E 296 -0.52 28.94 26.12
N MET E 297 -1.54 28.48 26.82
CA MET E 297 -1.35 27.84 28.11
C MET E 297 -2.01 26.46 28.10
N ARG E 298 -1.24 25.42 28.44
CA ARG E 298 -1.72 24.03 28.38
C ARG E 298 -2.32 23.58 29.69
N TYR E 299 -3.40 22.82 29.59
CA TYR E 299 -4.00 22.14 30.74
C TYR E 299 -4.32 20.71 30.28
N GLY E 300 -3.33 19.83 30.40
CA GLY E 300 -3.45 18.44 29.94
C GLY E 300 -3.78 18.35 28.44
N SER E 301 -4.92 17.73 28.13
CA SER E 301 -5.37 17.62 26.73
C SER E 301 -5.97 18.91 26.19
N SER E 302 -6.31 19.85 27.08
CA SER E 302 -6.88 21.14 26.66
C SER E 302 -5.85 22.28 26.75
N GLU E 303 -6.12 23.37 26.04
CA GLU E 303 -5.33 24.60 26.14
C GLU E 303 -6.17 25.88 26.02
N LEU E 304 -5.67 26.96 26.62
CA LEU E 304 -6.26 28.28 26.51
C LEU E 304 -5.38 29.23 25.73
N LYS E 305 -6.03 30.09 24.94
CA LYS E 305 -5.35 31.17 24.26
C LYS E 305 -5.76 32.39 25.07
N GLY E 306 -4.82 33.01 25.78
CA GLY E 306 -5.20 34.11 26.66
C GLY E 306 -4.09 34.77 27.40
N HIS E 307 -4.22 34.86 28.71
CA HIS E 307 -3.21 35.47 29.54
C HIS E 307 -3.38 35.12 31.00
N LEU E 308 -2.28 35.23 31.75
CA LEU E 308 -2.26 35.12 33.21
C LEU E 308 -2.04 36.52 33.78
N GLY E 309 -2.46 36.74 35.00
CA GLY E 309 -2.25 38.02 35.65
C GLY E 309 -1.79 37.76 37.06
N GLN E 310 -0.66 38.37 37.43
CA GLN E 310 -0.24 38.43 38.83
C GLN E 310 0.01 39.87 39.27
N ILE E 311 -0.74 40.28 40.29
CA ILE E 311 -0.55 41.57 40.94
C ILE E 311 -0.89 41.29 42.43
N PRO E 312 -0.17 41.94 43.38
CA PRO E 312 -0.19 41.44 44.77
C PRO E 312 -1.59 41.11 45.29
N GLY E 313 -1.82 39.83 45.54
CA GLY E 313 -3.09 39.38 46.11
C GLY E 313 -4.20 39.03 45.13
N HIS E 314 -4.05 39.41 43.85
CA HIS E 314 -4.98 39.00 42.80
C HIS E 314 -4.28 38.21 41.69
N THR E 315 -4.77 36.99 41.50
CA THR E 315 -4.18 36.01 40.61
C THR E 315 -5.22 35.52 39.58
N SER E 316 -5.02 35.90 38.31
CA SER E 316 -6.02 35.69 37.24
C SER E 316 -5.55 34.79 36.10
N ILE E 317 -6.52 34.07 35.52
CA ILE E 317 -6.35 33.30 34.30
C ILE E 317 -7.52 33.59 33.36
N MET E 318 -7.22 34.24 32.24
CA MET E 318 -8.24 34.41 31.18
C MET E 318 -7.85 33.66 29.90
N GLY E 319 -8.85 33.17 29.19
CA GLY E 319 -8.58 32.54 27.91
C GLY E 319 -9.75 31.95 27.18
N ARG E 320 -9.53 31.71 25.88
CA ARG E 320 -10.48 30.96 25.09
C ARG E 320 -9.95 29.56 24.81
N ASP E 321 -10.77 28.56 25.04
CA ASP E 321 -10.49 27.20 24.57
C ASP E 321 -10.93 27.14 23.11
N GLU E 322 -9.96 27.18 22.19
CA GLU E 322 -10.28 27.26 20.76
C GLU E 322 -10.88 25.96 20.20
N GLU E 323 -10.75 24.88 20.95
CA GLU E 323 -11.37 23.60 20.60
C GLU E 323 -12.89 23.59 20.83
N THR E 324 -13.28 23.99 22.04
CA THR E 324 -14.66 23.93 22.44
C THR E 324 -15.41 25.23 22.13
N GLY E 325 -14.68 26.33 22.04
CA GLY E 325 -15.28 27.65 21.86
C GLY E 325 -15.60 28.31 23.20
N ALA E 326 -15.20 27.63 24.28
CA ALA E 326 -15.44 28.12 25.64
C ALA E 326 -14.50 29.26 25.97
N ALA E 327 -15.01 30.27 26.65
CA ALA E 327 -14.20 31.38 27.16
C ALA E 327 -14.40 31.50 28.67
N LEU E 328 -13.31 31.75 29.38
CA LEU E 328 -13.35 31.89 30.83
C LEU E 328 -12.40 32.96 31.41
N MET E 329 -12.73 33.41 32.62
CA MET E 329 -11.86 34.22 33.44
C MET E 329 -12.07 33.78 34.88
N LEU E 330 -11.03 33.16 35.46
CA LEU E 330 -10.98 32.80 36.87
C LEU E 330 -9.97 33.68 37.58
N ILE E 331 -10.40 34.26 38.70
CA ILE E 331 -9.54 35.13 39.51
C ILE E 331 -9.71 34.77 40.98
N GLN E 332 -8.60 34.44 41.62
CA GLN E 332 -8.59 34.24 43.07
C GLN E 332 -7.92 35.42 43.75
N ASN E 333 -8.40 35.76 44.94
CA ASN E 333 -7.86 36.87 45.72
C ASN E 333 -6.83 36.39 46.75
N SER E 334 -6.18 35.28 46.39
CA SER E 334 -4.98 34.81 47.08
C SER E 334 -3.81 34.94 46.10
N GLY E 335 -2.67 35.38 46.62
CA GLY E 335 -1.42 35.45 45.85
C GLY E 335 -0.25 35.17 46.76
N ALA E 336 0.96 35.15 46.19
CA ALA E 336 2.21 34.95 46.95
C ALA E 336 3.38 35.52 46.15
N GLY E 337 4.56 35.55 46.78
CA GLY E 337 5.75 36.13 46.15
C GLY E 337 6.56 35.15 45.32
N ASP E 338 6.50 33.88 45.70
CA ASP E 338 7.20 32.82 45.00
C ASP E 338 6.34 32.35 43.80
N PHE E 339 6.98 32.18 42.64
CA PHE E 339 6.28 31.72 41.44
C PHE E 339 5.81 30.29 41.64
N GLU E 340 6.57 29.54 42.44
CA GLU E 340 6.34 28.12 42.66
C GLU E 340 5.49 27.81 43.91
N SER E 341 4.97 28.87 44.55
CA SER E 341 4.06 28.73 45.68
C SER E 341 2.69 28.28 45.19
N PHE E 342 1.95 27.59 46.06
CA PHE E 342 0.61 27.14 45.74
C PHE E 342 -0.31 28.33 45.45
N TYR E 343 -0.16 29.40 46.21
CA TYR E 343 -1.10 30.53 46.10
C TYR E 343 -0.89 31.38 44.85
N LEU E 344 0.14 31.04 44.08
CA LEU E 344 0.35 31.68 42.78
C LEU E 344 0.10 30.70 41.62
N LYS E 345 0.83 29.59 41.56
CA LYS E 345 0.72 28.69 40.42
C LYS E 345 -0.48 27.74 40.51
N GLY E 346 -1.09 27.69 41.69
CA GLY E 346 -2.23 26.81 41.97
C GLY E 346 -3.52 27.32 41.37
N VAL E 347 -3.55 28.59 40.98
CA VAL E 347 -4.64 29.17 40.18
C VAL E 347 -4.93 28.34 38.90
N ASN E 348 -3.91 27.64 38.42
CA ASN E 348 -4.02 26.79 37.25
C ASN E 348 -4.77 25.48 37.52
N GLU E 349 -4.75 25.03 38.78
CA GLU E 349 -5.38 23.75 39.19
C GLU E 349 -6.90 23.72 38.93
N PRO E 350 -7.67 24.73 39.44
CA PRO E 350 -9.11 24.79 39.13
C PRO E 350 -9.41 24.96 37.64
N VAL E 351 -8.58 25.74 36.94
CA VAL E 351 -8.72 25.93 35.50
C VAL E 351 -8.58 24.58 34.77
N ASP E 352 -7.66 23.74 35.23
CA ASP E 352 -7.45 22.43 34.63
C ASP E 352 -8.70 21.56 34.87
N ARG E 353 -9.16 21.54 36.12
CA ARG E 353 -10.38 20.83 36.56
C ARG E 353 -11.65 21.24 35.82
N VAL E 354 -11.84 22.55 35.67
CA VAL E 354 -13.01 23.12 34.97
C VAL E 354 -13.05 22.70 33.49
N LEU E 355 -11.91 22.82 32.81
CA LEU E 355 -11.81 22.41 31.40
C LEU E 355 -12.09 20.91 31.25
N GLU E 356 -11.59 20.11 32.19
CA GLU E 356 -11.87 18.67 32.28
C GLU E 356 -13.36 18.40 32.41
N ALA E 357 -14.02 19.18 33.27
CA ALA E 357 -15.45 19.02 33.53
C ALA E 357 -16.27 19.33 32.29
N ILE E 358 -15.86 20.34 31.54
CA ILE E 358 -16.55 20.72 30.31
C ILE E 358 -16.40 19.61 29.28
N LYS E 359 -15.16 19.18 29.06
CA LYS E 359 -14.81 18.07 28.17
C LYS E 359 -15.61 16.80 28.49
N ASN E 360 -15.69 16.47 29.79
CA ASN E 360 -16.50 15.35 30.29
C ASN E 360 -18.00 15.50 30.02
N SER E 361 -18.50 16.73 30.14
CA SER E 361 -19.93 17.03 29.95
C SER E 361 -20.41 16.82 28.50
N ARG E 362 -19.48 16.86 27.54
CA ARG E 362 -19.83 16.67 26.13
C ARG E 362 -19.13 15.43 25.52
N SER E 363 -18.85 14.44 26.35
CA SER E 363 -18.11 13.23 25.95
C SER E 363 -18.93 12.28 25.08
N GLN F 9 5.30 -49.10 1.87
CA GLN F 9 4.95 -50.55 1.96
C GLN F 9 3.56 -50.75 2.57
N GLY F 10 3.28 -50.02 3.65
CA GLY F 10 1.97 -50.05 4.31
C GLY F 10 0.83 -49.79 3.36
N ILE F 11 0.98 -48.73 2.55
CA ILE F 11 0.00 -48.38 1.51
C ILE F 11 0.03 -49.37 0.34
N LEU F 12 1.24 -49.76 -0.10
CA LEU F 12 1.41 -50.75 -1.18
C LEU F 12 0.70 -52.07 -0.83
N ASP F 13 0.79 -52.44 0.45
CA ASP F 13 0.08 -53.59 0.99
C ASP F 13 -1.05 -53.11 1.90
N VAL F 16 -3.49 -54.78 -1.38
CA VAL F 16 -3.64 -56.25 -1.36
C VAL F 16 -4.75 -56.72 -0.42
N ALA F 17 -4.81 -56.12 0.77
CA ALA F 17 -5.90 -56.41 1.71
C ALA F 17 -7.15 -55.64 1.28
N GLY F 19 -7.36 -56.55 -2.58
CA GLY F 19 -7.06 -57.53 -3.62
C GLY F 19 -5.66 -57.36 -4.20
N SER F 24 2.77 -54.57 -7.26
CA SER F 24 4.22 -54.39 -7.34
C SER F 24 4.65 -52.91 -7.55
N ALA F 26 9.63 -49.96 -10.14
CA ALA F 26 10.84 -49.16 -10.30
C ALA F 26 10.55 -47.67 -10.25
N LEU F 27 11.23 -46.99 -9.34
CA LEU F 27 11.05 -45.57 -9.10
C LEU F 27 12.42 -44.89 -9.04
N CYS F 28 12.44 -43.58 -9.25
CA CYS F 28 13.67 -42.80 -9.19
C CYS F 28 13.37 -41.32 -9.00
N LEU F 29 13.70 -40.81 -7.81
CA LEU F 29 13.66 -39.39 -7.52
C LEU F 29 14.76 -38.66 -8.29
N PRO F 30 14.56 -37.37 -8.61
CA PRO F 30 15.48 -36.64 -9.49
C PRO F 30 16.91 -36.53 -8.95
N GLY F 31 17.88 -36.38 -9.86
CA GLY F 31 19.28 -36.18 -9.48
C GLY F 31 20.02 -37.46 -9.15
N GLU F 32 19.32 -38.43 -8.55
CA GLU F 32 19.91 -39.72 -8.19
C GLU F 32 19.62 -40.79 -9.25
N THR F 34 16.06 -45.08 -8.40
CA THR F 34 16.80 -45.62 -7.27
C THR F 34 16.32 -47.05 -6.99
N SER F 35 15.05 -47.16 -6.62
CA SER F 35 14.47 -48.42 -6.14
C SER F 35 13.76 -49.22 -7.24
N GLY F 40 2.07 -60.38 -2.84
CA GLY F 40 1.82 -60.73 -4.23
C GLY F 40 2.91 -61.57 -4.87
N TYR F 41 2.50 -62.40 -5.83
CA TYR F 41 3.39 -63.36 -6.47
C TYR F 41 3.49 -63.13 -7.97
N ALA F 42 4.58 -63.59 -8.57
CA ALA F 42 4.71 -63.73 -10.02
C ALA F 42 3.64 -64.71 -10.56
N LYS F 44 2.04 -67.02 -8.22
CA LYS F 44 0.82 -67.62 -7.71
C LYS F 44 0.45 -68.85 -8.55
N GLY F 52 10.82 -56.90 -7.37
CA GLY F 52 10.29 -57.82 -8.36
C GLY F 52 11.20 -58.03 -9.58
N ASP F 53 11.06 -59.19 -10.22
CA ASP F 53 11.90 -59.54 -11.37
C ASP F 53 11.15 -60.07 -12.60
N HIS F 54 9.91 -60.49 -12.41
CA HIS F 54 9.08 -60.98 -13.52
C HIS F 54 8.86 -59.94 -14.65
N LEU F 55 8.80 -60.41 -15.89
CA LEU F 55 8.54 -59.55 -17.06
C LEU F 55 7.04 -59.27 -17.22
N PHE F 56 6.71 -58.10 -17.74
CA PHE F 56 5.31 -57.62 -17.84
C PHE F 56 4.81 -57.23 -19.24
N ARG F 57 3.49 -57.34 -19.39
CA ARG F 57 2.76 -56.81 -20.54
C ARG F 57 2.28 -55.38 -20.19
N ILE F 58 3.05 -54.39 -20.67
CA ILE F 58 2.84 -52.99 -20.28
C ILE F 58 1.62 -52.36 -20.95
N ALA F 59 1.11 -53.02 -21.99
CA ALA F 59 -0.08 -52.57 -22.73
C ALA F 59 0.17 -51.21 -23.40
N SER F 60 -0.76 -50.27 -23.20
CA SER F 60 -0.65 -48.97 -23.84
C SER F 60 0.64 -48.20 -23.59
N CYS F 61 1.25 -48.37 -22.41
CA CYS F 61 2.53 -47.72 -22.12
C CYS F 61 3.52 -47.83 -23.28
N THR F 62 3.32 -48.83 -24.13
CA THR F 62 4.06 -48.98 -25.40
C THR F 62 4.03 -47.71 -26.24
N LYS F 63 2.87 -47.05 -26.27
CA LYS F 63 2.63 -45.83 -27.05
C LYS F 63 3.74 -44.76 -26.95
N SER F 64 4.36 -44.67 -25.77
CA SER F 64 5.47 -43.74 -25.55
C SER F 64 6.76 -44.14 -26.26
N PHE F 65 7.01 -45.44 -26.36
CA PHE F 65 8.14 -45.99 -27.13
C PHE F 65 7.86 -45.78 -28.62
N ILE F 66 6.61 -46.01 -29.00
CA ILE F 66 6.20 -45.79 -30.39
C ILE F 66 6.20 -44.32 -30.81
N ALA F 67 5.86 -43.43 -29.89
CA ALA F 67 5.85 -41.99 -30.15
C ALA F 67 7.28 -41.48 -30.23
N THR F 68 8.10 -41.87 -29.25
CA THR F 68 9.56 -41.65 -29.31
C THR F 68 10.10 -42.19 -30.63
N GLY F 69 9.76 -43.44 -30.91
CA GLY F 69 10.12 -44.09 -32.16
C GLY F 69 9.84 -43.18 -33.33
N LEU F 70 8.60 -42.70 -33.40
CA LEU F 70 8.20 -41.75 -34.43
C LEU F 70 8.91 -40.39 -34.27
N HIS F 71 9.02 -39.89 -33.04
CA HIS F 71 9.74 -38.62 -32.80
C HIS F 71 11.23 -38.73 -33.17
N LEU F 72 11.84 -39.89 -32.87
CA LEU F 72 13.23 -40.13 -33.29
C LEU F 72 13.39 -39.96 -34.79
N LEU F 73 12.46 -40.51 -35.55
CA LEU F 73 12.40 -40.27 -37.00
C LEU F 73 12.27 -38.80 -37.35
N VAL F 74 11.55 -38.04 -36.51
CA VAL F 74 11.47 -36.57 -36.64
C VAL F 74 12.82 -35.88 -36.38
N GLN F 75 13.49 -36.26 -35.28
CA GLN F 75 14.84 -35.76 -34.97
C GLN F 75 15.83 -36.08 -36.09
N ASP F 76 15.73 -37.30 -36.63
CA ASP F 76 16.50 -37.72 -37.82
C ASP F 76 16.23 -36.83 -39.02
N GLY F 77 15.00 -36.35 -39.15
CA GLY F 77 14.63 -35.52 -40.29
C GLY F 77 13.97 -36.29 -41.41
N THR F 78 13.60 -37.54 -41.16
CA THR F 78 12.89 -38.33 -42.18
C THR F 78 11.35 -38.17 -42.08
N VAL F 79 10.85 -38.07 -40.84
CA VAL F 79 9.43 -37.81 -40.58
C VAL F 79 9.22 -36.38 -40.05
N ASP F 80 8.33 -35.62 -40.69
CA ASP F 80 7.89 -34.30 -40.21
C ASP F 80 6.51 -34.41 -39.50
N LEU F 81 6.38 -33.79 -38.33
CA LEU F 81 5.13 -33.86 -37.52
C LEU F 81 3.91 -33.22 -38.18
N ASP F 82 4.15 -32.31 -39.11
CA ASP F 82 3.08 -31.56 -39.74
C ASP F 82 2.73 -31.91 -41.18
N GLU F 83 3.45 -32.86 -41.77
CA GLU F 83 3.20 -33.28 -43.15
C GLU F 83 2.04 -34.28 -43.20
N PRO F 84 1.32 -34.37 -44.34
CA PRO F 84 0.17 -35.27 -44.36
C PRO F 84 0.57 -36.74 -44.45
N ILE F 85 -0.25 -37.60 -43.85
CA ILE F 85 0.00 -39.03 -43.82
C ILE F 85 -0.39 -39.76 -45.13
N THR F 86 -0.79 -38.98 -46.14
CA THR F 86 -1.02 -39.46 -47.50
C THR F 86 0.25 -40.00 -48.15
N ARG F 87 1.40 -39.53 -47.66
CA ARG F 87 2.72 -40.05 -48.04
C ARG F 87 2.81 -41.58 -47.89
N TRP F 88 2.18 -42.10 -46.84
CA TRP F 88 2.20 -43.54 -46.55
C TRP F 88 0.86 -44.22 -46.81
N PHE F 89 -0.23 -43.48 -46.61
CA PHE F 89 -1.58 -44.05 -46.78
C PHE F 89 -2.48 -43.19 -47.67
N PRO F 90 -2.20 -43.14 -48.99
CA PRO F 90 -2.99 -42.27 -49.87
C PRO F 90 -4.46 -42.67 -50.00
N ASP F 91 -4.79 -43.95 -49.74
CA ASP F 91 -6.17 -44.45 -49.92
C ASP F 91 -7.03 -44.30 -48.68
N LEU F 92 -6.37 -44.11 -47.54
CA LEU F 92 -7.01 -43.89 -46.25
C LEU F 92 -7.91 -42.66 -46.33
N PRO F 93 -9.20 -42.82 -45.98
CA PRO F 93 -10.13 -41.70 -46.04
C PRO F 93 -9.73 -40.55 -45.13
N LYS F 94 -9.97 -39.32 -45.61
CA LYS F 94 -9.67 -38.06 -44.88
C LYS F 94 -8.18 -37.88 -44.53
N ALA F 95 -7.29 -38.64 -45.17
CA ALA F 95 -5.85 -38.68 -44.84
C ALA F 95 -5.07 -37.41 -45.19
N ALA F 96 -5.54 -36.68 -46.20
CA ALA F 96 -4.99 -35.38 -46.57
C ALA F 96 -5.18 -34.37 -45.42
N GLN F 97 -6.25 -34.58 -44.63
CA GLN F 97 -6.55 -33.75 -43.48
C GLN F 97 -5.83 -34.22 -42.21
N MET F 98 -4.96 -35.23 -42.35
CA MET F 98 -4.25 -35.80 -41.20
C MET F 98 -2.72 -35.62 -41.24
N PRO F 99 -2.19 -34.64 -40.48
CA PRO F 99 -0.74 -34.56 -40.26
C PRO F 99 -0.23 -35.71 -39.38
N VAL F 100 1.05 -36.04 -39.48
CA VAL F 100 1.66 -37.09 -38.67
C VAL F 100 1.30 -36.99 -37.18
N ARG F 101 1.33 -35.76 -36.64
CA ARG F 101 1.10 -35.51 -35.21
C ARG F 101 -0.28 -35.97 -34.75
N ILE F 102 -1.25 -35.95 -35.68
CA ILE F 102 -2.61 -36.36 -35.36
C ILE F 102 -2.75 -37.87 -35.01
N LEU F 103 -1.78 -38.68 -35.42
CA LEU F 103 -1.74 -40.11 -35.08
C LEU F 103 -1.35 -40.35 -33.63
N LEU F 104 -0.64 -39.36 -33.05
CA LEU F 104 -0.10 -39.42 -31.69
C LEU F 104 -0.92 -38.67 -30.62
N ASN F 105 -1.82 -37.77 -31.03
CA ASN F 105 -2.50 -36.88 -30.08
C ASN F 105 -3.94 -37.24 -29.76
N HIS F 106 -4.45 -38.30 -30.40
CA HIS F 106 -5.83 -38.77 -30.20
C HIS F 106 -6.90 -37.78 -30.72
N ARG F 107 -6.57 -37.01 -31.76
CA ARG F 107 -7.51 -36.07 -32.38
C ARG F 107 -7.78 -36.37 -33.87
N SER F 108 -7.40 -37.57 -34.31
CA SER F 108 -7.51 -38.00 -35.71
C SER F 108 -8.93 -38.22 -36.20
N GLY F 109 -9.83 -38.61 -35.29
CA GLY F 109 -11.17 -39.07 -35.70
C GLY F 109 -11.15 -40.49 -36.29
N LEU F 110 -10.00 -41.16 -36.23
CA LEU F 110 -9.87 -42.54 -36.75
C LEU F 110 -10.72 -43.57 -35.98
N PRO F 111 -11.39 -44.48 -36.72
CA PRO F 111 -12.17 -45.57 -36.11
C PRO F 111 -11.29 -46.47 -35.25
N ASP F 112 -11.75 -46.82 -34.05
CA ASP F 112 -10.89 -47.63 -33.19
C ASP F 112 -11.15 -49.15 -33.27
N PHE F 113 -10.31 -49.93 -32.59
CA PHE F 113 -10.45 -51.39 -32.56
C PHE F 113 -10.53 -52.04 -31.15
N GLU F 114 -10.12 -51.31 -30.11
CA GLU F 114 -9.93 -51.88 -28.75
C GLU F 114 -11.24 -52.44 -28.20
N THR F 115 -12.32 -51.67 -28.40
CA THR F 115 -13.71 -52.05 -28.18
C THR F 115 -14.16 -53.43 -28.73
N SER F 116 -13.91 -53.68 -30.02
CA SER F 116 -14.49 -54.85 -30.73
C SER F 116 -13.60 -56.09 -30.74
N MET F 117 -12.32 -55.87 -30.45
CA MET F 117 -11.31 -56.93 -30.48
C MET F 117 -11.51 -57.88 -29.33
N PRO F 118 -11.78 -59.16 -29.64
CA PRO F 118 -12.13 -60.14 -28.61
C PRO F 118 -11.04 -60.20 -27.54
N MET F 119 -11.43 -60.50 -26.31
CA MET F 119 -10.47 -60.53 -25.22
C MET F 119 -9.64 -61.81 -25.19
N ILE F 120 -10.32 -62.96 -25.25
CA ILE F 120 -9.63 -64.24 -25.27
C ILE F 120 -9.54 -64.72 -26.71
N SER F 121 -8.30 -64.83 -27.20
CA SER F 121 -8.05 -65.18 -28.60
C SER F 121 -6.60 -65.64 -28.80
N ASP F 122 -6.37 -66.42 -29.87
CA ASP F 122 -5.02 -66.85 -30.23
C ASP F 122 -4.68 -66.55 -31.69
N LYS F 123 -5.46 -65.67 -32.32
CA LYS F 123 -5.27 -65.33 -33.73
C LYS F 123 -4.13 -64.34 -33.92
N SER F 124 -3.36 -64.54 -34.99
CA SER F 124 -2.32 -63.59 -35.40
C SER F 124 -2.95 -62.40 -36.09
N TRP F 125 -2.32 -61.23 -35.92
CA TRP F 125 -2.77 -60.00 -36.59
C TRP F 125 -1.63 -59.33 -37.31
N THR F 126 -1.92 -58.80 -38.50
CA THR F 126 -0.99 -57.92 -39.19
C THR F 126 -1.45 -56.49 -38.97
N ALA F 127 -0.53 -55.53 -39.09
CA ALA F 127 -0.87 -54.12 -38.96
C ALA F 127 -2.05 -53.76 -39.86
N GLN F 128 -1.96 -54.13 -41.14
CA GLN F 128 -3.02 -53.83 -42.12
C GLN F 128 -4.35 -54.51 -41.78
N GLU F 129 -4.28 -55.66 -41.11
CA GLU F 129 -5.49 -56.35 -40.64
C GLU F 129 -6.24 -55.52 -39.61
N ILE F 130 -5.50 -55.12 -38.57
CA ILE F 130 -6.00 -54.22 -37.51
C ILE F 130 -6.65 -52.95 -38.07
N VAL F 131 -5.99 -52.32 -39.05
CA VAL F 131 -6.52 -51.12 -39.74
C VAL F 131 -7.81 -51.41 -40.47
N ASP F 132 -7.79 -52.49 -41.24
CA ASP F 132 -8.98 -53.00 -41.94
C ASP F 132 -10.11 -53.37 -40.95
N PHE F 133 -9.73 -53.96 -39.81
CA PHE F 133 -10.65 -54.27 -38.70
C PHE F 133 -11.33 -52.98 -38.17
N SER F 134 -10.54 -51.95 -37.92
CA SER F 134 -11.03 -50.68 -37.36
C SER F 134 -12.04 -49.98 -38.27
N PHE F 135 -11.76 -49.96 -39.57
CA PHE F 135 -12.70 -49.39 -40.52
C PHE F 135 -13.93 -50.28 -40.76
N ARG F 136 -13.90 -51.52 -40.28
N ARG F 136 -13.87 -51.51 -40.24
CA ARG F 136 -15.09 -52.36 -40.34
CA ARG F 136 -14.98 -52.45 -40.32
C ARG F 136 -15.98 -52.09 -39.13
C ARG F 136 -15.93 -52.26 -39.12
N HIS F 137 -15.36 -51.94 -37.96
CA HIS F 137 -16.12 -51.83 -36.70
C HIS F 137 -16.29 -50.42 -36.14
N GLY F 138 -15.20 -49.64 -36.07
CA GLY F 138 -15.24 -48.29 -35.45
C GLY F 138 -16.00 -47.22 -36.24
N VAL F 139 -16.02 -45.99 -35.72
CA VAL F 139 -16.68 -44.86 -36.44
C VAL F 139 -15.64 -43.75 -36.69
N GLN F 140 -15.60 -43.26 -37.94
CA GLN F 140 -14.66 -42.20 -38.31
C GLN F 140 -15.28 -40.82 -38.19
N LYS F 141 -14.58 -39.95 -37.46
CA LYS F 141 -14.96 -38.54 -37.31
C LYS F 141 -14.00 -37.65 -38.11
N GLU F 142 -14.33 -36.37 -38.23
CA GLU F 142 -13.41 -35.40 -38.84
C GLU F 142 -12.13 -35.26 -38.01
N PRO F 143 -10.97 -35.28 -38.69
CA PRO F 143 -9.71 -34.97 -37.99
C PRO F 143 -9.84 -33.63 -37.28
N TRP F 144 -9.39 -33.58 -36.02
CA TRP F 144 -9.49 -32.38 -35.14
C TRP F 144 -10.87 -32.16 -34.50
N HIS F 145 -11.75 -33.17 -34.60
CA HIS F 145 -13.13 -33.11 -34.07
C HIS F 145 -13.14 -32.75 -32.57
N GLY F 146 -12.14 -33.23 -31.85
CA GLY F 146 -12.09 -33.25 -30.39
C GLY F 146 -11.16 -34.40 -30.03
N MET F 147 -10.94 -34.63 -28.73
CA MET F 147 -10.06 -35.71 -28.29
C MET F 147 -10.84 -37.00 -28.04
N GLU F 148 -10.44 -38.06 -28.73
CA GLU F 148 -10.96 -39.40 -28.46
C GLU F 148 -9.85 -40.44 -28.62
N TYR F 149 -9.52 -41.12 -27.53
CA TYR F 149 -8.45 -42.12 -27.49
C TYR F 149 -8.46 -42.97 -28.74
N SER F 150 -7.28 -43.06 -29.36
CA SER F 150 -7.11 -43.69 -30.66
C SER F 150 -5.92 -44.61 -30.63
N ASN F 151 -6.23 -45.91 -30.73
CA ASN F 151 -5.20 -46.94 -30.91
C ASN F 151 -4.87 -47.07 -32.38
N THR F 152 -5.87 -46.91 -33.23
CA THR F 152 -5.67 -46.97 -34.68
C THR F 152 -4.59 -45.99 -35.19
N GLY F 153 -4.49 -44.83 -34.52
CA GLY F 153 -3.47 -43.84 -34.84
C GLY F 153 -2.09 -44.41 -34.59
N TYR F 154 -1.96 -45.08 -33.45
CA TYR F 154 -0.67 -45.64 -33.05
C TYR F 154 -0.29 -46.86 -33.88
N VAL F 155 -1.26 -47.56 -34.45
CA VAL F 155 -0.94 -48.64 -35.39
C VAL F 155 -0.40 -48.06 -36.69
N LEU F 156 -1.07 -47.02 -37.20
CA LEU F 156 -0.56 -46.30 -38.36
C LEU F 156 0.84 -45.73 -38.07
N ALA F 157 1.05 -45.28 -36.83
CA ALA F 157 2.38 -44.85 -36.39
C ALA F 157 3.45 -45.96 -36.52
N GLY F 158 3.09 -47.19 -36.11
CA GLY F 158 3.98 -48.34 -36.24
C GLY F 158 4.33 -48.63 -37.69
N MET F 159 3.30 -48.64 -38.53
CA MET F 159 3.44 -48.81 -39.98
C MET F 159 4.40 -47.80 -40.62
N ILE F 160 4.44 -46.58 -40.09
CA ILE F 160 5.35 -45.55 -40.60
C ILE F 160 6.78 -45.86 -40.20
N ILE F 161 6.98 -46.22 -38.94
CA ILE F 161 8.29 -46.69 -38.47
C ILE F 161 8.73 -47.93 -39.29
N ALA F 162 7.87 -48.95 -39.30
CA ALA F 162 8.11 -50.21 -40.01
C ALA F 162 8.48 -50.03 -41.49
N HIS F 163 7.89 -49.03 -42.13
CA HIS F 163 8.23 -48.68 -43.49
C HIS F 163 9.61 -48.03 -43.57
N GLU F 164 9.75 -46.87 -42.90
CA GLU F 164 10.94 -46.02 -43.02
C GLU F 164 12.26 -46.67 -42.60
N THR F 165 12.23 -47.49 -41.55
CA THR F 165 13.44 -48.21 -41.12
C THR F 165 13.69 -49.43 -41.99
N GLY F 166 12.79 -49.67 -42.94
CA GLY F 166 12.85 -50.81 -43.83
C GLY F 166 12.75 -52.14 -43.10
N LYS F 167 12.35 -52.07 -41.82
CA LYS F 167 12.19 -53.26 -40.98
C LYS F 167 11.07 -53.01 -39.98
N PRO F 168 10.46 -54.11 -39.46
CA PRO F 168 9.54 -54.06 -38.32
C PRO F 168 9.95 -53.01 -37.26
N TYR F 169 8.96 -52.29 -36.73
CA TYR F 169 9.24 -51.15 -35.84
C TYR F 169 10.09 -51.50 -34.62
N SER F 170 10.03 -52.76 -34.21
CA SER F 170 10.85 -53.27 -33.11
C SER F 170 12.34 -53.09 -33.38
N ASP F 171 12.74 -53.21 -34.65
CA ASP F 171 14.14 -52.99 -35.02
C ASP F 171 14.58 -51.54 -34.75
N HIS F 172 13.74 -50.60 -35.16
CA HIS F 172 13.96 -49.19 -34.85
C HIS F 172 14.09 -48.96 -33.35
N LEU F 173 13.08 -49.41 -32.60
CA LEU F 173 13.06 -49.31 -31.15
C LEU F 173 14.37 -49.84 -30.55
N ARG F 174 14.72 -51.05 -30.97
CA ARG F 174 15.93 -51.76 -30.51
C ARG F 174 17.21 -50.92 -30.59
N SER F 175 17.60 -50.52 -31.79
CA SER F 175 18.85 -49.83 -32.04
C SER F 175 18.89 -48.38 -31.53
N ARG F 176 17.72 -47.74 -31.43
CA ARG F 176 17.59 -46.32 -31.03
C ARG F 176 17.25 -46.12 -29.55
N ILE F 177 16.65 -47.14 -28.93
CA ILE F 177 16.22 -47.04 -27.54
C ILE F 177 16.59 -48.31 -26.79
N PRO F 180 21.70 -49.48 -26.38
CA PRO F 180 21.81 -48.04 -26.23
C PRO F 180 21.49 -47.55 -24.82
N LEU F 181 20.38 -48.04 -24.23
CA LEU F 181 20.04 -47.65 -22.87
C LEU F 181 20.12 -48.81 -21.87
N GLY F 182 20.31 -50.03 -22.40
CA GLY F 182 20.48 -51.22 -21.57
C GLY F 182 19.18 -51.74 -20.99
N ASP F 185 15.46 -56.12 -21.85
CA ASP F 185 14.24 -56.78 -21.37
C ASP F 185 12.98 -56.10 -21.88
N VAL F 188 9.01 -56.22 -27.39
CA VAL F 188 7.97 -55.97 -28.38
C VAL F 188 7.24 -57.26 -28.78
N GLY F 189 5.92 -57.27 -28.58
CA GLY F 189 5.07 -58.44 -28.90
C GLY F 189 4.99 -58.86 -30.36
N THR F 190 4.52 -57.96 -31.22
CA THR F 190 4.21 -58.28 -32.62
C THR F 190 5.39 -58.87 -33.43
N HIS F 191 6.58 -58.31 -33.22
CA HIS F 191 7.70 -58.57 -34.11
C HIS F 191 8.90 -59.25 -33.47
N GLU F 192 8.78 -59.53 -32.17
CA GLU F 192 9.85 -60.17 -31.41
C GLU F 192 9.30 -61.23 -30.48
N THR F 193 10.05 -62.32 -30.37
CA THR F 193 9.75 -63.39 -29.43
C THR F 193 10.48 -63.05 -28.12
N PHE F 194 9.73 -62.97 -27.03
CA PHE F 194 10.29 -62.75 -25.70
C PHE F 194 10.23 -64.06 -24.92
N PRO F 195 11.21 -64.31 -24.03
CA PRO F 195 11.19 -65.49 -23.15
C PRO F 195 10.03 -65.49 -22.15
N ILE F 196 8.97 -66.25 -22.47
CA ILE F 196 7.77 -66.35 -21.61
C ILE F 196 8.11 -66.98 -20.26
N ALA F 200 5.77 -63.39 -15.43
CA ALA F 200 4.48 -63.17 -14.79
C ALA F 200 3.34 -63.26 -15.79
N GLY F 202 0.82 -62.99 -14.09
CA GLY F 202 -0.22 -62.93 -15.11
C GLY F 202 -1.61 -63.16 -14.55
N MET F 204 -7.71 -61.34 -13.66
CA MET F 204 -9.07 -60.91 -13.97
C MET F 204 -10.06 -61.33 -12.88
N HIS F 205 -10.75 -60.36 -12.30
CA HIS F 205 -11.64 -60.55 -11.15
C HIS F 205 -13.11 -60.22 -11.45
N ALA F 206 -14.02 -60.76 -10.63
CA ALA F 206 -15.46 -60.46 -10.70
C ALA F 206 -16.20 -61.01 -9.49
N TRP F 228 -8.73 -65.92 -12.68
CA TRP F 228 -8.45 -66.16 -14.10
C TRP F 228 -7.02 -65.77 -14.53
N ASP F 229 -6.13 -66.77 -14.58
CA ASP F 229 -4.80 -66.57 -15.19
C ASP F 229 -5.00 -66.33 -16.69
N SER F 230 -4.64 -65.13 -17.14
CA SER F 230 -4.91 -64.71 -18.52
C SER F 230 -3.68 -64.29 -19.31
N THR F 231 -2.51 -64.73 -18.83
CA THR F 231 -1.20 -64.29 -19.34
C THR F 231 -1.06 -64.35 -20.86
N TRP F 233 -4.66 -65.28 -22.65
CA TRP F 233 -5.92 -64.80 -23.22
C TRP F 233 -5.72 -63.96 -24.49
N PHE F 234 -5.10 -62.79 -24.34
CA PHE F 234 -5.01 -61.81 -25.43
C PHE F 234 -3.74 -61.93 -26.28
N PRO F 235 -3.89 -61.91 -27.64
CA PRO F 235 -2.71 -61.94 -28.51
C PRO F 235 -2.08 -60.56 -28.68
N LEU F 236 -0.76 -60.47 -28.45
CA LEU F 236 -0.03 -59.19 -28.51
C LEU F 236 0.06 -58.57 -29.91
N SER F 237 -0.04 -59.42 -30.94
CA SER F 237 -0.23 -58.95 -32.31
C SER F 237 -1.57 -58.21 -32.42
N GLY F 238 -2.52 -58.54 -31.55
CA GLY F 238 -3.80 -57.85 -31.46
C GLY F 238 -3.67 -56.42 -30.94
N ALA F 239 -2.47 -56.05 -30.52
CA ALA F 239 -2.16 -54.70 -30.02
C ALA F 239 -1.25 -53.93 -30.98
N ASN F 240 -0.32 -54.62 -31.64
CA ASN F 240 0.69 -53.98 -32.48
C ASN F 240 1.30 -52.77 -31.75
N ALA F 241 1.47 -51.66 -32.46
CA ALA F 241 2.17 -50.49 -31.93
C ALA F 241 1.39 -49.73 -30.82
N ALA F 242 0.10 -50.06 -30.67
CA ALA F 242 -0.73 -49.52 -29.59
C ALA F 242 -0.45 -50.09 -28.19
N GLY F 243 0.24 -51.24 -28.11
CA GLY F 243 0.47 -51.89 -26.81
C GLY F 243 1.02 -53.32 -26.73
N ASP F 244 1.86 -53.71 -27.69
CA ASP F 244 2.45 -55.06 -27.68
C ASP F 244 3.63 -55.26 -26.71
N MET F 245 4.12 -54.17 -26.10
CA MET F 245 5.31 -54.22 -25.22
C MET F 245 5.02 -54.74 -23.80
N SER F 247 8.02 -55.81 -20.98
CA SER F 247 9.25 -55.32 -20.38
C SER F 247 9.16 -55.25 -18.84
N THR F 248 10.32 -55.04 -18.19
CA THR F 248 10.39 -54.84 -16.74
C THR F 248 10.14 -53.37 -16.38
N PRO F 249 9.71 -53.10 -15.12
CA PRO F 249 9.68 -51.73 -14.62
C PRO F 249 11.07 -51.06 -14.68
N ARG F 250 12.13 -51.85 -14.48
CA ARG F 250 13.51 -51.38 -14.59
C ARG F 250 13.79 -50.84 -15.99
N ASP F 251 13.72 -51.70 -17.01
CA ASP F 251 13.93 -51.29 -18.42
C ASP F 251 13.03 -50.11 -18.85
N ILE F 252 11.94 -49.91 -18.10
CA ILE F 252 11.00 -48.80 -18.28
C ILE F 252 11.54 -47.48 -17.76
N VAL F 253 12.05 -47.47 -16.53
CA VAL F 253 12.60 -46.24 -15.92
C VAL F 253 13.97 -45.87 -16.51
N LYS F 254 14.66 -46.86 -17.06
CA LYS F 254 15.85 -46.59 -17.87
C LYS F 254 15.44 -45.86 -19.17
N PHE F 255 14.15 -45.95 -19.50
CA PHE F 255 13.55 -45.16 -20.58
C PHE F 255 13.06 -43.82 -20.01
N LEU F 256 12.18 -43.86 -19.02
CA LEU F 256 11.65 -42.64 -18.39
C LEU F 256 12.73 -41.62 -18.04
N ASN F 257 13.75 -42.04 -17.29
CA ASN F 257 14.88 -41.17 -16.95
C ASN F 257 15.61 -40.56 -18.15
N ALA F 258 16.00 -41.40 -19.12
CA ALA F 258 16.70 -40.98 -20.35
C ALA F 258 15.87 -40.04 -21.23
N LEU F 259 14.58 -40.40 -21.40
CA LEU F 259 13.59 -39.59 -22.13
C LEU F 259 13.54 -38.19 -21.52
N PHE F 260 13.17 -38.13 -20.25
CA PHE F 260 13.00 -36.87 -19.52
C PHE F 260 14.32 -36.12 -19.27
N ASP F 261 15.44 -36.83 -19.33
CA ASP F 261 16.77 -36.22 -19.17
C ASP F 261 17.42 -35.82 -20.50
N GLY F 262 16.66 -35.92 -21.59
CA GLY F 262 17.11 -35.48 -22.90
C GLY F 262 18.12 -36.36 -23.61
N ARG F 263 18.18 -37.64 -23.21
CA ARG F 263 19.15 -38.58 -23.79
C ARG F 263 18.57 -39.53 -24.84
N ILE F 264 17.39 -39.19 -25.37
CA ILE F 264 16.87 -39.82 -26.60
C ILE F 264 16.34 -38.76 -27.55
N LEU F 265 15.28 -38.08 -27.13
CA LEU F 265 14.64 -37.04 -27.93
C LEU F 265 15.32 -35.72 -27.63
N ASP F 266 15.64 -34.97 -28.68
CA ASP F 266 16.18 -33.64 -28.48
C ASP F 266 15.18 -32.76 -27.71
N GLN F 267 15.53 -31.48 -27.58
N GLN F 267 15.52 -31.49 -27.55
CA GLN F 267 14.76 -30.52 -26.79
CA GLN F 267 14.68 -30.60 -26.75
C GLN F 267 13.33 -30.34 -27.31
C GLN F 267 13.27 -30.41 -27.33
N LYS F 268 13.22 -30.09 -28.62
CA LYS F 268 11.95 -29.84 -29.30
C LYS F 268 10.98 -31.03 -29.35
N ARG F 269 11.53 -32.23 -29.52
CA ARG F 269 10.73 -33.45 -29.66
C ARG F 269 10.15 -33.92 -28.33
N LEU F 270 10.96 -33.78 -27.30
CA LEU F 270 10.53 -34.05 -25.94
C LEU F 270 9.36 -33.12 -25.51
N TRP F 271 9.49 -31.83 -25.79
CA TRP F 271 8.42 -30.86 -25.57
C TRP F 271 7.12 -31.27 -26.29
N GLU F 272 7.19 -31.51 -27.61
CA GLU F 272 6.04 -32.02 -28.38
C GLU F 272 5.28 -33.12 -27.67
N MET F 273 6.05 -34.06 -27.11
CA MET F 273 5.56 -35.28 -26.47
C MET F 273 4.83 -35.02 -25.17
N LYS F 274 5.42 -34.17 -24.33
CA LYS F 274 4.94 -34.03 -22.94
C LYS F 274 4.30 -32.67 -22.63
N ASP F 275 4.73 -31.64 -23.34
CA ASP F 275 4.36 -30.25 -23.01
C ASP F 275 3.34 -29.62 -23.98
N ASN F 276 3.34 -30.05 -25.24
CA ASN F 276 2.40 -29.54 -26.23
C ASN F 276 1.08 -30.25 -26.14
N ILE F 277 0.32 -29.89 -25.12
CA ILE F 277 -0.90 -30.61 -24.73
C ILE F 277 -2.21 -29.95 -25.09
N LYS F 278 -3.28 -30.73 -25.08
CA LYS F 278 -4.64 -30.24 -25.16
C LYS F 278 -5.48 -31.12 -24.22
N PRO F 279 -6.70 -30.68 -23.84
CA PRO F 279 -7.53 -31.54 -22.98
C PRO F 279 -7.73 -32.98 -23.49
N ALA F 280 -7.70 -33.93 -22.56
CA ALA F 280 -7.90 -35.37 -22.88
C ALA F 280 -8.78 -36.08 -21.86
N PHE F 281 -9.64 -36.96 -22.38
CA PHE F 281 -10.48 -37.84 -21.58
C PHE F 281 -10.06 -39.31 -21.78
N PHE F 282 -10.17 -40.12 -20.72
CA PHE F 282 -10.02 -41.59 -20.82
C PHE F 282 -10.75 -42.23 -19.62
N PRO F 283 -11.83 -43.00 -19.88
CA PRO F 283 -12.63 -43.61 -18.79
C PRO F 283 -11.80 -44.38 -17.75
N GLY F 284 -12.20 -44.29 -16.49
CA GLY F 284 -11.58 -45.09 -15.43
C GLY F 284 -10.20 -44.63 -14.98
N SER F 285 -9.70 -43.55 -15.60
CA SER F 285 -8.42 -42.96 -15.24
C SER F 285 -8.60 -41.53 -14.77
N ASN F 286 -7.52 -40.92 -14.30
CA ASN F 286 -7.49 -39.51 -13.88
C ASN F 286 -6.94 -38.60 -14.99
N THR F 287 -7.04 -39.09 -16.23
CA THR F 287 -6.60 -38.39 -17.44
C THR F 287 -7.28 -37.02 -17.60
N VAL F 288 -6.46 -35.98 -17.73
CA VAL F 288 -6.99 -34.65 -17.98
C VAL F 288 -6.56 -34.09 -19.33
N ALA F 289 -5.38 -34.49 -19.79
CA ALA F 289 -4.77 -33.93 -20.99
C ALA F 289 -3.86 -34.93 -21.72
N ASN F 290 -3.36 -34.54 -22.90
CA ASN F 290 -2.33 -35.31 -23.60
C ASN F 290 -1.46 -34.48 -24.55
N GLY F 291 -0.19 -34.89 -24.67
CA GLY F 291 0.73 -34.34 -25.67
C GLY F 291 0.73 -35.23 -26.90
N HIS F 292 1.91 -35.71 -27.27
CA HIS F 292 2.10 -36.60 -28.42
C HIS F 292 2.94 -37.82 -28.01
N GLY F 293 2.34 -38.66 -27.17
CA GLY F 293 3.06 -39.79 -26.58
C GLY F 293 2.87 -39.96 -25.09
N LEU F 294 2.34 -38.94 -24.43
CA LEU F 294 2.12 -38.98 -22.98
C LEU F 294 0.75 -38.42 -22.64
N LEU F 295 0.04 -39.12 -21.75
CA LEU F 295 -1.18 -38.59 -21.15
C LEU F 295 -0.87 -37.85 -19.84
N LEU F 296 -1.83 -37.02 -19.42
CA LEU F 296 -1.74 -36.25 -18.20
C LEU F 296 -2.75 -36.85 -17.25
N MET F 297 -2.26 -37.55 -16.22
CA MET F 297 -3.16 -38.18 -15.27
C MET F 297 -3.05 -37.52 -13.89
N ARG F 298 -4.19 -37.08 -13.38
CA ARG F 298 -4.26 -36.24 -12.16
C ARG F 298 -4.62 -36.98 -10.85
N TYR F 299 -3.60 -37.16 -10.00
CA TYR F 299 -3.78 -37.77 -8.68
C TYR F 299 -3.95 -36.68 -7.62
N GLY F 300 -5.21 -36.36 -7.30
CA GLY F 300 -5.56 -35.28 -6.39
C GLY F 300 -4.84 -33.97 -6.70
N SER F 301 -3.66 -33.81 -6.10
CA SER F 301 -2.81 -32.65 -6.26
C SER F 301 -1.53 -32.96 -7.07
N SER F 302 -1.49 -34.14 -7.69
CA SER F 302 -0.31 -34.59 -8.44
C SER F 302 -0.65 -34.96 -9.89
N GLU F 303 0.19 -34.56 -10.84
CA GLU F 303 -0.01 -34.93 -12.25
C GLU F 303 1.14 -35.69 -12.92
N LEU F 304 0.87 -36.96 -13.23
CA LEU F 304 1.82 -37.82 -13.94
C LEU F 304 1.79 -37.61 -15.44
N LYS F 305 2.97 -37.44 -16.02
CA LYS F 305 3.11 -37.36 -17.47
C LYS F 305 3.52 -38.75 -17.97
N GLY F 306 2.52 -39.60 -18.20
CA GLY F 306 2.76 -40.96 -18.65
C GLY F 306 1.57 -41.60 -19.34
N HIS F 307 1.23 -42.80 -18.89
CA HIS F 307 0.15 -43.56 -19.49
C HIS F 307 -0.44 -44.54 -18.50
N LEU F 308 -1.63 -45.03 -18.81
CA LEU F 308 -2.18 -46.20 -18.14
C LEU F 308 -2.20 -47.39 -19.10
N GLY F 309 -1.77 -48.55 -18.61
CA GLY F 309 -1.75 -49.77 -19.39
C GLY F 309 -2.83 -50.73 -18.96
N GLN F 310 -3.66 -51.12 -19.91
CA GLN F 310 -4.68 -52.15 -19.68
C GLN F 310 -4.58 -53.28 -20.71
N ILE F 311 -4.30 -54.48 -20.19
CA ILE F 311 -4.22 -55.71 -20.99
C ILE F 311 -4.48 -56.86 -20.01
N PRO F 312 -5.28 -57.86 -20.42
CA PRO F 312 -5.80 -58.87 -19.47
C PRO F 312 -4.73 -59.51 -18.57
N GLY F 313 -4.68 -59.06 -17.31
CA GLY F 313 -3.73 -59.61 -16.32
C GLY F 313 -2.81 -58.59 -15.68
N HIS F 314 -2.41 -57.58 -16.44
CA HIS F 314 -1.49 -56.58 -15.93
C HIS F 314 -2.10 -55.19 -16.04
N THR F 315 -2.08 -54.44 -14.95
CA THR F 315 -2.54 -53.06 -14.95
C THR F 315 -1.44 -52.12 -14.47
N SER F 316 -0.88 -51.34 -15.42
CA SER F 316 0.24 -50.44 -15.13
C SER F 316 -0.11 -48.95 -14.99
N ILE F 317 0.84 -48.21 -14.46
CA ILE F 317 0.83 -46.75 -14.43
C ILE F 317 2.28 -46.29 -14.61
N MET F 318 2.52 -45.59 -15.71
CA MET F 318 3.85 -45.09 -16.06
C MET F 318 3.86 -43.57 -15.86
N GLY F 319 5.05 -42.96 -15.88
CA GLY F 319 5.16 -41.51 -15.91
C GLY F 319 6.02 -40.86 -14.84
N ARG F 320 6.57 -39.71 -15.18
CA ARG F 320 7.28 -38.87 -14.22
C ARG F 320 6.30 -37.80 -13.74
N ASP F 321 6.15 -37.72 -12.42
CA ASP F 321 5.34 -36.71 -11.78
C ASP F 321 6.06 -35.38 -11.90
N GLU F 322 5.35 -34.37 -12.37
CA GLU F 322 5.93 -33.04 -12.48
C GLU F 322 6.29 -32.47 -11.10
N GLU F 323 5.42 -32.69 -10.13
CA GLU F 323 5.55 -32.13 -8.78
C GLU F 323 6.79 -32.59 -8.04
N THR F 324 6.90 -33.91 -7.83
CA THR F 324 7.98 -34.49 -7.03
C THR F 324 9.23 -34.74 -7.86
N GLY F 325 9.06 -34.82 -9.17
CA GLY F 325 10.13 -35.17 -10.10
C GLY F 325 10.29 -36.69 -10.23
N ALA F 326 9.46 -37.42 -9.50
CA ALA F 326 9.58 -38.88 -9.40
C ALA F 326 9.26 -39.59 -10.71
N ALA F 327 10.24 -40.29 -11.27
CA ALA F 327 10.05 -41.12 -12.45
C ALA F 327 9.78 -42.58 -12.06
N LEU F 328 8.51 -43.01 -12.18
CA LEU F 328 8.05 -44.32 -11.69
C LEU F 328 7.52 -45.31 -12.76
N MET F 329 7.24 -46.54 -12.31
CA MET F 329 6.41 -47.52 -13.04
C MET F 329 5.82 -48.54 -12.06
N LEU F 330 4.50 -48.50 -11.86
CA LEU F 330 3.81 -49.41 -10.91
C LEU F 330 2.80 -50.34 -11.58
N ILE F 331 3.12 -51.64 -11.59
CA ILE F 331 2.22 -52.64 -12.20
C ILE F 331 1.62 -53.65 -11.19
N GLN F 332 0.34 -53.47 -10.88
CA GLN F 332 -0.41 -54.38 -10.00
C GLN F 332 -1.19 -55.41 -10.79
N SER F 334 -2.89 -58.37 -11.35
CA SER F 334 -4.32 -58.16 -11.12
C SER F 334 -4.94 -57.29 -12.21
N GLY F 335 -6.15 -57.67 -12.62
CA GLY F 335 -6.90 -56.93 -13.63
C GLY F 335 -8.40 -57.15 -13.49
N ALA F 336 -9.16 -56.44 -14.32
CA ALA F 336 -10.63 -56.52 -14.31
C ALA F 336 -11.23 -56.26 -15.70
N GLY F 337 -12.49 -56.65 -15.88
CA GLY F 337 -13.17 -56.51 -17.17
C GLY F 337 -14.07 -55.29 -17.25
N ASP F 338 -14.33 -54.69 -16.10
CA ASP F 338 -15.14 -53.49 -16.00
C ASP F 338 -14.22 -52.28 -15.73
N PHE F 339 -14.64 -51.09 -16.15
CA PHE F 339 -13.94 -49.84 -15.80
C PHE F 339 -14.14 -49.51 -14.32
N GLU F 340 -15.31 -49.87 -13.79
CA GLU F 340 -15.74 -49.58 -12.42
C GLU F 340 -15.10 -50.50 -11.39
N SER F 341 -14.71 -51.69 -11.86
CA SER F 341 -14.08 -52.69 -11.01
C SER F 341 -12.83 -52.12 -10.37
N PHE F 342 -12.67 -52.36 -9.07
CA PHE F 342 -11.57 -51.86 -8.27
C PHE F 342 -10.22 -52.49 -8.63
N TYR F 343 -10.28 -53.57 -9.41
CA TYR F 343 -9.08 -54.30 -9.80
C TYR F 343 -8.39 -53.70 -11.02
N LEU F 344 -9.08 -52.75 -11.66
CA LEU F 344 -8.55 -51.99 -12.78
C LEU F 344 -8.35 -50.51 -12.40
N LYS F 345 -9.44 -49.90 -11.95
CA LYS F 345 -9.47 -48.50 -11.49
C LYS F 345 -8.53 -48.27 -10.30
N GLY F 346 -8.47 -49.26 -9.41
CA GLY F 346 -7.71 -49.17 -8.18
C GLY F 346 -6.20 -49.09 -8.29
N VAL F 347 -5.69 -49.21 -9.51
CA VAL F 347 -4.25 -49.08 -9.77
C VAL F 347 -3.75 -47.64 -9.49
N ASN F 348 -4.67 -46.69 -9.44
CA ASN F 348 -4.38 -45.28 -9.18
C ASN F 348 -4.02 -45.01 -7.71
N GLU F 349 -4.47 -45.90 -6.83
CA GLU F 349 -4.38 -45.67 -5.39
C GLU F 349 -2.99 -45.88 -4.76
N PRO F 350 -2.28 -46.96 -5.12
CA PRO F 350 -0.88 -47.03 -4.67
C PRO F 350 -0.01 -45.88 -5.19
N VAL F 351 -0.49 -45.16 -6.21
CA VAL F 351 0.22 -44.01 -6.78
C VAL F 351 -0.19 -42.70 -6.09
N ASP F 352 -1.49 -42.56 -5.81
CA ASP F 352 -2.06 -41.37 -5.14
C ASP F 352 -1.50 -41.19 -3.72
N ARG F 353 -1.32 -42.30 -2.99
CA ARG F 353 -0.73 -42.28 -1.66
C ARG F 353 0.81 -42.25 -1.65
N VAL F 354 1.43 -42.65 -2.78
CA VAL F 354 2.89 -42.60 -2.95
C VAL F 354 3.37 -41.26 -3.52
N GLU F 356 2.36 -38.53 -2.52
CA GLU F 356 2.07 -38.16 -1.13
C GLU F 356 3.19 -38.53 -0.17
N ALA F 357 3.71 -39.76 -0.31
CA ALA F 357 4.79 -40.24 0.55
C ALA F 357 6.15 -39.64 0.15
N ILE F 358 6.30 -39.30 -1.12
CA ILE F 358 7.50 -38.59 -1.60
C ILE F 358 7.37 -37.11 -1.27
N LYS F 359 6.14 -36.59 -1.40
CA LYS F 359 5.78 -35.22 -1.04
C LYS F 359 6.25 -34.86 0.37
N ASN F 360 5.99 -35.75 1.32
CA ASN F 360 6.37 -35.55 2.73
C ASN F 360 7.86 -35.68 2.96
N SER F 361 8.49 -36.64 2.29
CA SER F 361 9.94 -36.80 2.31
C SER F 361 10.66 -35.54 1.82
BA BA G . -39.42 -4.58 -9.59
BA BA H . -19.40 7.12 -13.92
BA BA I . -1.43 -26.48 -5.44
BA BA J . -0.68 -26.44 10.46
N NFA K . -24.41 -12.18 -15.39
CA NFA K . -24.87 -12.08 -14.03
C NFA K . -23.79 -12.68 -13.18
O NFA K . -24.07 -13.42 -12.23
CB NFA K . -26.21 -12.81 -13.88
CG NFA K . -27.26 -11.99 -14.63
CD1 NFA K . -27.83 -10.85 -14.03
CD2 NFA K . -27.63 -12.38 -15.93
CE1 NFA K . -28.77 -10.10 -14.74
CE2 NFA K . -28.57 -11.62 -16.63
CZ NFA K . -29.15 -10.48 -16.03
NXT NFA K . -22.52 -12.40 -13.50
BA BA L . 31.75 -4.75 -28.56
BA BA M . -0.62 -27.43 -9.95
BA BA N . 0.87 -26.61 -6.93
BA BA O . 22.80 5.29 -26.16
N NFA P . 16.55 -14.05 -26.93
CA NFA P . 17.51 -13.74 -25.89
C NFA P . 17.07 -14.34 -24.60
O NFA P . 17.11 -13.70 -23.57
CB NFA P . 17.65 -12.21 -25.72
CG NFA P . 18.32 -11.62 -26.95
CD1 NFA P . 19.71 -11.59 -27.01
CD2 NFA P . 17.53 -11.12 -27.99
CE1 NFA P . 20.32 -11.05 -28.14
CE2 NFA P . 18.14 -10.58 -29.11
CZ NFA P . 19.54 -10.55 -29.19
NXT NFA P . 16.63 -15.60 -24.60
BA BA Q . 34.02 -5.70 20.73
BA BA R . 18.68 -9.26 4.70
BA BA S . -4.41 14.58 22.53
BA BA T . -2.82 19.07 20.33
N NFA U . 22.57 7.60 17.48
CA NFA U . 22.24 6.36 18.15
C NFA U . 20.73 6.32 18.39
O NFA U . 20.28 5.97 19.48
CB NFA U . 23.13 6.13 19.39
CG NFA U . 24.58 5.98 18.96
CD1 NFA U . 25.05 4.76 18.47
CD2 NFA U . 25.48 7.07 19.04
CE1 NFA U . 26.37 4.61 18.06
CE2 NFA U . 26.80 6.92 18.62
CZ NFA U . 27.25 5.69 18.13
NXT NFA U . 19.91 6.66 17.38
BA BA V . -7.10 16.53 19.54
BA BA W . -11.43 29.48 13.09
BA BA X . -14.56 31.97 -20.79
BA BA Y . -20.97 10.17 21.97
N NFA Z . -8.21 32.96 -6.40
CA NFA Z . -8.39 33.33 -7.79
C NFA Z . -9.77 33.93 -7.97
O NFA Z . -10.78 33.44 -7.46
CB NFA Z . -8.05 32.18 -8.78
CG NFA Z . -6.68 31.63 -8.46
CD1 NFA Z . -5.52 32.32 -8.82
CD2 NFA Z . -6.56 30.43 -7.75
CE1 NFA Z . -4.26 31.82 -8.51
CE2 NFA Z . -5.29 29.93 -7.45
CZ NFA Z . -4.14 30.62 -7.82
NXT NFA Z . -9.87 35.02 -8.72
BA BA AA . -7.00 18.45 22.67
BA BA BA . -1.19 52.57 48.44
BA BA CA . -5.79 18.59 19.48
N NFA DA . 3.59 41.44 38.97
CA NFA DA . 3.87 42.68 39.70
C NFA DA . 3.81 42.41 41.17
O NFA DA . 3.03 41.57 41.60
CB NFA DA . 2.88 43.79 39.33
CG NFA DA . 2.96 44.10 37.86
CD1 NFA DA . 3.93 45.00 37.39
CD2 NFA DA . 2.08 43.48 36.97
CE1 NFA DA . 4.01 45.29 36.03
CE2 NFA DA . 2.16 43.77 35.61
CZ NFA DA . 3.13 44.66 35.13
NXT NFA DA . 4.61 43.13 41.98
BA BA EA . -13.04 -60.27 0.39
BA BA FA . -18.43 -58.90 -31.04
BA BA GA . -7.80 -52.03 -5.39
N NFA HA . -7.39 -53.26 -23.09
CA NFA HA . -7.57 -54.51 -23.81
C NFA HA . -8.11 -55.57 -22.87
O NFA HA . -7.79 -55.56 -21.69
CB NFA HA . -6.29 -54.98 -24.49
CG NFA HA . -5.68 -53.92 -25.39
CD1 NFA HA . -6.24 -53.65 -26.65
CD2 NFA HA . -4.54 -53.22 -24.98
CE1 NFA HA . -5.67 -52.66 -27.48
CE2 NFA HA . -3.96 -52.25 -25.81
CZ NFA HA . -4.53 -51.98 -27.06
NXT NFA HA . -8.93 -56.49 -23.37
#